data_7LLI
#
_entry.id   7LLI
#
_cell.length_a   296.976
_cell.length_b   296.976
_cell.length_c   122.635
_cell.angle_alpha   90.000
_cell.angle_beta   90.000
_cell.angle_gamma   120.000
#
_symmetry.space_group_name_H-M   'H 3'
#
loop_
_entity.id
_entity.type
_entity.pdbx_description
1 polymer 'Major histocompatibility complex class I-related gene protein'
2 polymer Beta-2-microglobulin
3 polymer 'T cell receptor gamma variable 8'
4 polymer 'T cell receptor delta variable 3'
5 non-polymer 1-deoxy-1-({2,6-dioxo-5-[(E)-propylideneamino]-1,2,3,6-tetrahydropyrimidin-4-yl}amino)-D-ribitol
#
loop_
_entity_poly.entity_id
_entity_poly.type
_entity_poly.pdbx_seq_one_letter_code
_entity_poly.pdbx_strand_id
1 'polypeptide(L)'
;MRTHSLRYFRLGVSDPIHGVPEFISVGYVDSHPITTYDSVTRQKEPRAPWMAENLAPDHWERYTQLLRGWQQMFKVELKR
LQRHYNHSGSHTYQRMIGCELLEDGSTTGFLQYAYDGQDFLIFNKDTLSWLAVDNVAHTIKQAWEANQHELLYQKNWLEE
ECIAWLKRFLEYGKDTLQRTEPPLVRVNRKETFPGVTALFCKAHGFYPPEIYMTWMKNGEEIVQEIDYGDILPSGDGTYQ
AWASIELDPQSSNLYSCHVEHSGVHMVLQVP
;
C,A
2 'polypeptide(L)'
;MIQRTPKIQVYSRHPAENGKSNFLNCYVSGFHPSDIEVDLLKNGERIEKVEHSDLSFSKDWSFYLLYYTEFTPTEKDEYA
CRVNHVTLSQPKIVKWDRDM
;
D,B
3 'polypeptide(L)'
;TGSSNLEGRTKSVTRPTGSSAVITCDLPVENAVYTHWYLHQEGKAPQRLLYYDSYNSRVVLESGISREKYHTYASTGKSL
KFILENLIERDSGVYYCATWDYKKLFGSGTTLVVTEDLKNVFPPEVAVFEPSEAEISHTQKATLVCLATGFYPDHVELSW
WVNGKEVHSGVCTDPQPLKEQPALNDSRYALSSRLRVSATFWQNPRNHFRCQVQFYGLSENDEWTQDRAKPVTQIVSAEA
WGRAD
;
K,E
4 'polypeptide(L)'
;SDKVTQSSPDQTVASGSEVVLLCTYDTVYSNPDLFWYRIRPDYSFQFVFYGDNSRSEGADFTQGRFSVKHILTQKAFHLV
ISPVRTEDSATYYCATRLWLGDPHTDKLIFGKGTRVTVEPNIQNPDPAVYQLRDSKSSDKSVCLFTDFDSQTNVSQSKDS
DVYITDKCVLDMRSMDFKSNSAVAWSNKSDFACANAFNNSIIPEDTFFPSPESS
;
L,F
#
# COMPACT_ATOMS: atom_id res chain seq x y z
N MET A 1 -17.35 -27.21 -27.81
CA MET A 1 -17.33 -26.20 -26.76
C MET A 1 -18.09 -24.95 -27.19
N ARG A 2 -18.42 -24.11 -26.22
CA ARG A 2 -19.18 -22.89 -26.45
C ARG A 2 -18.27 -21.67 -26.38
N THR A 3 -18.72 -20.59 -27.01
CA THR A 3 -17.99 -19.33 -27.02
C THR A 3 -18.44 -18.49 -25.82
N HIS A 4 -17.55 -18.30 -24.86
CA HIS A 4 -17.82 -17.53 -23.67
C HIS A 4 -16.99 -16.25 -23.67
N SER A 5 -17.42 -15.27 -22.89
CA SER A 5 -16.74 -13.98 -22.88
C SER A 5 -16.91 -13.31 -21.53
N LEU A 6 -15.83 -12.70 -21.05
CA LEU A 6 -15.85 -11.85 -19.87
C LEU A 6 -15.51 -10.43 -20.29
N ARG A 7 -16.30 -9.47 -19.83
CA ARG A 7 -16.10 -8.07 -20.18
C ARG A 7 -16.33 -7.20 -18.96
N TYR A 8 -15.68 -6.04 -18.94
CA TYR A 8 -15.89 -5.01 -17.93
C TYR A 8 -15.99 -3.67 -18.64
N PHE A 9 -16.99 -2.89 -18.26
CA PHE A 9 -17.29 -1.60 -18.89
C PHE A 9 -17.30 -0.50 -17.84
N ARG A 10 -16.72 0.64 -18.21
CA ARG A 10 -16.69 1.85 -17.40
C ARG A 10 -17.24 2.99 -18.23
N LEU A 11 -18.09 3.82 -17.62
CA LEU A 11 -18.73 4.94 -18.30
C LEU A 11 -18.70 6.17 -17.41
N GLY A 12 -18.34 7.30 -18.01
CA GLY A 12 -18.36 8.57 -17.32
C GLY A 12 -18.95 9.65 -18.19
N VAL A 13 -19.64 10.59 -17.55
CA VAL A 13 -20.31 11.68 -18.26
C VAL A 13 -20.07 12.98 -17.52
N SER A 14 -19.80 14.04 -18.28
CA SER A 14 -19.57 15.37 -17.70
C SER A 14 -20.89 16.12 -17.56
N ASP A 15 -21.01 16.86 -16.46
CA ASP A 15 -22.20 17.62 -16.09
C ASP A 15 -23.48 16.83 -16.39
N PRO A 16 -23.68 15.68 -15.76
CA PRO A 16 -24.83 14.83 -16.10
C PRO A 16 -26.13 15.41 -15.58
N ILE A 17 -27.23 14.87 -16.12
CA ILE A 17 -28.55 15.20 -15.59
C ILE A 17 -28.65 14.72 -14.14
N HIS A 18 -29.52 15.37 -13.37
CA HIS A 18 -29.61 15.09 -11.94
C HIS A 18 -29.82 13.61 -11.66
N GLY A 19 -30.61 12.93 -12.50
CA GLY A 19 -30.78 11.50 -12.33
C GLY A 19 -29.53 10.70 -12.67
N VAL A 20 -28.78 11.14 -13.67
CA VAL A 20 -27.65 10.35 -14.18
C VAL A 20 -26.46 10.50 -13.25
N PRO A 21 -25.87 9.40 -12.78
CA PRO A 21 -24.65 9.49 -11.97
C PRO A 21 -23.43 9.77 -12.85
N GLU A 22 -22.35 10.18 -12.18
CA GLU A 22 -21.14 10.57 -12.91
C GLU A 22 -20.39 9.37 -13.45
N PHE A 23 -20.23 8.31 -12.67
CA PHE A 23 -19.39 7.18 -13.06
C PHE A 23 -20.09 5.87 -12.77
N ILE A 24 -20.05 4.95 -13.73
CA ILE A 24 -20.64 3.62 -13.58
C ILE A 24 -19.63 2.59 -14.10
N SER A 25 -19.57 1.44 -13.43
CA SER A 25 -18.74 0.34 -13.90
C SER A 25 -19.44 -0.98 -13.61
N VAL A 26 -19.51 -1.85 -14.63
CA VAL A 26 -20.23 -3.12 -14.51
C VAL A 26 -19.52 -4.17 -15.34
N GLY A 27 -19.58 -5.42 -14.87
CA GLY A 27 -19.02 -6.55 -15.57
C GLY A 27 -20.11 -7.43 -16.15
N TYR A 28 -19.78 -8.12 -17.24
CA TYR A 28 -20.70 -9.02 -17.92
C TYR A 28 -20.00 -10.32 -18.24
N VAL A 29 -20.62 -11.43 -17.86
CA VAL A 29 -20.22 -12.76 -18.28
C VAL A 29 -21.26 -13.25 -19.29
N ASP A 30 -20.84 -13.38 -20.55
CA ASP A 30 -21.72 -13.80 -21.64
C ASP A 30 -22.98 -12.95 -21.67
N SER A 31 -22.80 -11.63 -21.54
CA SER A 31 -23.84 -10.62 -21.60
C SER A 31 -24.77 -10.69 -20.40
N HIS A 32 -24.36 -11.35 -19.32
CA HIS A 32 -25.13 -11.34 -18.08
C HIS A 32 -24.44 -10.46 -17.05
N PRO A 33 -25.14 -9.48 -16.47
CA PRO A 33 -24.51 -8.61 -15.48
C PRO A 33 -23.99 -9.41 -14.29
N ILE A 34 -22.83 -8.99 -13.77
CA ILE A 34 -22.13 -9.70 -12.73
C ILE A 34 -21.85 -8.82 -11.51
N THR A 35 -21.38 -7.58 -11.73
CA THR A 35 -21.05 -6.67 -10.66
C THR A 35 -21.52 -5.27 -11.04
N THR A 36 -21.64 -4.40 -10.04
CA THR A 36 -22.06 -3.03 -10.28
C THR A 36 -21.42 -2.10 -9.26
N TYR A 37 -20.78 -1.03 -9.76
CA TYR A 37 -20.31 0.07 -8.93
C TYR A 37 -20.69 1.37 -9.60
N ASP A 38 -21.05 2.36 -8.79
CA ASP A 38 -21.49 3.64 -9.32
C ASP A 38 -21.05 4.75 -8.38
N SER A 39 -21.06 5.97 -8.90
CA SER A 39 -20.68 7.14 -8.10
C SER A 39 -21.63 7.38 -6.94
N VAL A 40 -22.87 6.89 -7.02
CA VAL A 40 -23.83 7.13 -5.94
C VAL A 40 -23.62 6.11 -4.81
N THR A 41 -23.64 4.82 -5.13
CA THR A 41 -23.44 3.80 -4.10
C THR A 41 -22.03 3.88 -3.52
N ARG A 42 -21.03 4.10 -4.38
CA ARG A 42 -19.61 4.09 -4.00
C ARG A 42 -19.18 2.74 -3.42
N GLN A 43 -19.98 1.70 -3.66
CA GLN A 43 -19.71 0.36 -3.15
C GLN A 43 -19.96 -0.64 -4.26
N LYS A 44 -19.03 -1.57 -4.44
CA LYS A 44 -19.20 -2.64 -5.43
C LYS A 44 -20.18 -3.68 -4.90
N GLU A 45 -21.12 -4.08 -5.75
CA GLU A 45 -22.17 -5.02 -5.35
C GLU A 45 -22.34 -6.07 -6.43
N PRO A 46 -22.73 -7.28 -6.05
CA PRO A 46 -23.00 -8.34 -7.03
C PRO A 46 -24.33 -8.15 -7.73
N ARG A 47 -24.49 -8.87 -8.84
CA ARG A 47 -25.77 -8.92 -9.55
C ARG A 47 -26.09 -10.34 -10.00
N ALA A 48 -25.66 -11.33 -9.23
CA ALA A 48 -25.94 -12.74 -9.49
C ALA A 48 -25.89 -13.45 -8.15
N PRO A 49 -26.87 -14.31 -7.85
CA PRO A 49 -26.87 -14.98 -6.53
C PRO A 49 -25.66 -15.85 -6.27
N TRP A 50 -25.14 -16.52 -7.29
CA TRP A 50 -23.99 -17.40 -7.12
C TRP A 50 -22.68 -16.64 -6.98
N MET A 51 -22.67 -15.32 -7.20
CA MET A 51 -21.44 -14.56 -7.08
C MET A 51 -20.98 -14.50 -5.62
N ALA A 52 -21.82 -13.93 -4.75
CA ALA A 52 -21.45 -13.79 -3.34
C ALA A 52 -21.31 -15.13 -2.63
N GLU A 53 -21.89 -16.19 -3.18
CA GLU A 53 -21.84 -17.50 -2.53
C GLU A 53 -20.42 -18.05 -2.49
N ASN A 54 -19.64 -17.80 -3.54
CA ASN A 54 -18.31 -18.39 -3.67
C ASN A 54 -17.17 -17.43 -3.36
N LEU A 55 -17.41 -16.12 -3.38
CA LEU A 55 -16.37 -15.14 -3.15
C LEU A 55 -16.26 -14.77 -1.68
N ALA A 56 -15.04 -14.39 -1.27
CA ALA A 56 -14.78 -13.96 0.09
C ALA A 56 -15.24 -12.53 0.31
N PRO A 57 -15.58 -12.16 1.55
CA PRO A 57 -16.02 -10.77 1.80
C PRO A 57 -14.97 -9.72 1.50
N ASP A 58 -13.68 -10.04 1.68
CA ASP A 58 -12.62 -9.08 1.42
C ASP A 58 -12.60 -8.59 -0.03
N HIS A 59 -13.03 -9.45 -0.96
CA HIS A 59 -13.03 -9.12 -2.38
C HIS A 59 -13.81 -7.84 -2.66
N TRP A 60 -15.04 -7.75 -2.13
CA TRP A 60 -15.89 -6.60 -2.42
C TRP A 60 -15.26 -5.31 -1.90
N GLU A 61 -14.72 -5.33 -0.68
CA GLU A 61 -14.09 -4.14 -0.12
C GLU A 61 -12.88 -3.71 -0.95
N ARG A 62 -12.01 -4.68 -1.29
CA ARG A 62 -10.79 -4.36 -2.04
C ARG A 62 -11.14 -3.75 -3.39
N TYR A 63 -12.05 -4.40 -4.12
CA TYR A 63 -12.39 -3.88 -5.45
C TYR A 63 -13.22 -2.61 -5.37
N THR A 64 -13.93 -2.36 -4.26
CA THR A 64 -14.57 -1.07 -4.06
C THR A 64 -13.54 0.04 -3.95
N GLN A 65 -12.47 -0.19 -3.19
CA GLN A 65 -11.40 0.80 -3.09
C GLN A 65 -10.74 1.04 -4.45
N LEU A 66 -10.40 -0.05 -5.15
CA LEU A 66 -9.81 0.09 -6.48
C LEU A 66 -10.75 0.79 -7.44
N LEU A 67 -12.06 0.59 -7.29
CA LEU A 67 -13.03 1.25 -8.16
C LEU A 67 -13.16 2.73 -7.84
N ARG A 68 -13.01 3.11 -6.58
CA ARG A 68 -12.93 4.54 -6.25
C ARG A 68 -11.74 5.19 -6.95
N GLY A 69 -10.58 4.52 -6.89
CA GLY A 69 -9.42 5.04 -7.59
C GLY A 69 -9.64 5.14 -9.08
N TRP A 70 -10.24 4.11 -9.67
CA TRP A 70 -10.53 4.11 -11.11
C TRP A 70 -11.51 5.20 -11.46
N GLN A 71 -12.47 5.49 -10.58
CA GLN A 71 -13.41 6.60 -10.77
C GLN A 71 -12.67 7.92 -10.86
N GLN A 72 -11.74 8.16 -9.94
CA GLN A 72 -10.98 9.41 -9.98
C GLN A 72 -10.17 9.51 -11.28
N MET A 73 -9.53 8.42 -11.68
CA MET A 73 -8.78 8.43 -12.93
C MET A 73 -9.69 8.72 -14.13
N PHE A 74 -10.87 8.11 -14.15
CA PHE A 74 -11.80 8.33 -15.26
C PHE A 74 -12.24 9.78 -15.33
N LYS A 75 -12.55 10.38 -14.18
CA LYS A 75 -12.95 11.78 -14.16
C LYS A 75 -11.84 12.68 -14.71
N VAL A 76 -10.60 12.46 -14.24
CA VAL A 76 -9.53 13.33 -14.68
C VAL A 76 -9.24 13.14 -16.17
N GLU A 77 -9.36 11.90 -16.67
CA GLU A 77 -9.14 11.65 -18.09
C GLU A 77 -10.20 12.33 -18.95
N LEU A 78 -11.46 12.25 -18.55
CA LEU A 78 -12.52 12.90 -19.33
C LEU A 78 -12.35 14.42 -19.31
N LYS A 79 -12.00 14.99 -18.16
CA LYS A 79 -11.77 16.42 -18.09
C LYS A 79 -10.61 16.84 -19.00
N ARG A 80 -9.54 16.05 -19.00
CA ARG A 80 -8.40 16.34 -19.90
C ARG A 80 -8.83 16.28 -21.35
N LEU A 81 -9.63 15.28 -21.72
CA LEU A 81 -10.05 15.16 -23.11
C LEU A 81 -10.91 16.35 -23.54
N GLN A 82 -11.84 16.77 -22.68
CA GLN A 82 -12.65 17.94 -23.02
C GLN A 82 -11.79 19.21 -23.11
N ARG A 83 -10.82 19.35 -22.22
CA ARG A 83 -9.91 20.50 -22.29
C ARG A 83 -9.14 20.52 -23.61
N HIS A 84 -8.60 19.37 -24.00
CA HIS A 84 -7.83 19.29 -25.24
C HIS A 84 -8.71 19.53 -26.47
N TYR A 85 -9.91 18.97 -26.48
CA TYR A 85 -10.81 19.09 -27.62
C TYR A 85 -11.58 20.40 -27.65
N ASN A 86 -11.44 21.25 -26.63
CA ASN A 86 -12.18 22.50 -26.53
C ASN A 86 -13.70 22.25 -26.62
N HIS A 87 -14.15 21.21 -25.94
CA HIS A 87 -15.53 20.76 -25.99
C HIS A 87 -16.22 21.13 -24.68
N SER A 88 -17.30 21.89 -24.78
CA SER A 88 -18.09 22.29 -23.62
C SER A 88 -19.36 21.45 -23.53
N GLY A 89 -20.13 21.67 -22.47
CA GLY A 89 -21.36 20.92 -22.29
C GLY A 89 -21.10 19.53 -21.71
N SER A 90 -21.94 18.59 -22.12
CA SER A 90 -21.91 17.22 -21.62
C SER A 90 -21.36 16.29 -22.69
N HIS A 91 -20.33 15.52 -22.34
CA HIS A 91 -19.76 14.51 -23.23
C HIS A 91 -19.52 13.25 -22.43
N THR A 92 -19.12 12.18 -23.12
CA THR A 92 -19.05 10.87 -22.51
C THR A 92 -17.72 10.20 -22.80
N TYR A 93 -17.29 9.35 -21.87
CA TYR A 93 -16.05 8.59 -21.94
C TYR A 93 -16.36 7.14 -21.57
N GLN A 94 -15.79 6.20 -22.32
CA GLN A 94 -16.12 4.79 -22.14
C GLN A 94 -14.86 3.95 -22.22
N ARG A 95 -14.85 2.86 -21.45
CA ARG A 95 -13.74 1.92 -21.43
C ARG A 95 -14.29 0.50 -21.39
N MET A 96 -13.70 -0.38 -22.21
CA MET A 96 -14.06 -1.79 -22.22
C MET A 96 -12.80 -2.64 -22.13
N ILE A 97 -12.83 -3.66 -21.29
CA ILE A 97 -11.68 -4.56 -21.13
C ILE A 97 -12.20 -5.97 -20.89
N GLY A 98 -11.64 -6.94 -21.59
CA GLY A 98 -12.07 -8.31 -21.35
C GLY A 98 -11.40 -9.31 -22.27
N CYS A 99 -11.91 -10.53 -22.21
CA CYS A 99 -11.35 -11.63 -23.00
C CYS A 99 -12.47 -12.56 -23.44
N GLU A 100 -12.19 -13.36 -24.47
CA GLU A 100 -13.14 -14.31 -25.01
C GLU A 100 -12.47 -15.66 -25.22
N LEU A 101 -13.21 -16.73 -24.93
CA LEU A 101 -12.83 -18.09 -25.28
C LEU A 101 -13.76 -18.56 -26.38
N LEU A 102 -13.23 -18.68 -27.60
CA LEU A 102 -14.01 -19.02 -28.77
C LEU A 102 -14.16 -20.53 -28.90
N GLU A 103 -15.23 -20.93 -29.59
CA GLU A 103 -15.52 -22.35 -29.79
C GLU A 103 -14.47 -23.05 -30.65
N ASP A 104 -13.75 -22.31 -31.48
CA ASP A 104 -12.75 -22.90 -32.36
C ASP A 104 -11.42 -23.18 -31.66
N GLY A 105 -11.28 -22.77 -30.40
CA GLY A 105 -10.08 -22.99 -29.61
C GLY A 105 -9.26 -21.74 -29.39
N SER A 106 -9.37 -20.75 -30.28
CA SER A 106 -8.62 -19.52 -30.13
C SER A 106 -9.16 -18.68 -28.98
N THR A 107 -8.30 -17.85 -28.41
CA THR A 107 -8.66 -16.95 -27.32
C THR A 107 -8.17 -15.54 -27.66
N THR A 108 -8.88 -14.55 -27.15
CA THR A 108 -8.60 -13.15 -27.44
C THR A 108 -8.44 -12.37 -26.15
N GLY A 109 -8.18 -11.07 -26.30
CA GLY A 109 -8.05 -10.15 -25.19
C GLY A 109 -8.05 -8.73 -25.70
N PHE A 110 -8.88 -7.86 -25.11
CA PHE A 110 -9.10 -6.53 -25.67
C PHE A 110 -9.19 -5.50 -24.55
N LEU A 111 -8.76 -4.29 -24.89
CA LEU A 111 -8.80 -3.14 -23.98
C LEU A 111 -8.91 -1.89 -24.85
N GLN A 112 -10.09 -1.28 -24.87
CA GLN A 112 -10.36 -0.14 -25.72
C GLN A 112 -10.96 1.01 -24.92
N TYR A 113 -10.57 2.22 -25.30
CA TYR A 113 -11.12 3.46 -24.75
C TYR A 113 -11.79 4.23 -25.88
N ALA A 114 -12.93 4.84 -25.60
CA ALA A 114 -13.70 5.57 -26.59
C ALA A 114 -14.20 6.87 -26.01
N TYR A 115 -14.34 7.88 -26.87
CA TYR A 115 -14.83 9.20 -26.51
C TYR A 115 -15.97 9.57 -27.43
N ASP A 116 -17.11 9.96 -26.86
CA ASP A 116 -18.31 10.33 -27.61
C ASP A 116 -18.75 9.20 -28.54
N GLY A 117 -18.59 7.96 -28.08
CA GLY A 117 -19.08 6.81 -28.80
C GLY A 117 -18.19 6.31 -29.93
N GLN A 118 -17.11 7.02 -30.23
CA GLN A 118 -16.18 6.62 -31.27
C GLN A 118 -14.90 6.09 -30.64
N ASP A 119 -14.37 5.00 -31.20
CA ASP A 119 -13.16 4.39 -30.66
C ASP A 119 -12.02 5.39 -30.64
N PHE A 120 -11.30 5.42 -29.52
CA PHE A 120 -10.22 6.37 -29.29
C PHE A 120 -8.86 5.71 -29.22
N LEU A 121 -8.71 4.69 -28.37
CA LEU A 121 -7.46 3.95 -28.25
C LEU A 121 -7.76 2.46 -28.17
N ILE A 122 -6.96 1.66 -28.87
CA ILE A 122 -7.09 0.21 -28.81
C ILE A 122 -5.73 -0.38 -28.43
N PHE A 123 -5.71 -1.19 -27.37
CA PHE A 123 -4.49 -1.79 -26.89
C PHE A 123 -4.22 -3.09 -27.65
N ASN A 124 -3.05 -3.17 -28.28
CA ASN A 124 -2.62 -4.38 -28.98
C ASN A 124 -1.66 -5.12 -28.05
N LYS A 125 -2.13 -6.22 -27.48
CA LYS A 125 -1.35 -6.94 -26.47
C LYS A 125 -0.16 -7.67 -27.09
N ASP A 126 -0.29 -8.15 -28.32
CA ASP A 126 0.81 -8.89 -28.94
C ASP A 126 1.97 -7.97 -29.26
N THR A 127 1.69 -6.80 -29.85
CA THR A 127 2.72 -5.80 -30.05
C THR A 127 2.93 -4.92 -28.82
N LEU A 128 2.08 -5.07 -27.79
CA LEU A 128 2.17 -4.27 -26.57
C LEU A 128 2.17 -2.79 -26.87
N SER A 129 1.30 -2.38 -27.80
CA SER A 129 1.23 -1.00 -28.24
C SER A 129 -0.20 -0.47 -28.04
N TRP A 130 -0.40 0.81 -28.38
CA TRP A 130 -1.70 1.45 -28.29
C TRP A 130 -1.98 2.17 -29.61
N LEU A 131 -2.79 1.56 -30.47
CA LEU A 131 -3.17 2.22 -31.71
C LEU A 131 -4.15 3.34 -31.40
N ALA A 132 -3.82 4.54 -31.84
CA ALA A 132 -4.60 5.76 -31.60
C ALA A 132 -5.28 6.20 -32.89
N VAL A 133 -6.23 7.12 -32.73
CA VAL A 133 -7.04 7.61 -33.84
C VAL A 133 -6.92 9.12 -34.03
N ASP A 134 -6.11 9.80 -33.24
CA ASP A 134 -6.00 11.25 -33.34
C ASP A 134 -4.65 11.70 -32.80
N ASN A 135 -4.26 12.92 -33.19
CA ASN A 135 -3.09 13.55 -32.59
C ASN A 135 -3.28 13.79 -31.10
N VAL A 136 -4.49 14.23 -30.71
CA VAL A 136 -4.82 14.31 -29.30
C VAL A 136 -4.72 12.93 -28.66
N ALA A 137 -5.19 11.91 -29.37
CA ALA A 137 -5.01 10.55 -28.89
C ALA A 137 -3.54 10.14 -28.93
N HIS A 138 -2.77 10.65 -29.90
CA HIS A 138 -1.36 10.31 -30.00
C HIS A 138 -0.55 10.82 -28.81
N THR A 139 -0.93 11.99 -28.27
CA THR A 139 -0.22 12.51 -27.10
C THR A 139 -0.31 11.54 -25.93
N ILE A 140 -1.53 11.12 -25.57
CA ILE A 140 -1.68 10.18 -24.47
C ILE A 140 -1.16 8.80 -24.87
N LYS A 141 -1.17 8.47 -26.16
CA LYS A 141 -0.53 7.24 -26.62
C LYS A 141 0.94 7.21 -26.22
N GLN A 142 1.67 8.27 -26.55
CA GLN A 142 3.08 8.35 -26.16
C GLN A 142 3.22 8.35 -24.65
N ALA A 143 2.35 9.09 -23.96
CA ALA A 143 2.43 9.18 -22.50
C ALA A 143 2.29 7.80 -21.86
N TRP A 144 1.35 6.99 -22.32
CA TRP A 144 1.14 5.67 -21.75
C TRP A 144 2.22 4.68 -22.20
N GLU A 145 2.66 4.74 -23.46
CA GLU A 145 3.73 3.86 -23.91
C GLU A 145 5.06 4.19 -23.24
N ALA A 146 5.18 5.36 -22.63
CA ALA A 146 6.36 5.63 -21.82
C ALA A 146 6.49 4.63 -20.67
N ASN A 147 5.37 4.30 -20.02
CA ASN A 147 5.34 3.32 -18.94
C ASN A 147 5.13 1.93 -19.55
N GLN A 148 6.17 1.10 -19.49
CA GLN A 148 6.10 -0.24 -20.06
C GLN A 148 5.72 -1.31 -19.04
N HIS A 149 5.99 -1.07 -17.75
CA HIS A 149 5.58 -2.02 -16.71
C HIS A 149 4.06 -2.14 -16.66
N GLU A 150 3.35 -1.02 -16.80
CA GLU A 150 1.90 -1.05 -16.84
C GLU A 150 1.40 -1.86 -18.03
N LEU A 151 2.05 -1.69 -19.19
CA LEU A 151 1.65 -2.45 -20.36
C LEU A 151 1.87 -3.95 -20.16
N LEU A 152 2.99 -4.31 -19.55
CA LEU A 152 3.24 -5.71 -19.22
C LEU A 152 2.16 -6.26 -18.29
N TYR A 153 1.78 -5.48 -17.28
CA TYR A 153 0.72 -5.91 -16.37
C TYR A 153 -0.61 -6.09 -17.10
N GLN A 154 -0.95 -5.16 -17.98
CA GLN A 154 -2.20 -5.28 -18.74
C GLN A 154 -2.19 -6.53 -19.61
N LYS A 155 -1.08 -6.79 -20.30
CA LYS A 155 -1.01 -8.00 -21.12
C LYS A 155 -1.11 -9.25 -20.26
N ASN A 156 -0.43 -9.27 -19.11
CA ASN A 156 -0.48 -10.43 -18.24
C ASN A 156 -1.90 -10.70 -17.74
N TRP A 157 -2.62 -9.65 -17.36
CA TRP A 157 -3.99 -9.85 -16.90
C TRP A 157 -4.88 -10.31 -18.05
N LEU A 158 -4.78 -9.67 -19.21
CA LEU A 158 -5.64 -10.03 -20.33
C LEU A 158 -5.38 -11.44 -20.83
N GLU A 159 -4.16 -11.94 -20.66
CA GLU A 159 -3.81 -13.26 -21.21
C GLU A 159 -3.90 -14.39 -20.19
N GLU A 160 -3.72 -14.12 -18.89
CA GLU A 160 -3.60 -15.20 -17.92
C GLU A 160 -4.61 -15.13 -16.79
N GLU A 161 -5.12 -13.95 -16.45
CA GLU A 161 -6.03 -13.80 -15.31
C GLU A 161 -7.49 -13.61 -15.70
N CYS A 162 -7.77 -12.90 -16.79
CA CYS A 162 -9.15 -12.78 -17.25
C CYS A 162 -9.74 -14.15 -17.58
N ILE A 163 -8.93 -15.04 -18.14
CA ILE A 163 -9.39 -16.38 -18.47
C ILE A 163 -9.73 -17.16 -17.20
N ALA A 164 -8.87 -17.07 -16.18
CA ALA A 164 -9.14 -17.75 -14.92
C ALA A 164 -10.39 -17.21 -14.25
N TRP A 165 -10.55 -15.89 -14.25
CA TRP A 165 -11.76 -15.27 -13.73
C TRP A 165 -13.00 -15.81 -14.45
N LEU A 166 -12.95 -15.84 -15.78
CA LEU A 166 -14.09 -16.33 -16.55
C LEU A 166 -14.39 -17.79 -16.26
N LYS A 167 -13.35 -18.62 -16.14
CA LYS A 167 -13.57 -20.04 -15.91
C LYS A 167 -14.15 -20.30 -14.53
N ARG A 168 -13.63 -19.62 -13.50
CA ARG A 168 -14.21 -19.81 -12.17
C ARG A 168 -15.63 -19.23 -12.10
N PHE A 169 -15.91 -18.18 -12.87
CA PHE A 169 -17.27 -17.66 -12.93
C PHE A 169 -18.21 -18.69 -13.58
N LEU A 170 -17.77 -19.29 -14.69
CA LEU A 170 -18.58 -20.29 -15.37
C LEU A 170 -18.79 -21.52 -14.50
N GLU A 171 -17.82 -21.84 -13.64
CA GLU A 171 -18.05 -22.95 -12.71
C GLU A 171 -18.97 -22.56 -11.57
N TYR A 172 -18.90 -21.31 -11.10
CA TYR A 172 -19.84 -20.86 -10.08
C TYR A 172 -21.25 -20.77 -10.64
N GLY A 173 -21.40 -20.22 -11.84
CA GLY A 173 -22.70 -20.10 -12.47
C GLY A 173 -22.99 -21.20 -13.47
N LYS A 174 -22.49 -22.41 -13.18
CA LYS A 174 -22.67 -23.53 -14.11
C LYS A 174 -24.15 -23.81 -14.36
N ASP A 175 -24.98 -23.65 -13.32
CA ASP A 175 -26.41 -23.88 -13.48
C ASP A 175 -27.03 -22.90 -14.45
N THR A 176 -26.64 -21.62 -14.36
CA THR A 176 -27.25 -20.58 -15.20
C THR A 176 -26.53 -20.38 -16.52
N LEU A 177 -25.22 -20.62 -16.58
CA LEU A 177 -24.43 -20.31 -17.76
C LEU A 177 -24.20 -21.51 -18.66
N GLN A 178 -23.90 -22.68 -18.09
CA GLN A 178 -23.63 -23.87 -18.88
C GLN A 178 -24.88 -24.69 -19.17
N ARG A 179 -26.05 -24.21 -18.75
CA ARG A 179 -27.30 -24.87 -19.11
C ARG A 179 -27.58 -24.69 -20.60
N THR A 180 -28.47 -25.53 -21.11
CA THR A 180 -28.94 -25.41 -22.49
C THR A 180 -30.41 -25.76 -22.55
N GLU A 181 -31.19 -24.90 -23.20
CA GLU A 181 -32.63 -25.10 -23.34
C GLU A 181 -32.97 -25.20 -24.82
N PRO A 182 -33.53 -26.33 -25.27
CA PRO A 182 -33.79 -26.49 -26.70
C PRO A 182 -34.84 -25.50 -27.18
N PRO A 183 -34.76 -25.06 -28.43
CA PRO A 183 -35.76 -24.14 -28.96
C PRO A 183 -37.01 -24.87 -29.46
N LEU A 184 -38.10 -24.12 -29.54
CA LEU A 184 -39.36 -24.62 -30.05
C LEU A 184 -39.58 -24.04 -31.45
N VAL A 185 -39.69 -24.93 -32.43
CA VAL A 185 -39.77 -24.55 -33.84
C VAL A 185 -41.20 -24.72 -34.32
N ARG A 186 -41.73 -23.68 -34.96
CA ARG A 186 -43.09 -23.69 -35.50
C ARG A 186 -43.09 -23.12 -36.91
N VAL A 187 -44.09 -23.53 -37.68
CA VAL A 187 -44.31 -23.04 -39.04
C VAL A 187 -45.64 -22.28 -39.09
N ASN A 188 -45.59 -21.08 -39.63
CA ASN A 188 -46.76 -20.21 -39.77
C ASN A 188 -46.98 -19.90 -41.25
N ARG A 189 -48.25 -19.71 -41.61
CA ARG A 189 -48.59 -19.40 -43.00
C ARG A 189 -48.89 -17.93 -43.25
N LYS A 190 -49.59 -17.27 -42.32
CA LYS A 190 -49.88 -15.84 -42.46
C LYS A 190 -50.43 -15.27 -41.15
N PRO A 194 -50.26 -9.80 -47.19
CA PRO A 194 -49.43 -10.72 -47.98
C PRO A 194 -50.14 -11.27 -49.21
N GLY A 195 -49.91 -10.67 -50.37
CA GLY A 195 -50.52 -11.16 -51.60
C GLY A 195 -50.12 -12.59 -51.91
N VAL A 196 -48.83 -12.88 -51.82
CA VAL A 196 -48.32 -14.24 -51.90
C VAL A 196 -47.66 -14.51 -50.55
N THR A 197 -48.41 -15.09 -49.63
CA THR A 197 -47.96 -15.22 -48.25
C THR A 197 -46.75 -16.14 -48.14
N ALA A 198 -45.83 -15.75 -47.25
CA ALA A 198 -44.61 -16.48 -46.97
C ALA A 198 -44.83 -17.52 -45.89
N LEU A 199 -43.86 -18.41 -45.73
CA LEU A 199 -43.87 -19.42 -44.68
C LEU A 199 -42.87 -19.03 -43.61
N PHE A 200 -43.30 -19.07 -42.36
CA PHE A 200 -42.50 -18.60 -41.22
C PHE A 200 -41.97 -19.80 -40.46
N CYS A 201 -40.66 -19.80 -40.22
CA CYS A 201 -40.03 -20.72 -39.29
C CYS A 201 -39.64 -19.94 -38.04
N LYS A 202 -40.10 -20.39 -36.88
CA LYS A 202 -39.95 -19.63 -35.65
C LYS A 202 -39.33 -20.50 -34.57
N ALA A 203 -38.27 -20.00 -33.94
CA ALA A 203 -37.63 -20.66 -32.81
C ALA A 203 -37.90 -19.84 -31.55
N HIS A 204 -38.17 -20.54 -30.45
CA HIS A 204 -38.61 -19.90 -29.21
C HIS A 204 -38.02 -20.64 -28.01
N GLY A 205 -37.70 -19.87 -26.96
CA GLY A 205 -37.35 -20.46 -25.69
C GLY A 205 -36.06 -21.24 -25.66
N PHE A 206 -35.00 -20.70 -26.25
CA PHE A 206 -33.68 -21.31 -26.22
C PHE A 206 -32.71 -20.35 -25.54
N TYR A 207 -31.91 -20.89 -24.60
CA TYR A 207 -30.99 -20.05 -23.84
C TYR A 207 -29.78 -19.64 -24.68
N PRO A 208 -29.02 -20.57 -25.28
CA PRO A 208 -27.88 -20.15 -26.10
C PRO A 208 -28.35 -19.39 -27.33
N PRO A 209 -28.01 -18.10 -27.44
CA PRO A 209 -28.56 -17.27 -28.52
C PRO A 209 -27.91 -17.48 -29.88
N GLU A 210 -27.10 -18.52 -30.05
CA GLU A 210 -26.43 -18.79 -31.32
C GLU A 210 -27.19 -19.88 -32.07
N ILE A 211 -27.72 -19.54 -33.24
CA ILE A 211 -28.58 -20.45 -34.00
C ILE A 211 -28.34 -20.23 -35.49
N TYR A 212 -28.48 -21.31 -36.25
CA TYR A 212 -28.46 -21.29 -37.71
C TYR A 212 -29.87 -21.56 -38.21
N MET A 213 -30.39 -20.66 -39.04
CA MET A 213 -31.74 -20.79 -39.59
C MET A 213 -31.67 -20.77 -41.11
N THR A 214 -32.07 -21.87 -41.74
CA THR A 214 -31.96 -22.02 -43.18
C THR A 214 -33.22 -22.68 -43.74
N TRP A 215 -33.36 -22.58 -45.06
CA TRP A 215 -34.44 -23.22 -45.81
C TRP A 215 -33.84 -24.02 -46.95
N MET A 216 -34.39 -25.20 -47.21
CA MET A 216 -33.93 -26.05 -48.29
C MET A 216 -35.11 -26.61 -49.07
N LYS A 217 -34.98 -26.67 -50.39
CA LYS A 217 -36.03 -27.20 -51.25
C LYS A 217 -35.60 -28.56 -51.79
N ASN A 218 -36.25 -29.62 -51.31
CA ASN A 218 -36.02 -30.99 -51.79
C ASN A 218 -34.56 -31.40 -51.70
N GLY A 219 -33.89 -30.97 -50.63
CA GLY A 219 -32.50 -31.31 -50.40
C GLY A 219 -31.50 -30.28 -50.89
N GLU A 220 -31.92 -29.31 -51.68
CA GLU A 220 -31.05 -28.25 -52.18
C GLU A 220 -31.35 -26.96 -51.43
N GLU A 221 -30.31 -26.32 -50.91
CA GLU A 221 -30.51 -25.07 -50.20
C GLU A 221 -30.98 -23.98 -51.15
N ILE A 222 -31.78 -23.05 -50.62
CA ILE A 222 -32.26 -21.94 -51.42
C ILE A 222 -31.10 -21.02 -51.76
N VAL A 223 -31.19 -20.38 -52.93
CA VAL A 223 -30.16 -19.41 -53.34
C VAL A 223 -30.62 -18.08 -52.71
N GLN A 224 -30.26 -17.92 -51.44
CA GLN A 224 -30.65 -16.78 -50.62
C GLN A 224 -32.17 -16.70 -50.63
N GLU A 225 -32.77 -15.57 -51.00
CA GLU A 225 -34.22 -15.36 -51.05
C GLU A 225 -34.90 -15.60 -49.71
N ILE A 226 -34.13 -15.76 -48.63
CA ILE A 226 -34.67 -15.98 -47.30
C ILE A 226 -34.63 -14.65 -46.56
N ASP A 227 -35.81 -14.15 -46.19
CA ASP A 227 -35.84 -12.98 -45.32
C ASP A 227 -35.50 -13.40 -43.90
N TYR A 228 -34.94 -12.48 -43.13
CA TYR A 228 -34.48 -12.78 -41.78
C TYR A 228 -34.99 -11.74 -40.81
N GLY A 229 -35.21 -12.17 -39.58
CA GLY A 229 -35.62 -11.30 -38.49
C GLY A 229 -34.62 -11.33 -37.35
N ASP A 230 -34.61 -10.29 -36.53
CA ASP A 230 -33.66 -10.23 -35.42
C ASP A 230 -34.00 -11.29 -34.38
N ILE A 231 -32.97 -11.72 -33.67
CA ILE A 231 -33.13 -12.66 -32.57
C ILE A 231 -33.24 -11.85 -31.27
N LEU A 232 -34.41 -11.89 -30.65
CA LEU A 232 -34.62 -11.05 -29.49
C LEU A 232 -34.84 -11.89 -28.24
N PRO A 233 -34.47 -11.37 -27.07
CA PRO A 233 -34.65 -12.16 -25.84
C PRO A 233 -36.04 -12.03 -25.22
N SER A 234 -36.61 -13.17 -24.86
CA SER A 234 -37.84 -13.20 -24.08
C SER A 234 -37.54 -12.80 -22.64
N GLY A 235 -38.57 -12.34 -21.94
CA GLY A 235 -38.40 -11.86 -20.58
C GLY A 235 -38.02 -12.92 -19.57
N ASP A 236 -38.13 -14.20 -19.93
CA ASP A 236 -37.80 -15.29 -19.02
C ASP A 236 -36.31 -15.64 -18.99
N GLY A 237 -35.48 -15.02 -19.83
CA GLY A 237 -34.10 -15.42 -19.95
C GLY A 237 -33.78 -16.30 -21.13
N THR A 238 -34.68 -16.44 -22.09
CA THR A 238 -34.47 -17.23 -23.29
C THR A 238 -34.50 -16.30 -24.50
N TYR A 239 -34.46 -16.87 -25.70
CA TYR A 239 -34.41 -16.07 -26.92
C TYR A 239 -35.39 -16.60 -27.95
N GLN A 240 -35.59 -15.83 -29.01
CA GLN A 240 -36.53 -16.17 -30.06
C GLN A 240 -36.07 -15.56 -31.38
N ALA A 241 -36.49 -16.18 -32.48
CA ALA A 241 -36.11 -15.74 -33.81
C ALA A 241 -37.10 -16.29 -34.83
N TRP A 242 -37.04 -15.75 -36.04
CA TRP A 242 -37.94 -16.15 -37.12
C TRP A 242 -37.27 -15.92 -38.46
N ALA A 243 -37.76 -16.63 -39.48
CA ALA A 243 -37.26 -16.48 -40.84
C ALA A 243 -38.31 -16.89 -41.85
N SER A 244 -38.34 -16.17 -42.97
CA SER A 244 -39.32 -16.37 -44.05
C SER A 244 -38.58 -16.50 -45.37
N ILE A 245 -39.22 -17.18 -46.33
CA ILE A 245 -38.60 -17.37 -47.64
C ILE A 245 -39.50 -16.93 -48.78
N GLU A 246 -40.70 -17.51 -48.89
CA GLU A 246 -41.57 -17.23 -50.03
C GLU A 246 -42.56 -16.12 -49.74
N SER A 251 -47.08 -21.33 -57.20
CA SER A 251 -46.11 -21.92 -56.28
C SER A 251 -46.07 -23.44 -56.42
N SER A 252 -46.83 -24.14 -55.57
CA SER A 252 -46.89 -25.60 -55.56
C SER A 252 -45.50 -26.21 -55.42
N ASN A 253 -44.69 -25.64 -54.54
CA ASN A 253 -43.32 -26.08 -54.30
C ASN A 253 -43.16 -26.46 -52.84
N LEU A 254 -42.37 -27.51 -52.60
CA LEU A 254 -42.13 -28.01 -51.26
C LEU A 254 -40.86 -27.43 -50.68
N TYR A 255 -40.91 -27.09 -49.39
CA TYR A 255 -39.77 -26.52 -48.70
C TYR A 255 -39.62 -27.18 -47.33
N SER A 256 -38.44 -27.02 -46.74
CA SER A 256 -38.12 -27.60 -45.45
C SER A 256 -37.27 -26.61 -44.66
N CYS A 257 -37.66 -26.38 -43.41
CA CYS A 257 -36.87 -25.55 -42.52
C CYS A 257 -35.77 -26.36 -41.84
N HIS A 258 -34.64 -25.72 -41.58
CA HIS A 258 -33.50 -26.36 -40.95
C HIS A 258 -32.94 -25.40 -39.90
N VAL A 259 -32.64 -25.94 -38.72
CA VAL A 259 -32.18 -25.11 -37.61
C VAL A 259 -31.06 -25.83 -36.87
N GLU A 260 -29.96 -25.14 -36.65
CA GLU A 260 -28.83 -25.67 -35.90
C GLU A 260 -28.70 -24.90 -34.59
N HIS A 261 -28.56 -25.61 -33.48
CA HIS A 261 -28.46 -24.97 -32.17
C HIS A 261 -27.68 -25.87 -31.23
N SER A 262 -26.65 -25.30 -30.60
CA SER A 262 -25.88 -25.97 -29.55
C SER A 262 -25.42 -27.35 -29.99
N GLY A 263 -25.07 -27.47 -31.28
CA GLY A 263 -24.53 -28.71 -31.81
C GLY A 263 -25.53 -29.72 -32.32
N VAL A 264 -26.83 -29.39 -32.33
CA VAL A 264 -27.84 -30.30 -32.86
C VAL A 264 -28.48 -29.67 -34.09
N HIS A 265 -28.67 -30.48 -35.13
CA HIS A 265 -29.26 -30.07 -36.38
C HIS A 265 -30.66 -30.64 -36.49
N MET A 266 -31.64 -29.78 -36.74
CA MET A 266 -33.06 -30.14 -36.72
C MET A 266 -33.69 -29.79 -38.06
N VAL A 267 -34.58 -30.66 -38.52
CA VAL A 267 -35.30 -30.51 -39.77
C VAL A 267 -36.78 -30.72 -39.51
N LEU A 268 -37.63 -29.91 -40.15
CA LEU A 268 -39.07 -29.99 -39.96
C LEU A 268 -39.81 -30.64 -41.11
N GLN A 269 -39.34 -30.48 -42.34
CA GLN A 269 -39.89 -31.16 -43.52
C GLN A 269 -41.38 -30.88 -43.69
N VAL A 270 -41.67 -29.61 -43.98
CA VAL A 270 -43.04 -29.19 -44.25
C VAL A 270 -43.62 -29.96 -45.44
N ILE B 2 -20.18 11.93 -33.16
CA ILE B 2 -21.28 11.38 -33.96
C ILE B 2 -22.16 10.49 -33.09
N GLN B 3 -23.47 10.71 -33.16
CA GLN B 3 -24.45 9.99 -32.36
C GLN B 3 -25.38 9.21 -33.27
N ARG B 4 -25.94 8.11 -32.74
CA ARG B 4 -26.84 7.26 -33.49
C ARG B 4 -28.16 7.10 -32.76
N THR B 5 -29.23 6.98 -33.55
CA THR B 5 -30.59 6.81 -33.04
C THR B 5 -30.81 5.38 -32.55
N PRO B 6 -31.67 5.19 -31.54
CA PRO B 6 -31.95 3.84 -31.04
C PRO B 6 -32.85 3.06 -31.98
N LYS B 7 -32.89 1.75 -31.76
CA LYS B 7 -33.71 0.83 -32.53
C LYS B 7 -34.83 0.30 -31.65
N ILE B 8 -36.07 0.41 -32.13
CA ILE B 8 -37.26 0.05 -31.37
C ILE B 8 -37.79 -1.28 -31.90
N GLN B 9 -38.14 -2.18 -31.00
CA GLN B 9 -38.69 -3.48 -31.36
C GLN B 9 -39.70 -3.90 -30.30
N VAL B 10 -40.96 -4.02 -30.71
CA VAL B 10 -42.06 -4.37 -29.81
C VAL B 10 -42.55 -5.76 -30.18
N TYR B 11 -42.66 -6.64 -29.20
CA TYR B 11 -43.08 -8.02 -29.44
C TYR B 11 -43.67 -8.59 -28.16
N SER B 12 -43.91 -9.90 -28.16
CA SER B 12 -44.49 -10.59 -27.02
C SER B 12 -43.58 -11.72 -26.57
N ARG B 13 -43.65 -12.04 -25.27
CA ARG B 13 -42.84 -13.12 -24.72
C ARG B 13 -43.22 -14.46 -25.33
N HIS B 14 -44.51 -14.70 -25.51
CA HIS B 14 -45.06 -15.92 -26.06
C HIS B 14 -45.97 -15.57 -27.23
N PRO B 15 -46.26 -16.54 -28.13
CA PRO B 15 -47.24 -16.28 -29.19
C PRO B 15 -48.56 -15.77 -28.62
N ALA B 16 -48.92 -14.54 -28.97
CA ALA B 16 -50.02 -13.83 -28.33
C ALA B 16 -51.35 -14.45 -28.73
N GLU B 17 -51.97 -15.16 -27.80
CA GLU B 17 -53.34 -15.65 -27.96
C GLU B 17 -54.28 -14.70 -27.23
N ASN B 18 -55.33 -14.26 -27.92
CA ASN B 18 -56.27 -13.32 -27.32
C ASN B 18 -56.90 -13.90 -26.07
N GLY B 19 -57.01 -13.07 -25.03
CA GLY B 19 -57.55 -13.49 -23.76
C GLY B 19 -56.67 -14.52 -23.05
N LYS B 20 -55.37 -14.29 -23.02
CA LYS B 20 -54.45 -15.19 -22.35
C LYS B 20 -53.27 -14.38 -21.82
N SER B 21 -53.05 -14.44 -20.51
CA SER B 21 -52.01 -13.65 -19.87
C SER B 21 -50.64 -13.98 -20.46
N ASN B 22 -49.88 -12.94 -20.78
CA ASN B 22 -48.55 -13.07 -21.38
C ASN B 22 -47.78 -11.80 -21.07
N PHE B 23 -46.62 -11.64 -21.69
CA PHE B 23 -45.75 -10.49 -21.45
C PHE B 23 -45.48 -9.75 -22.76
N LEU B 24 -45.60 -8.43 -22.70
CA LEU B 24 -45.23 -7.54 -23.80
C LEU B 24 -43.83 -7.00 -23.55
N ASN B 25 -42.97 -7.09 -24.57
CA ASN B 25 -41.59 -6.68 -24.48
C ASN B 25 -41.31 -5.56 -25.47
N CYS B 26 -40.53 -4.57 -25.02
CA CYS B 26 -40.02 -3.51 -25.89
C CYS B 26 -38.50 -3.49 -25.73
N TYR B 27 -37.79 -3.63 -26.85
CA TYR B 27 -36.34 -3.82 -26.86
C TYR B 27 -35.71 -2.65 -27.60
N VAL B 28 -35.02 -1.78 -26.87
CA VAL B 28 -34.41 -0.58 -27.43
C VAL B 28 -32.90 -0.74 -27.38
N SER B 29 -32.25 -0.75 -28.54
CA SER B 29 -30.83 -1.01 -28.61
C SER B 29 -30.18 -0.11 -29.67
N GLY B 30 -28.87 0.11 -29.49
CA GLY B 30 -28.08 0.78 -30.50
C GLY B 30 -28.18 2.30 -30.50
N PHE B 31 -28.07 2.91 -29.32
CA PHE B 31 -28.09 4.37 -29.18
C PHE B 31 -26.85 4.81 -28.42
N HIS B 32 -26.14 5.80 -28.96
CA HIS B 32 -24.92 6.27 -28.30
C HIS B 32 -25.27 7.15 -27.10
N PRO B 33 -26.09 8.19 -27.24
CA PRO B 33 -26.53 8.94 -26.04
C PRO B 33 -27.45 8.07 -25.19
N SER B 34 -27.01 7.80 -23.96
CA SER B 34 -27.69 6.83 -23.10
C SER B 34 -28.67 7.50 -22.15
N ASP B 35 -29.40 8.51 -22.63
CA ASP B 35 -30.48 9.15 -21.87
C ASP B 35 -31.76 9.07 -22.69
N ILE B 36 -32.66 8.16 -22.30
CA ILE B 36 -33.88 7.90 -23.02
C ILE B 36 -35.05 7.89 -22.05
N GLU B 37 -36.25 8.07 -22.59
CA GLU B 37 -37.48 7.85 -21.84
C GLU B 37 -38.34 6.86 -22.61
N VAL B 38 -38.68 5.75 -21.97
CA VAL B 38 -39.42 4.66 -22.61
C VAL B 38 -40.70 4.40 -21.83
N ASP B 39 -41.81 4.28 -22.55
CA ASP B 39 -43.12 4.04 -21.95
C ASP B 39 -43.89 3.07 -22.82
N LEU B 40 -44.83 2.35 -22.22
CA LEU B 40 -45.72 1.45 -22.92
C LEU B 40 -47.12 2.07 -22.97
N LEU B 41 -47.81 1.88 -24.09
CA LEU B 41 -49.08 2.55 -24.35
C LEU B 41 -50.16 1.51 -24.54
N LYS B 42 -51.19 1.58 -23.68
CA LYS B 42 -52.37 0.73 -23.72
C LYS B 42 -53.54 1.55 -24.25
N ASN B 43 -54.01 1.23 -25.46
CA ASN B 43 -55.09 1.97 -26.10
C ASN B 43 -54.78 3.46 -26.19
N GLY B 44 -53.53 3.78 -26.50
CA GLY B 44 -53.11 5.17 -26.55
C GLY B 44 -52.91 5.81 -25.20
N GLU B 45 -52.83 5.01 -24.13
CA GLU B 45 -52.65 5.50 -22.78
C GLU B 45 -51.48 4.76 -22.14
N ARG B 46 -50.69 5.48 -21.34
CA ARG B 46 -49.50 4.90 -20.74
C ARG B 46 -49.85 3.78 -19.77
N ILE B 47 -49.03 2.72 -19.79
CA ILE B 47 -49.12 1.64 -18.83
C ILE B 47 -48.23 1.99 -17.64
N GLU B 48 -48.67 1.61 -16.43
CA GLU B 48 -47.95 1.96 -15.22
C GLU B 48 -47.29 0.78 -14.52
N LYS B 49 -47.73 -0.45 -14.79
CA LYS B 49 -47.13 -1.62 -14.15
C LYS B 49 -46.00 -2.21 -15.00
N VAL B 50 -45.12 -1.32 -15.46
CA VAL B 50 -44.01 -1.69 -16.33
C VAL B 50 -42.85 -2.22 -15.49
N GLU B 51 -42.17 -3.23 -16.01
CA GLU B 51 -40.97 -3.78 -15.40
C GLU B 51 -39.85 -3.78 -16.42
N HIS B 52 -38.61 -3.67 -15.94
CA HIS B 52 -37.49 -3.57 -16.86
C HIS B 52 -36.22 -4.10 -16.22
N SER B 53 -35.34 -4.63 -17.07
CA SER B 53 -34.00 -5.00 -16.63
C SER B 53 -33.11 -3.76 -16.58
N ASP B 54 -31.91 -3.94 -16.04
CA ASP B 54 -30.97 -2.83 -15.93
C ASP B 54 -30.36 -2.51 -17.29
N LEU B 55 -29.89 -1.27 -17.42
CA LEU B 55 -29.20 -0.85 -18.63
C LEU B 55 -27.92 -1.65 -18.82
N SER B 56 -27.57 -1.91 -20.08
CA SER B 56 -26.42 -2.74 -20.41
C SER B 56 -25.58 -2.08 -21.47
N PHE B 57 -24.43 -2.68 -21.75
CA PHE B 57 -23.41 -2.15 -22.65
C PHE B 57 -23.21 -3.09 -23.83
N SER B 58 -22.86 -2.51 -24.97
CA SER B 58 -22.50 -3.26 -26.17
C SER B 58 -21.03 -3.04 -26.50
N LYS B 59 -20.47 -4.00 -27.23
CA LYS B 59 -19.05 -3.93 -27.60
C LYS B 59 -18.75 -2.80 -28.58
N ASP B 60 -19.78 -2.21 -29.21
CA ASP B 60 -19.60 -1.10 -30.13
C ASP B 60 -19.97 0.24 -29.50
N TRP B 61 -19.77 0.36 -28.18
CA TRP B 61 -20.04 1.60 -27.44
C TRP B 61 -21.52 1.99 -27.48
N SER B 62 -22.40 1.00 -27.57
CA SER B 62 -23.83 1.22 -27.61
C SER B 62 -24.47 0.62 -26.36
N PHE B 63 -25.78 0.82 -26.23
CA PHE B 63 -26.54 0.37 -25.07
C PHE B 63 -27.81 -0.34 -25.55
N TYR B 64 -28.31 -1.26 -24.72
CA TYR B 64 -29.56 -1.93 -24.99
C TYR B 64 -30.34 -2.10 -23.70
N LEU B 65 -31.67 -2.12 -23.83
CA LEU B 65 -32.58 -2.15 -22.69
C LEU B 65 -33.84 -2.88 -23.09
N LEU B 66 -34.50 -3.49 -22.10
CA LEU B 66 -35.75 -4.22 -22.28
C LEU B 66 -36.75 -3.74 -21.24
N TYR B 67 -37.92 -3.31 -21.71
CA TYR B 67 -39.02 -2.92 -20.84
C TYR B 67 -40.18 -3.88 -21.10
N TYR B 68 -40.58 -4.63 -20.08
CA TYR B 68 -41.57 -5.69 -20.25
C TYR B 68 -42.64 -5.60 -19.18
N THR B 69 -43.84 -6.04 -19.54
CA THR B 69 -44.97 -6.01 -18.63
C THR B 69 -45.85 -7.23 -18.87
N GLU B 70 -46.75 -7.50 -17.91
CA GLU B 70 -47.70 -8.59 -18.02
C GLU B 70 -49.07 -8.03 -18.38
N PHE B 71 -49.70 -8.64 -19.39
CA PHE B 71 -50.95 -8.14 -19.93
C PHE B 71 -51.76 -9.31 -20.49
N THR B 72 -52.99 -9.02 -20.86
CA THR B 72 -53.85 -9.98 -21.54
C THR B 72 -54.30 -9.39 -22.87
N PRO B 73 -53.91 -9.96 -24.00
CA PRO B 73 -54.23 -9.33 -25.29
C PRO B 73 -55.71 -9.50 -25.64
N THR B 74 -56.32 -8.39 -26.05
CA THR B 74 -57.65 -8.37 -26.63
C THR B 74 -57.59 -7.58 -27.93
N GLU B 75 -58.35 -8.01 -28.93
CA GLU B 75 -58.29 -7.37 -30.24
C GLU B 75 -58.71 -5.90 -30.16
N LYS B 76 -59.53 -5.54 -29.17
CA LYS B 76 -59.92 -4.15 -28.99
C LYS B 76 -58.74 -3.30 -28.54
N ASP B 77 -57.87 -3.85 -27.69
CA ASP B 77 -56.76 -3.09 -27.12
C ASP B 77 -55.64 -2.90 -28.13
N GLU B 78 -55.05 -1.71 -28.12
CA GLU B 78 -53.90 -1.39 -28.95
C GLU B 78 -52.68 -1.16 -28.05
N TYR B 79 -51.56 -1.75 -28.42
CA TYR B 79 -50.33 -1.70 -27.62
C TYR B 79 -49.22 -1.05 -28.43
N ALA B 80 -48.52 -0.11 -27.81
CA ALA B 80 -47.48 0.64 -28.50
C ALA B 80 -46.31 0.92 -27.55
N CYS B 81 -45.19 1.32 -28.13
CA CYS B 81 -44.01 1.74 -27.37
C CYS B 81 -43.65 3.17 -27.74
N ARG B 82 -43.51 4.02 -26.73
CA ARG B 82 -43.23 5.44 -26.89
C ARG B 82 -41.84 5.72 -26.34
N VAL B 83 -40.96 6.29 -27.17
CA VAL B 83 -39.57 6.50 -26.79
C VAL B 83 -39.18 7.94 -27.12
N ASN B 84 -38.42 8.56 -26.21
CA ASN B 84 -37.87 9.88 -26.40
C ASN B 84 -36.36 9.82 -26.26
N HIS B 85 -35.65 10.38 -27.25
CA HIS B 85 -34.21 10.42 -27.31
C HIS B 85 -33.77 11.82 -27.71
N VAL B 86 -32.51 12.14 -27.41
CA VAL B 86 -31.98 13.46 -27.75
C VAL B 86 -31.91 13.64 -29.27
N THR B 87 -31.59 12.57 -29.99
CA THR B 87 -31.51 12.63 -31.45
C THR B 87 -32.86 12.77 -32.12
N LEU B 88 -33.95 12.64 -31.38
CA LEU B 88 -35.29 12.73 -31.94
C LEU B 88 -35.90 14.08 -31.59
N SER B 89 -36.39 14.79 -32.60
CA SER B 89 -37.01 16.09 -32.37
C SER B 89 -38.28 15.96 -31.55
N GLN B 90 -38.94 14.80 -31.61
CA GLN B 90 -40.13 14.51 -30.83
C GLN B 90 -40.12 13.03 -30.51
N PRO B 91 -40.70 12.63 -29.38
CA PRO B 91 -40.70 11.20 -29.02
C PRO B 91 -41.50 10.38 -30.03
N LYS B 92 -40.85 9.37 -30.58
CA LYS B 92 -41.45 8.52 -31.60
C LYS B 92 -42.19 7.35 -30.96
N ILE B 93 -43.26 6.92 -31.63
CA ILE B 93 -44.12 5.84 -31.16
C ILE B 93 -44.17 4.76 -32.22
N VAL B 94 -43.98 3.51 -31.80
CA VAL B 94 -44.04 2.36 -32.70
C VAL B 94 -45.11 1.41 -32.16
N LYS B 95 -46.05 1.03 -33.02
CA LYS B 95 -47.13 0.16 -32.61
C LYS B 95 -46.75 -1.31 -32.79
N TRP B 96 -47.58 -2.19 -32.22
CA TRP B 96 -47.32 -3.62 -32.21
C TRP B 96 -48.25 -4.34 -33.20
N ASP B 97 -47.68 -5.25 -33.97
CA ASP B 97 -48.40 -6.02 -34.97
C ASP B 97 -48.66 -7.42 -34.43
N ARG B 98 -49.93 -7.85 -34.48
CA ARG B 98 -50.27 -9.19 -34.02
C ARG B 98 -49.84 -10.28 -35.00
N ASP B 99 -49.58 -9.93 -36.25
CA ASP B 99 -49.22 -10.89 -37.32
C ASP B 99 -49.98 -12.21 -37.23
N ARG C 9 21.19 -23.32 -4.76
CA ARG C 9 20.25 -22.22 -4.58
C ARG C 9 19.23 -22.56 -3.50
N THR C 10 19.18 -23.84 -3.12
CA THR C 10 18.23 -24.34 -2.13
C THR C 10 18.93 -24.42 -0.77
N LYS C 11 18.36 -23.74 0.22
CA LYS C 11 18.90 -23.75 1.56
C LYS C 11 18.57 -25.08 2.24
N SER C 12 19.24 -25.34 3.36
CA SER C 12 19.10 -26.62 4.04
C SER C 12 19.21 -26.44 5.55
N VAL C 13 18.38 -27.18 6.29
CA VAL C 13 18.31 -27.07 7.74
C VAL C 13 18.08 -28.45 8.36
N THR C 14 18.80 -28.70 9.46
CA THR C 14 18.65 -29.90 10.27
C THR C 14 18.27 -29.51 11.69
N ARG C 15 17.22 -30.13 12.22
CA ARG C 15 16.70 -29.76 13.53
C ARG C 15 16.39 -30.99 14.36
N PRO C 16 16.41 -30.85 15.69
CA PRO C 16 15.94 -31.93 16.56
C PRO C 16 14.42 -32.00 16.58
N THR C 17 13.93 -33.17 16.98
CA THR C 17 12.49 -33.38 17.11
C THR C 17 11.94 -32.55 18.27
N GLY C 18 10.78 -31.92 18.04
CA GLY C 18 10.14 -31.09 19.05
C GLY C 18 10.56 -29.64 19.05
N SER C 19 11.59 -29.28 18.29
CA SER C 19 12.09 -27.91 18.17
C SER C 19 11.49 -27.22 16.95
N SER C 20 11.65 -25.90 16.92
CA SER C 20 11.14 -25.08 15.83
C SER C 20 12.16 -24.91 14.71
N ALA C 21 11.66 -24.67 13.50
CA ALA C 21 12.48 -24.47 12.31
C ALA C 21 12.00 -23.24 11.53
N VAL C 22 12.95 -22.51 10.95
CA VAL C 22 12.65 -21.30 10.19
C VAL C 22 13.12 -21.50 8.75
N ILE C 23 12.25 -21.16 7.79
CA ILE C 23 12.54 -21.32 6.37
C ILE C 23 12.21 -20.01 5.66
N THR C 24 13.16 -19.48 4.89
CA THR C 24 12.97 -18.22 4.18
C THR C 24 12.62 -18.48 2.73
N CYS C 25 11.70 -17.67 2.19
CA CYS C 25 11.28 -17.82 0.81
C CYS C 25 12.35 -17.29 -0.13
N ASP C 26 12.65 -18.06 -1.17
CA ASP C 26 13.62 -17.66 -2.20
C ASP C 26 12.85 -17.50 -3.51
N LEU C 27 12.31 -16.30 -3.73
CA LEU C 27 11.49 -15.98 -4.88
C LEU C 27 12.03 -14.72 -5.54
N PRO C 28 11.78 -14.54 -6.84
CA PRO C 28 12.29 -13.33 -7.51
C PRO C 28 11.85 -12.04 -6.85
N VAL C 29 10.62 -11.99 -6.36
CA VAL C 29 10.09 -10.83 -5.65
C VAL C 29 9.97 -11.18 -4.18
N GLU C 30 10.29 -10.22 -3.32
CA GLU C 30 10.29 -10.48 -1.88
C GLU C 30 8.88 -10.58 -1.34
N ASN C 31 8.04 -9.59 -1.60
CA ASN C 31 6.72 -9.48 -1.00
C ASN C 31 5.65 -9.58 -2.08
N ALA C 32 4.88 -10.66 -2.04
CA ALA C 32 3.72 -10.85 -2.89
C ALA C 32 2.46 -10.80 -2.05
N VAL C 33 1.33 -10.48 -2.69
CA VAL C 33 0.07 -10.32 -1.97
C VAL C 33 -0.35 -11.64 -1.34
N TYR C 34 -0.30 -12.73 -2.11
CA TYR C 34 -0.57 -14.08 -1.60
C TYR C 34 0.65 -14.94 -1.83
N THR C 35 1.15 -15.58 -0.77
CA THR C 35 2.35 -16.39 -0.85
C THR C 35 2.07 -17.80 -0.36
N HIS C 36 2.12 -18.78 -1.25
CA HIS C 36 1.75 -20.14 -0.90
C HIS C 36 2.96 -20.93 -0.42
N TRP C 37 2.69 -22.00 0.34
CA TRP C 37 3.73 -22.85 0.90
C TRP C 37 3.33 -24.30 0.72
N TYR C 38 4.19 -25.05 0.02
CA TYR C 38 4.01 -26.45 -0.34
C TYR C 38 5.11 -27.30 0.29
N LEU C 39 4.79 -28.57 0.55
CA LEU C 39 5.76 -29.56 1.00
C LEU C 39 5.89 -30.65 -0.05
N HIS C 40 7.11 -31.10 -0.29
CA HIS C 40 7.39 -32.27 -1.12
C HIS C 40 8.15 -33.29 -0.30
N GLN C 41 7.72 -34.55 -0.40
CA GLN C 41 8.40 -35.68 0.22
C GLN C 41 8.67 -36.73 -0.86
N GLU C 42 9.64 -37.60 -0.58
CA GLU C 42 10.17 -38.49 -1.61
C GLU C 42 9.11 -39.42 -2.16
N GLY C 43 8.34 -40.07 -1.28
CA GLY C 43 7.42 -41.11 -1.72
C GLY C 43 6.11 -40.62 -2.26
N LYS C 44 5.62 -39.47 -1.79
CA LYS C 44 4.28 -39.01 -2.08
C LYS C 44 4.30 -37.75 -2.94
N ALA C 45 3.11 -37.37 -3.40
CA ALA C 45 2.96 -36.18 -4.21
C ALA C 45 3.14 -34.92 -3.37
N PRO C 46 3.67 -33.85 -3.95
CA PRO C 46 3.67 -32.56 -3.25
C PRO C 46 2.25 -32.07 -2.99
N GLN C 47 2.09 -31.40 -1.84
CA GLN C 47 0.79 -30.88 -1.44
C GLN C 47 0.98 -29.47 -0.88
N ARG C 48 -0.03 -28.63 -1.10
CA ARG C 48 -0.01 -27.29 -0.53
C ARG C 48 -0.26 -27.36 0.97
N LEU C 49 0.68 -26.85 1.75
CA LEU C 49 0.47 -26.80 3.19
C LEU C 49 -0.41 -25.61 3.58
N LEU C 50 -0.14 -24.43 3.03
CA LEU C 50 -0.95 -23.26 3.38
C LEU C 50 -0.65 -22.15 2.39
N TYR C 51 -1.22 -20.97 2.65
CA TYR C 51 -0.75 -19.75 2.00
C TYR C 51 -0.98 -18.58 2.94
N TYR C 52 -0.29 -17.48 2.66
CA TYR C 52 -0.37 -16.26 3.45
C TYR C 52 -1.07 -15.18 2.66
N ASP C 53 -2.09 -14.57 3.28
CA ASP C 53 -2.82 -13.44 2.75
C ASP C 53 -2.32 -12.17 3.40
N SER C 54 -1.75 -11.28 2.59
CA SER C 54 -1.23 -10.01 3.12
C SER C 54 -2.36 -9.07 3.52
N TYR C 55 -3.45 -9.05 2.74
CA TYR C 55 -4.56 -8.15 3.04
C TYR C 55 -5.16 -8.46 4.40
N ASN C 56 -5.70 -9.66 4.57
CA ASN C 56 -6.18 -10.08 5.88
C ASN C 56 -5.05 -10.34 6.85
N SER C 57 -3.80 -10.36 6.37
CA SER C 57 -2.62 -10.54 7.21
C SER C 57 -2.72 -11.83 8.04
N ARG C 58 -3.09 -12.92 7.37
CA ARG C 58 -3.29 -14.17 8.09
C ARG C 58 -2.99 -15.34 7.17
N VAL C 59 -2.75 -16.48 7.79
CA VAL C 59 -2.50 -17.72 7.05
C VAL C 59 -3.81 -18.46 6.84
N VAL C 60 -4.01 -18.94 5.62
CA VAL C 60 -5.10 -19.84 5.29
C VAL C 60 -4.47 -21.21 5.13
N LEU C 61 -4.82 -22.12 6.04
CA LEU C 61 -4.26 -23.45 6.12
C LEU C 61 -5.20 -24.47 5.48
N GLU C 62 -4.80 -25.73 5.50
CA GLU C 62 -5.63 -26.83 5.02
C GLU C 62 -6.32 -27.51 6.20
N SER C 63 -7.33 -28.32 5.88
CA SER C 63 -8.16 -28.91 6.92
C SER C 63 -7.45 -30.03 7.67
N GLY C 64 -6.35 -30.55 7.15
CA GLY C 64 -5.62 -31.62 7.81
C GLY C 64 -4.49 -31.21 8.73
N ILE C 65 -4.29 -29.92 8.97
CA ILE C 65 -3.16 -29.43 9.76
C ILE C 65 -3.66 -28.56 10.90
N SER C 66 -2.97 -28.65 12.04
CA SER C 66 -3.32 -27.85 13.20
C SER C 66 -2.96 -26.38 12.97
N ARG C 67 -3.69 -25.49 13.65
CA ARG C 67 -3.45 -24.06 13.50
C ARG C 67 -2.20 -23.61 14.24
N GLU C 68 -1.80 -24.31 15.30
CA GLU C 68 -0.63 -23.94 16.09
C GLU C 68 0.63 -24.66 15.62
N LYS C 69 0.71 -25.03 14.34
CA LYS C 69 1.87 -25.72 13.78
C LYS C 69 2.80 -24.79 13.02
N TYR C 70 2.25 -23.86 12.24
CA TYR C 70 3.05 -22.98 11.40
C TYR C 70 2.68 -21.54 11.68
N HIS C 71 3.63 -20.64 11.42
CA HIS C 71 3.35 -19.21 11.48
C HIS C 71 4.37 -18.48 10.60
N THR C 72 4.23 -17.16 10.53
CA THR C 72 4.96 -16.35 9.56
C THR C 72 5.68 -15.21 10.27
N TYR C 73 6.87 -14.87 9.76
CA TYR C 73 7.62 -13.70 10.17
C TYR C 73 7.20 -12.48 9.37
N ALA C 74 7.13 -12.62 8.04
CA ALA C 74 6.66 -11.59 7.12
C ALA C 74 7.31 -10.24 7.39
N SER C 75 8.64 -10.23 7.27
CA SER C 75 9.38 -8.97 7.40
C SER C 75 9.10 -8.09 6.20
N THR C 76 8.77 -6.82 6.44
CA THR C 76 8.48 -5.92 5.34
C THR C 76 9.75 -5.60 4.57
N GLY C 77 9.63 -5.46 3.25
CA GLY C 77 10.76 -5.21 2.40
C GLY C 77 11.64 -6.40 2.13
N LYS C 78 11.56 -7.46 2.94
CA LYS C 78 12.36 -8.65 2.81
C LYS C 78 11.48 -9.85 2.45
N SER C 79 12.15 -10.95 2.09
CA SER C 79 11.43 -12.18 1.79
C SER C 79 10.77 -12.74 3.04
N LEU C 80 9.59 -13.33 2.87
CA LEU C 80 8.83 -13.86 3.98
C LEU C 80 9.48 -15.12 4.55
N LYS C 81 9.14 -15.43 5.80
CA LYS C 81 9.65 -16.60 6.48
C LYS C 81 8.49 -17.40 7.07
N PHE C 82 8.68 -18.72 7.13
CA PHE C 82 7.72 -19.65 7.68
C PHE C 82 8.38 -20.44 8.79
N ILE C 83 7.72 -20.52 9.94
CA ILE C 83 8.24 -21.16 11.13
C ILE C 83 7.36 -22.35 11.47
N LEU C 84 7.99 -23.49 11.77
CA LEU C 84 7.36 -24.76 12.05
C LEU C 84 7.68 -25.16 13.47
N GLU C 85 6.71 -25.74 14.17
CA GLU C 85 6.86 -26.00 15.60
C GLU C 85 6.71 -27.50 15.88
N ASN C 86 7.32 -27.93 16.98
CA ASN C 86 7.23 -29.32 17.46
C ASN C 86 7.54 -30.30 16.31
N LEU C 87 8.74 -30.19 15.77
CA LEU C 87 9.09 -30.97 14.59
C LEU C 87 9.13 -32.47 14.91
N ILE C 88 8.69 -33.27 13.94
CA ILE C 88 8.72 -34.71 14.02
C ILE C 88 9.34 -35.23 12.72
N GLU C 89 9.92 -36.43 12.79
CA GLU C 89 10.63 -36.98 11.64
C GLU C 89 9.77 -37.01 10.38
N ARG C 90 8.45 -37.17 10.53
CA ARG C 90 7.57 -37.14 9.37
C ARG C 90 7.38 -35.75 8.78
N ASP C 91 7.95 -34.72 9.41
CA ASP C 91 7.98 -33.38 8.84
C ASP C 91 9.18 -33.15 7.93
N SER C 92 10.11 -34.11 7.86
CA SER C 92 11.26 -33.98 6.99
C SER C 92 10.83 -33.98 5.53
N GLY C 93 11.49 -33.15 4.73
CA GLY C 93 11.12 -33.03 3.32
C GLY C 93 11.79 -31.81 2.70
N VAL C 94 11.09 -31.21 1.75
CA VAL C 94 11.55 -29.94 1.18
C VAL C 94 10.35 -29.01 1.01
N TYR C 95 10.51 -27.76 1.44
CA TYR C 95 9.41 -26.80 1.50
C TYR C 95 9.65 -25.71 0.46
N TYR C 96 8.65 -25.48 -0.38
CA TYR C 96 8.74 -24.48 -1.44
C TYR C 96 7.72 -23.38 -1.23
N CYS C 97 8.17 -22.14 -1.36
CA CYS C 97 7.26 -21.02 -1.51
C CYS C 97 6.79 -20.92 -2.96
N ALA C 98 5.64 -20.28 -3.15
CA ALA C 98 5.05 -20.23 -4.48
C ALA C 98 4.24 -18.95 -4.66
N THR C 99 4.14 -18.52 -5.91
CA THR C 99 3.50 -17.27 -6.28
C THR C 99 2.93 -17.44 -7.69
N TRP C 100 1.93 -16.62 -8.03
CA TRP C 100 1.24 -16.67 -9.32
C TRP C 100 1.62 -15.44 -10.13
N ASP C 101 2.57 -15.59 -11.06
CA ASP C 101 2.89 -14.55 -12.03
C ASP C 101 2.57 -14.98 -13.45
N TYR C 102 3.17 -16.07 -13.93
CA TYR C 102 2.81 -16.72 -15.17
C TYR C 102 2.11 -18.05 -14.92
N LYS C 103 2.74 -18.91 -14.14
CA LYS C 103 2.15 -20.12 -13.59
C LYS C 103 2.51 -20.13 -12.11
N LYS C 104 2.31 -21.26 -11.43
CA LYS C 104 2.76 -21.32 -10.04
C LYS C 104 4.27 -21.33 -10.00
N LEU C 105 4.87 -20.15 -9.85
CA LEU C 105 6.33 -20.03 -9.79
C LEU C 105 6.80 -20.50 -8.42
N PHE C 106 7.44 -21.67 -8.38
CA PHE C 106 8.00 -22.17 -7.13
C PHE C 106 9.35 -21.53 -6.86
N GLY C 107 9.64 -21.35 -5.57
CA GLY C 107 10.92 -20.82 -5.17
C GLY C 107 11.99 -21.88 -5.18
N SER C 108 13.20 -21.47 -4.75
CA SER C 108 14.30 -22.41 -4.67
C SER C 108 14.04 -23.47 -3.61
N GLY C 109 13.28 -23.14 -2.57
CA GLY C 109 12.91 -24.09 -1.56
C GLY C 109 14.01 -24.32 -0.54
N THR C 110 13.63 -24.99 0.56
CA THR C 110 14.56 -25.32 1.62
C THR C 110 14.34 -26.77 2.02
N THR C 111 15.43 -27.53 2.07
CA THR C 111 15.37 -28.91 2.54
C THR C 111 15.45 -28.93 4.06
N LEU C 112 14.68 -29.82 4.67
CA LEU C 112 14.59 -29.93 6.12
C LEU C 112 14.70 -31.39 6.53
N VAL C 113 15.59 -31.67 7.46
CA VAL C 113 15.66 -32.99 8.09
C VAL C 113 15.66 -32.79 9.60
N VAL C 114 14.92 -33.63 10.30
CA VAL C 114 14.81 -33.55 11.75
C VAL C 114 15.02 -34.94 12.34
N THR C 115 15.61 -34.97 13.53
CA THR C 115 15.98 -36.22 14.16
C THR C 115 15.41 -36.29 15.57
N GLU C 116 14.94 -37.49 15.95
CA GLU C 116 14.46 -37.70 17.32
C GLU C 116 15.59 -37.56 18.33
N ASP C 117 16.70 -38.27 18.10
CA ASP C 117 17.83 -38.28 19.00
C ASP C 117 18.96 -37.45 18.40
N LEU C 118 19.55 -36.57 19.22
CA LEU C 118 20.70 -35.79 18.82
C LEU C 118 22.01 -36.43 19.20
N LYS C 119 21.98 -37.65 19.75
CA LYS C 119 23.20 -38.33 20.15
C LYS C 119 23.94 -38.95 18.98
N ASN C 120 23.22 -39.36 17.93
CA ASN C 120 23.78 -40.16 16.86
C ASN C 120 24.18 -39.33 15.64
N VAL C 121 24.33 -38.02 15.80
CA VAL C 121 24.71 -37.15 14.69
C VAL C 121 26.23 -37.03 14.65
N PHE C 122 26.80 -37.17 13.45
CA PHE C 122 28.24 -37.07 13.25
C PHE C 122 28.52 -36.25 11.99
N PRO C 123 29.65 -35.56 11.95
CA PRO C 123 30.07 -34.91 10.70
C PRO C 123 30.83 -35.89 9.82
N PRO C 124 30.93 -35.62 8.53
CA PRO C 124 31.59 -36.55 7.62
C PRO C 124 33.11 -36.33 7.53
N GLU C 125 33.79 -37.39 7.14
CA GLU C 125 35.22 -37.34 6.82
C GLU C 125 35.37 -37.38 5.30
N VAL C 126 36.19 -36.48 4.77
CA VAL C 126 36.36 -36.29 3.34
C VAL C 126 37.76 -36.74 2.94
N ALA C 127 37.83 -37.66 1.98
CA ALA C 127 39.09 -38.16 1.46
C ALA C 127 39.11 -38.03 -0.05
N VAL C 128 40.28 -37.72 -0.60
CA VAL C 128 40.48 -37.55 -2.04
C VAL C 128 41.47 -38.59 -2.51
N PHE C 129 41.08 -39.34 -3.54
CA PHE C 129 41.90 -40.37 -4.16
C PHE C 129 42.28 -39.91 -5.56
N GLU C 130 43.59 -39.93 -5.84
CA GLU C 130 44.24 -39.47 -7.06
C GLU C 130 44.02 -40.48 -8.19
N PRO C 131 44.02 -40.02 -9.44
CA PRO C 131 43.76 -40.92 -10.56
C PRO C 131 44.81 -42.01 -10.69
N SER C 132 44.38 -43.17 -11.16
CA SER C 132 45.30 -44.26 -11.45
C SER C 132 46.07 -43.97 -12.72
N GLU C 133 47.36 -44.34 -12.72
CA GLU C 133 48.18 -44.12 -13.91
C GLU C 133 47.69 -44.94 -15.10
N ALA C 134 47.06 -46.09 -14.83
CA ALA C 134 46.55 -46.92 -15.91
C ALA C 134 45.48 -46.20 -16.73
N GLU C 135 44.58 -45.48 -16.05
CA GLU C 135 43.54 -44.76 -16.77
C GLU C 135 44.13 -43.63 -17.62
N ILE C 136 45.17 -42.97 -17.11
CA ILE C 136 45.84 -41.93 -17.89
C ILE C 136 46.49 -42.54 -19.13
N SER C 137 47.17 -43.68 -18.97
CA SER C 137 47.82 -44.32 -20.09
C SER C 137 46.81 -44.86 -21.11
N HIS C 138 45.62 -45.24 -20.64
CA HIS C 138 44.65 -45.93 -21.49
C HIS C 138 43.70 -44.97 -22.21
N THR C 139 43.20 -43.95 -21.52
CA THR C 139 42.21 -43.05 -22.08
C THR C 139 42.67 -41.61 -22.21
N GLN C 140 43.86 -41.27 -21.71
CA GLN C 140 44.36 -39.89 -21.69
C GLN C 140 43.39 -38.98 -20.93
N LYS C 141 42.77 -39.53 -19.88
CA LYS C 141 41.83 -38.81 -19.04
C LYS C 141 42.05 -39.23 -17.59
N ALA C 142 41.91 -38.27 -16.67
CA ALA C 142 42.19 -38.49 -15.26
C ALA C 142 40.90 -38.31 -14.45
N THR C 143 40.65 -39.26 -13.54
CA THR C 143 39.47 -39.27 -12.70
C THR C 143 39.90 -39.18 -11.24
N LEU C 144 39.42 -38.16 -10.54
CA LEU C 144 39.65 -37.96 -9.13
C LEU C 144 38.40 -38.33 -8.35
N VAL C 145 38.58 -39.05 -7.24
CA VAL C 145 37.46 -39.60 -6.48
C VAL C 145 37.42 -38.94 -5.11
N CYS C 146 36.24 -38.48 -4.71
CA CYS C 146 36.01 -37.95 -3.37
C CYS C 146 35.07 -38.88 -2.62
N LEU C 147 35.47 -39.29 -1.43
CA LEU C 147 34.67 -40.16 -0.58
C LEU C 147 34.40 -39.46 0.74
N ALA C 148 33.13 -39.34 1.11
CA ALA C 148 32.72 -38.79 2.39
C ALA C 148 32.04 -39.89 3.20
N THR C 149 32.51 -40.10 4.42
CA THR C 149 32.05 -41.22 5.22
C THR C 149 31.68 -40.77 6.62
N GLY C 150 30.72 -41.48 7.22
CA GLY C 150 30.47 -41.32 8.64
C GLY C 150 29.60 -40.14 9.02
N PHE C 151 28.62 -39.79 8.20
CA PHE C 151 27.64 -38.76 8.54
C PHE C 151 26.27 -39.40 8.63
N TYR C 152 25.59 -39.20 9.76
CA TYR C 152 24.27 -39.79 9.95
C TYR C 152 23.18 -38.97 9.26
N PRO C 153 23.12 -37.65 9.43
CA PRO C 153 22.09 -36.88 8.71
C PRO C 153 22.47 -36.72 7.24
N ASP C 154 21.67 -37.30 6.35
CA ASP C 154 21.93 -37.21 4.91
C ASP C 154 21.48 -35.82 4.44
N HIS C 155 22.24 -34.81 4.85
CA HIS C 155 21.99 -33.43 4.49
C HIS C 155 23.30 -32.74 4.13
N VAL C 156 24.09 -33.40 3.29
CA VAL C 156 25.38 -32.88 2.87
C VAL C 156 25.26 -32.34 1.45
N GLU C 157 26.17 -31.45 1.08
CA GLU C 157 26.22 -30.91 -0.27
C GLU C 157 27.66 -30.92 -0.74
N LEU C 158 27.96 -31.71 -1.75
CA LEU C 158 29.33 -31.89 -2.22
C LEU C 158 29.59 -31.02 -3.45
N SER C 159 30.82 -30.54 -3.56
CA SER C 159 31.21 -29.73 -4.70
C SER C 159 32.71 -29.87 -4.93
N TRP C 160 33.14 -29.47 -6.12
CA TRP C 160 34.54 -29.51 -6.51
C TRP C 160 35.01 -28.10 -6.87
N TRP C 161 36.25 -27.79 -6.51
CA TRP C 161 36.84 -26.48 -6.72
C TRP C 161 38.24 -26.67 -7.30
N VAL C 162 38.44 -26.27 -8.55
CA VAL C 162 39.76 -26.27 -9.15
C VAL C 162 40.29 -24.84 -9.16
N ASN C 163 41.51 -24.67 -8.65
CA ASN C 163 42.12 -23.35 -8.47
C ASN C 163 41.16 -22.41 -7.73
N GLY C 164 40.46 -22.95 -6.73
CA GLY C 164 39.51 -22.17 -5.96
C GLY C 164 38.31 -21.67 -6.73
N LYS C 165 37.81 -22.45 -7.69
CA LYS C 165 36.65 -22.06 -8.47
C LYS C 165 35.69 -23.23 -8.60
N GLU C 166 34.40 -22.98 -8.36
CA GLU C 166 33.40 -24.03 -8.43
C GLU C 166 33.24 -24.50 -9.87
N VAL C 167 33.20 -25.82 -10.07
CA VAL C 167 33.14 -26.43 -11.38
C VAL C 167 31.85 -27.22 -11.51
N HIS C 168 31.17 -27.06 -12.65
CA HIS C 168 29.96 -27.81 -12.95
C HIS C 168 30.13 -28.78 -14.11
N SER C 169 31.16 -28.61 -14.93
CA SER C 169 31.46 -29.55 -16.01
C SER C 169 32.36 -30.66 -15.48
N GLY C 170 32.13 -31.88 -15.96
CA GLY C 170 32.96 -33.00 -15.55
C GLY C 170 32.87 -33.38 -14.09
N VAL C 171 31.71 -33.16 -13.46
CA VAL C 171 31.51 -33.50 -12.07
C VAL C 171 30.26 -34.37 -11.94
N CYS C 172 30.37 -35.45 -11.18
CA CYS C 172 29.25 -36.35 -10.90
C CYS C 172 29.22 -36.63 -9.41
N THR C 173 28.04 -36.54 -8.81
CA THR C 173 27.86 -36.80 -7.39
C THR C 173 26.74 -37.81 -7.23
N ASP C 174 26.97 -38.82 -6.39
CA ASP C 174 26.00 -39.87 -6.21
C ASP C 174 24.69 -39.30 -5.66
N PRO C 175 23.53 -39.70 -6.19
CA PRO C 175 22.27 -39.11 -5.73
C PRO C 175 21.72 -39.74 -4.47
N GLN C 176 22.09 -40.98 -4.14
CA GLN C 176 21.61 -41.66 -2.95
C GLN C 176 22.81 -42.14 -2.14
N PRO C 177 22.93 -41.74 -0.88
CA PRO C 177 24.00 -42.29 -0.03
C PRO C 177 23.70 -43.73 0.34
N LEU C 178 24.72 -44.40 0.87
CA LEU C 178 24.62 -45.79 1.28
C LEU C 178 24.99 -45.94 2.75
N LYS C 179 24.46 -46.98 3.37
CA LYS C 179 24.61 -47.21 4.81
C LYS C 179 25.75 -48.19 5.08
N GLU C 180 26.59 -47.85 6.06
CA GLU C 180 27.62 -48.80 6.49
C GLU C 180 26.99 -50.05 7.08
N GLN C 181 25.92 -49.90 7.86
CA GLN C 181 25.23 -51.02 8.49
C GLN C 181 23.81 -51.10 7.96
N PRO C 182 23.55 -51.95 6.96
CA PRO C 182 22.18 -52.05 6.41
C PRO C 182 21.15 -52.57 7.39
N ALA C 183 21.56 -53.25 8.46
CA ALA C 183 20.63 -53.85 9.41
C ALA C 183 20.34 -52.93 10.59
N LEU C 184 20.84 -51.70 10.59
CA LEU C 184 20.64 -50.77 11.68
C LEU C 184 19.54 -49.78 11.32
N ASN C 185 18.62 -49.54 12.27
CA ASN C 185 17.57 -48.54 12.04
C ASN C 185 18.18 -47.16 11.89
N ASP C 186 19.16 -46.83 12.72
CA ASP C 186 19.86 -45.54 12.68
C ASP C 186 21.32 -45.83 12.29
N SER C 187 21.57 -45.84 10.99
CA SER C 187 22.89 -46.13 10.43
C SER C 187 23.47 -44.89 9.78
N ARG C 188 24.80 -44.85 9.70
CA ARG C 188 25.52 -43.72 9.13
C ARG C 188 25.67 -43.90 7.63
N TYR C 189 26.09 -42.83 6.95
CA TYR C 189 26.07 -42.78 5.50
C TYR C 189 27.45 -42.54 4.91
N ALA C 190 27.60 -42.96 3.66
CA ALA C 190 28.77 -42.69 2.85
C ALA C 190 28.32 -42.27 1.46
N LEU C 191 29.09 -41.36 0.85
CA LEU C 191 28.78 -40.79 -0.45
C LEU C 191 30.06 -40.64 -1.25
N SER C 192 29.92 -40.71 -2.58
CA SER C 192 31.07 -40.66 -3.47
C SER C 192 30.79 -39.67 -4.61
N SER C 193 31.86 -39.04 -5.10
CA SER C 193 31.80 -38.13 -6.22
C SER C 193 33.03 -38.29 -7.08
N ARG C 194 32.90 -37.94 -8.36
CA ARG C 194 33.97 -38.11 -9.34
C ARG C 194 34.13 -36.84 -10.17
N LEU C 195 35.38 -36.43 -10.38
CA LEU C 195 35.70 -35.34 -11.30
C LEU C 195 36.66 -35.87 -12.36
N ARG C 196 36.30 -35.72 -13.62
CA ARG C 196 37.13 -36.19 -14.73
C ARG C 196 37.59 -35.02 -15.57
N VAL C 197 38.89 -34.99 -15.86
CA VAL C 197 39.51 -33.90 -16.63
C VAL C 197 40.52 -34.54 -17.59
N SER C 198 40.98 -33.77 -18.56
CA SER C 198 42.04 -34.25 -19.44
C SER C 198 43.29 -34.54 -18.64
N ALA C 199 43.97 -35.65 -18.98
CA ALA C 199 45.15 -36.05 -18.23
C ALA C 199 46.25 -35.00 -18.28
N THR C 200 46.34 -34.25 -19.38
CA THR C 200 47.31 -33.15 -19.45
C THR C 200 47.02 -32.10 -18.39
N PHE C 201 45.73 -31.79 -18.19
CA PHE C 201 45.35 -30.80 -17.18
C PHE C 201 45.70 -31.28 -15.78
N TRP C 202 45.45 -32.57 -15.49
CA TRP C 202 45.79 -33.10 -14.17
C TRP C 202 47.30 -33.13 -13.95
N GLN C 203 48.06 -33.52 -14.98
CA GLN C 203 49.51 -33.63 -14.84
C GLN C 203 50.20 -32.28 -14.60
N ASN C 204 49.50 -31.18 -14.84
CA ASN C 204 50.06 -29.86 -14.53
C ASN C 204 50.11 -29.70 -13.02
N PRO C 205 51.29 -29.50 -12.43
CA PRO C 205 51.37 -29.39 -10.97
C PRO C 205 50.82 -28.08 -10.43
N ARG C 206 50.66 -27.06 -11.26
CA ARG C 206 50.07 -25.81 -10.79
C ARG C 206 48.61 -25.97 -10.44
N ASN C 207 47.90 -26.87 -11.13
CA ASN C 207 46.48 -27.03 -10.93
C ASN C 207 46.20 -27.63 -9.56
N HIS C 208 45.30 -27.01 -8.82
CA HIS C 208 44.93 -27.43 -7.48
C HIS C 208 43.48 -27.88 -7.49
N PHE C 209 43.24 -29.09 -6.98
CA PHE C 209 41.89 -29.66 -6.94
C PHE C 209 41.47 -29.81 -5.49
N ARG C 210 40.20 -29.49 -5.21
CA ARG C 210 39.68 -29.56 -3.86
C ARG C 210 38.26 -30.10 -3.89
N CYS C 211 37.95 -31.00 -2.97
CA CYS C 211 36.60 -31.51 -2.79
C CYS C 211 36.07 -30.96 -1.47
N GLN C 212 34.93 -30.28 -1.54
CA GLN C 212 34.37 -29.55 -0.42
C GLN C 212 32.96 -30.05 -0.14
N VAL C 213 32.73 -30.51 1.09
CA VAL C 213 31.43 -30.98 1.52
C VAL C 213 30.89 -29.99 2.55
N GLN C 214 29.85 -29.26 2.17
CA GLN C 214 29.10 -28.43 3.09
C GLN C 214 28.18 -29.34 3.90
N PHE C 215 28.50 -29.50 5.18
CA PHE C 215 27.71 -30.34 6.09
C PHE C 215 26.74 -29.44 6.85
N TYR C 216 25.48 -29.85 6.86
CA TYR C 216 24.42 -29.10 7.55
C TYR C 216 24.16 -29.81 8.88
N GLY C 217 24.48 -29.12 9.97
CA GLY C 217 24.34 -29.67 11.32
C GLY C 217 23.56 -28.73 12.20
N LEU C 218 24.05 -28.58 13.43
CA LEU C 218 23.39 -27.75 14.43
C LEU C 218 23.88 -26.31 14.33
N SER C 219 23.24 -25.43 15.09
CA SER C 219 23.62 -24.03 15.18
C SER C 219 24.17 -23.72 16.57
N GLU C 220 24.67 -22.50 16.74
CA GLU C 220 25.16 -22.07 18.04
C GLU C 220 24.02 -21.95 19.06
N ASN C 221 22.78 -21.83 18.59
CA ASN C 221 21.63 -21.83 19.50
C ASN C 221 21.53 -23.15 20.24
N ASP C 222 21.81 -24.25 19.55
CA ASP C 222 21.76 -25.57 20.17
C ASP C 222 22.91 -25.75 21.15
N GLU C 223 22.66 -26.55 22.19
CA GLU C 223 23.64 -26.87 23.22
C GLU C 223 24.13 -28.30 23.03
N TRP C 224 25.37 -28.54 23.48
CA TRP C 224 26.01 -29.83 23.34
C TRP C 224 26.65 -30.24 24.65
N THR C 225 26.52 -31.53 24.99
CA THR C 225 26.93 -32.04 26.30
C THR C 225 27.71 -33.34 26.18
N GLN C 226 28.43 -33.54 25.08
CA GLN C 226 29.18 -34.76 24.86
C GLN C 226 30.68 -34.52 25.05
N ASP C 227 31.39 -35.62 25.25
CA ASP C 227 32.85 -35.57 25.19
C ASP C 227 33.36 -35.18 23.82
N ARG C 228 32.57 -35.42 22.78
CA ARG C 228 33.02 -35.22 21.40
C ARG C 228 32.85 -33.75 21.03
N ALA C 229 33.16 -33.44 19.77
CA ALA C 229 33.00 -32.08 19.28
C ALA C 229 31.53 -31.82 18.99
N LYS C 230 31.22 -30.59 18.60
CA LYS C 230 29.83 -30.22 18.32
C LYS C 230 29.58 -30.29 16.83
N PRO C 231 28.74 -31.19 16.34
CA PRO C 231 28.50 -31.29 14.89
C PRO C 231 27.71 -30.10 14.37
N VAL C 232 28.36 -28.94 14.38
CA VAL C 232 27.75 -27.72 13.86
C VAL C 232 27.78 -27.74 12.33
N THR C 233 26.91 -26.95 11.72
CA THR C 233 26.98 -26.74 10.27
C THR C 233 28.34 -26.18 9.92
N GLN C 234 29.00 -26.81 8.95
CA GLN C 234 30.40 -26.52 8.68
C GLN C 234 30.73 -26.91 7.25
N ILE C 235 32.00 -26.78 6.90
CA ILE C 235 32.52 -27.16 5.60
C ILE C 235 33.75 -28.02 5.84
N VAL C 236 33.66 -29.30 5.47
CA VAL C 236 34.81 -30.20 5.51
C VAL C 236 35.41 -30.23 4.11
N SER C 237 36.70 -30.52 4.01
CA SER C 237 37.35 -30.43 2.71
C SER C 237 38.56 -31.33 2.64
N ALA C 238 38.96 -31.63 1.40
CA ALA C 238 40.21 -32.32 1.13
C ALA C 238 40.74 -31.80 -0.21
N GLU C 239 42.03 -31.98 -0.45
CA GLU C 239 42.63 -31.38 -1.64
C GLU C 239 43.78 -32.21 -2.14
N ALA C 240 44.21 -31.88 -3.37
CA ALA C 240 45.33 -32.53 -4.02
C ALA C 240 45.88 -31.58 -5.09
N TRP C 241 47.09 -31.89 -5.54
CA TRP C 241 47.77 -31.09 -6.55
C TRP C 241 48.18 -32.00 -7.71
N GLY C 242 48.44 -31.37 -8.86
CA GLY C 242 48.78 -32.13 -10.04
C GLY C 242 50.14 -32.82 -9.91
N ARG C 243 50.23 -34.02 -10.49
CA ARG C 243 51.46 -34.80 -10.50
C ARG C 243 51.84 -35.07 -11.95
N ALA C 244 53.05 -34.64 -12.33
CA ALA C 244 53.53 -34.81 -13.69
C ALA C 244 54.23 -36.13 -13.93
N ASP C 245 54.48 -36.91 -12.88
CA ASP C 245 55.16 -38.20 -12.98
C ASP C 245 56.49 -38.08 -13.73
N ASP D 2 -11.22 -33.44 -6.48
CA ASP D 2 -10.74 -33.85 -7.80
C ASP D 2 -9.48 -34.70 -7.64
N LYS D 3 -9.30 -35.70 -8.51
CA LYS D 3 -8.18 -36.62 -8.36
C LYS D 3 -7.33 -36.63 -9.63
N VAL D 4 -6.02 -36.79 -9.42
CA VAL D 4 -5.03 -36.86 -10.50
C VAL D 4 -4.12 -38.05 -10.24
N THR D 5 -4.01 -38.93 -11.22
CA THR D 5 -3.26 -40.18 -11.09
C THR D 5 -2.28 -40.32 -12.25
N GLN D 6 -1.04 -40.66 -11.94
CA GLN D 6 -0.02 -40.95 -12.95
C GLN D 6 0.22 -42.45 -12.95
N SER D 7 -0.41 -43.15 -13.91
CA SER D 7 -0.31 -44.60 -13.98
C SER D 7 1.05 -45.08 -14.46
N SER D 8 1.80 -44.22 -15.14
CA SER D 8 3.09 -44.64 -15.69
C SER D 8 4.07 -44.95 -14.57
N PRO D 9 4.73 -46.11 -14.60
CA PRO D 9 5.78 -46.40 -13.62
C PRO D 9 7.08 -45.70 -13.99
N ASP D 10 8.05 -45.81 -13.07
CA ASP D 10 9.35 -45.20 -13.29
C ASP D 10 10.07 -45.89 -14.44
N GLN D 11 10.60 -45.09 -15.37
CA GLN D 11 11.15 -45.64 -16.60
C GLN D 11 12.56 -45.11 -16.85
N THR D 12 13.39 -45.97 -17.43
CA THR D 12 14.73 -45.61 -17.89
C THR D 12 14.75 -45.71 -19.42
N VAL D 13 15.12 -44.60 -20.06
CA VAL D 13 15.14 -44.51 -21.52
C VAL D 13 16.54 -44.18 -22.00
N ALA D 14 16.72 -44.11 -23.31
CA ALA D 14 18.00 -43.76 -23.92
C ALA D 14 18.01 -42.30 -24.31
N SER D 15 19.20 -41.81 -24.66
CA SER D 15 19.40 -40.41 -25.03
C SER D 15 18.84 -40.03 -26.39
N GLY D 16 18.07 -40.91 -27.05
CA GLY D 16 17.52 -40.58 -28.36
C GLY D 16 16.10 -41.10 -28.54
N SER D 17 15.56 -41.76 -27.52
CA SER D 17 14.22 -42.33 -27.60
C SER D 17 13.16 -41.24 -27.46
N GLU D 18 11.90 -41.67 -27.44
CA GLU D 18 10.76 -40.80 -27.14
C GLU D 18 10.11 -41.29 -25.86
N VAL D 19 9.79 -40.34 -24.97
CA VAL D 19 9.26 -40.66 -23.64
C VAL D 19 7.82 -40.20 -23.56
N VAL D 20 6.93 -41.09 -23.13
CA VAL D 20 5.53 -40.80 -22.91
C VAL D 20 5.23 -40.96 -21.42
N LEU D 21 4.59 -39.95 -20.84
CA LEU D 21 4.22 -39.94 -19.43
C LEU D 21 2.70 -39.83 -19.34
N LEU D 22 2.10 -40.77 -18.61
CA LEU D 22 0.65 -40.94 -18.57
C LEU D 22 0.08 -40.26 -17.33
N CYS D 23 -0.88 -39.36 -17.55
CA CYS D 23 -1.55 -38.66 -16.45
C CYS D 23 -3.03 -38.60 -16.76
N THR D 24 -3.85 -39.01 -15.78
CA THR D 24 -5.30 -39.01 -15.92
C THR D 24 -5.93 -38.20 -14.80
N TYR D 25 -6.91 -37.37 -15.16
CA TYR D 25 -7.52 -36.45 -14.22
C TYR D 25 -9.04 -36.62 -14.22
N ASP D 26 -9.64 -36.54 -13.04
CA ASP D 26 -11.09 -36.44 -12.91
C ASP D 26 -11.41 -35.21 -12.07
N THR D 27 -12.09 -34.25 -12.70
CA THR D 27 -12.48 -32.99 -12.08
C THR D 27 -13.89 -32.65 -12.52
N VAL D 28 -14.59 -31.87 -11.69
CA VAL D 28 -15.92 -31.42 -12.05
C VAL D 28 -15.85 -30.31 -13.11
N TYR D 29 -14.71 -29.66 -13.25
CA TYR D 29 -14.60 -28.52 -14.15
C TYR D 29 -14.75 -28.96 -15.60
N SER D 30 -15.45 -28.14 -16.39
CA SER D 30 -15.65 -28.43 -17.80
C SER D 30 -14.38 -28.16 -18.61
N ASN D 31 -13.64 -27.11 -18.26
CA ASN D 31 -12.42 -26.72 -18.95
C ASN D 31 -11.32 -26.52 -17.92
N PRO D 32 -10.81 -27.59 -17.35
CA PRO D 32 -9.81 -27.46 -16.28
C PRO D 32 -8.47 -27.00 -16.82
N ASP D 33 -7.69 -26.39 -15.92
CA ASP D 33 -6.32 -26.00 -16.22
C ASP D 33 -5.39 -27.12 -15.77
N LEU D 34 -4.67 -27.72 -16.72
CA LEU D 34 -3.78 -28.82 -16.39
C LEU D 34 -2.33 -28.41 -16.59
N PHE D 35 -1.44 -28.98 -15.79
CA PHE D 35 -0.06 -28.57 -15.77
C PHE D 35 0.85 -29.79 -15.66
N TRP D 36 2.04 -29.67 -16.26
CA TRP D 36 3.12 -30.62 -16.12
C TRP D 36 4.33 -29.87 -15.58
N TYR D 37 4.84 -30.33 -14.44
CA TYR D 37 6.00 -29.79 -13.75
C TYR D 37 7.01 -30.91 -13.54
N ARG D 38 8.23 -30.53 -13.14
CA ARG D 38 9.27 -31.52 -12.87
C ARG D 38 10.12 -31.09 -11.69
N ILE D 39 10.67 -32.09 -11.00
CA ILE D 39 11.65 -31.88 -9.94
C ILE D 39 12.95 -32.55 -10.41
N ARG D 40 14.00 -31.75 -10.52
CA ARG D 40 15.32 -32.24 -10.91
C ARG D 40 16.05 -32.78 -9.69
N PRO D 41 17.14 -33.53 -9.89
CA PRO D 41 17.93 -34.00 -8.74
C PRO D 41 18.44 -32.86 -7.86
N ASP D 42 18.67 -31.68 -8.43
CA ASP D 42 19.00 -30.51 -7.62
C ASP D 42 17.76 -29.88 -6.98
N TYR D 43 16.62 -30.57 -7.03
CA TYR D 43 15.37 -30.15 -6.41
C TYR D 43 14.79 -28.88 -7.01
N SER D 44 15.17 -28.56 -8.24
CA SER D 44 14.59 -27.42 -8.93
C SER D 44 13.16 -27.74 -9.38
N PHE D 45 12.22 -26.90 -8.97
CA PHE D 45 10.80 -27.06 -9.29
C PHE D 45 10.48 -26.15 -10.47
N GLN D 46 10.24 -26.74 -11.64
CA GLN D 46 10.06 -25.96 -12.86
C GLN D 46 8.80 -26.36 -13.59
N PHE D 47 8.23 -25.37 -14.28
CA PHE D 47 7.02 -25.53 -15.07
C PHE D 47 7.39 -26.04 -16.46
N VAL D 48 6.76 -27.13 -16.90
CA VAL D 48 7.09 -27.71 -18.19
C VAL D 48 6.03 -27.33 -19.22
N PHE D 49 4.76 -27.66 -18.93
CA PHE D 49 3.72 -27.43 -19.93
C PHE D 49 2.41 -27.11 -19.24
N TYR D 50 1.56 -26.34 -19.93
CA TYR D 50 0.21 -26.06 -19.46
C TYR D 50 -0.76 -26.36 -20.60
N GLY D 51 -1.83 -27.07 -20.28
CA GLY D 51 -2.84 -27.43 -21.25
C GLY D 51 -4.26 -27.30 -20.74
N ASP D 52 -5.08 -26.54 -21.44
CA ASP D 52 -6.52 -26.57 -21.30
C ASP D 52 -7.09 -27.39 -22.46
N ASN D 53 -8.42 -27.45 -22.56
CA ASN D 53 -9.04 -28.23 -23.63
C ASN D 53 -8.76 -27.63 -25.02
N SER D 54 -8.51 -26.33 -25.10
CA SER D 54 -8.43 -25.66 -26.40
C SER D 54 -7.07 -25.08 -26.75
N ARG D 55 -6.12 -25.02 -25.82
CA ARG D 55 -4.83 -24.40 -26.10
C ARG D 55 -3.79 -24.96 -25.15
N SER D 56 -2.52 -24.70 -25.46
CA SER D 56 -1.42 -25.14 -24.61
C SER D 56 -0.27 -24.16 -24.74
N GLU D 57 0.46 -23.98 -23.64
CA GLU D 57 1.63 -23.11 -23.61
C GLU D 57 2.75 -23.81 -22.85
N GLY D 58 3.95 -23.82 -23.44
CA GLY D 58 5.09 -24.52 -22.89
C GLY D 58 6.17 -23.58 -22.40
N ALA D 59 7.08 -24.15 -21.62
CA ALA D 59 8.22 -23.41 -21.11
C ALA D 59 9.19 -23.08 -22.24
N ASP D 60 10.06 -22.09 -21.98
CA ASP D 60 11.01 -21.67 -23.01
C ASP D 60 12.10 -22.70 -23.24
N PHE D 61 12.42 -23.50 -22.21
CA PHE D 61 13.50 -24.47 -22.30
C PHE D 61 13.12 -25.73 -23.07
N THR D 62 11.85 -25.93 -23.39
CA THR D 62 11.45 -27.13 -24.12
C THR D 62 12.05 -27.16 -25.53
N GLN D 63 12.00 -26.03 -26.23
CA GLN D 63 12.55 -25.91 -27.59
C GLN D 63 11.93 -26.95 -28.52
N GLY D 64 10.61 -27.10 -28.43
CA GLY D 64 9.89 -28.00 -29.30
C GLY D 64 10.09 -29.47 -29.01
N ARG D 65 10.93 -29.81 -28.02
CA ARG D 65 11.17 -31.18 -27.65
C ARG D 65 10.07 -31.75 -26.75
N PHE D 66 9.21 -30.89 -26.22
CA PHE D 66 8.10 -31.31 -25.36
C PHE D 66 6.79 -30.99 -26.05
N SER D 67 5.84 -31.91 -25.94
CA SER D 67 4.49 -31.72 -26.45
C SER D 67 3.52 -32.39 -25.51
N VAL D 68 2.25 -32.08 -25.68
CA VAL D 68 1.20 -32.60 -24.80
C VAL D 68 0.12 -33.25 -25.66
N LYS D 69 -0.32 -34.42 -25.25
CA LYS D 69 -1.42 -35.14 -25.88
C LYS D 69 -2.61 -35.03 -24.93
N HIS D 70 -3.49 -34.08 -25.20
CA HIS D 70 -4.68 -33.85 -24.40
C HIS D 70 -5.88 -34.37 -25.16
N ILE D 71 -6.44 -35.49 -24.71
CA ILE D 71 -7.61 -36.08 -25.32
C ILE D 71 -8.75 -36.00 -24.32
N LEU D 72 -9.80 -35.27 -24.71
CA LEU D 72 -10.93 -35.02 -23.82
C LEU D 72 -11.76 -36.26 -23.58
N THR D 73 -11.94 -37.09 -24.62
CA THR D 73 -12.83 -38.24 -24.52
C THR D 73 -12.35 -39.22 -23.45
N GLN D 74 -11.04 -39.46 -23.39
CA GLN D 74 -10.47 -40.35 -22.40
C GLN D 74 -10.02 -39.63 -21.14
N LYS D 75 -10.26 -38.31 -21.05
CA LYS D 75 -9.84 -37.50 -19.90
C LYS D 75 -8.35 -37.64 -19.64
N ALA D 76 -7.55 -37.62 -20.72
CA ALA D 76 -6.14 -37.94 -20.61
C ALA D 76 -5.29 -36.74 -20.99
N PHE D 77 -4.21 -36.54 -20.22
CA PHE D 77 -3.27 -35.44 -20.39
C PHE D 77 -1.86 -36.03 -20.33
N HIS D 78 -1.34 -36.46 -21.47
CA HIS D 78 -0.06 -37.14 -21.54
C HIS D 78 1.03 -36.17 -21.98
N LEU D 79 2.25 -36.41 -21.49
CA LEU D 79 3.40 -35.59 -21.85
C LEU D 79 4.37 -36.41 -22.70
N VAL D 80 4.79 -35.85 -23.83
CA VAL D 80 5.68 -36.55 -24.75
C VAL D 80 6.94 -35.73 -24.98
N ILE D 81 8.09 -36.37 -24.82
CA ILE D 81 9.39 -35.79 -25.12
C ILE D 81 9.97 -36.58 -26.29
N SER D 82 9.99 -35.96 -27.47
CA SER D 82 10.47 -36.70 -28.64
C SER D 82 12.00 -36.77 -28.68
N PRO D 83 12.76 -35.65 -28.72
CA PRO D 83 14.22 -35.77 -28.50
C PRO D 83 14.57 -35.73 -27.02
N VAL D 84 14.60 -36.87 -26.33
CA VAL D 84 14.88 -36.89 -24.90
C VAL D 84 16.40 -36.93 -24.71
N ARG D 85 16.89 -36.08 -23.83
CA ARG D 85 18.31 -35.97 -23.52
C ARG D 85 18.57 -36.39 -22.08
N THR D 86 19.85 -36.55 -21.75
CA THR D 86 20.23 -36.89 -20.39
C THR D 86 19.96 -35.76 -19.41
N GLU D 87 19.83 -34.53 -19.91
CA GLU D 87 19.57 -33.38 -19.05
C GLU D 87 18.15 -33.38 -18.49
N ASP D 88 17.28 -34.26 -18.96
CA ASP D 88 15.89 -34.29 -18.55
C ASP D 88 15.58 -35.40 -17.55
N SER D 89 16.59 -36.08 -17.01
CA SER D 89 16.37 -37.11 -16.01
C SER D 89 15.84 -36.45 -14.74
N ALA D 90 14.58 -36.74 -14.39
CA ALA D 90 13.96 -36.04 -13.28
C ALA D 90 12.66 -36.75 -12.90
N THR D 91 12.04 -36.30 -11.82
CA THR D 91 10.75 -36.82 -11.40
C THR D 91 9.67 -35.85 -11.84
N TYR D 92 8.78 -36.31 -12.72
CA TYR D 92 7.78 -35.46 -13.34
C TYR D 92 6.43 -35.64 -12.65
N TYR D 93 5.74 -34.53 -12.45
CA TYR D 93 4.44 -34.50 -11.80
C TYR D 93 3.46 -33.76 -12.71
N CYS D 94 2.19 -34.16 -12.63
CA CYS D 94 1.12 -33.47 -13.32
C CYS D 94 0.11 -33.00 -12.29
N ALA D 95 -0.51 -31.85 -12.56
CA ALA D 95 -1.32 -31.19 -11.56
C ALA D 95 -2.51 -30.50 -12.21
N THR D 96 -3.48 -30.16 -11.39
CA THR D 96 -4.65 -29.41 -11.81
C THR D 96 -4.90 -28.25 -10.85
N ARG D 97 -5.49 -27.19 -11.38
CA ARG D 97 -5.74 -25.96 -10.64
C ARG D 97 -7.18 -25.95 -10.13
N LEU D 98 -7.34 -25.75 -8.82
CA LEU D 98 -8.65 -25.69 -8.19
C LEU D 98 -9.05 -24.23 -8.02
N TRP D 99 -10.17 -23.83 -8.63
CA TRP D 99 -10.63 -22.46 -8.41
C TRP D 99 -11.07 -22.32 -6.96
N LEU D 100 -10.37 -21.48 -6.20
CA LEU D 100 -10.72 -21.21 -4.80
C LEU D 100 -10.74 -19.69 -4.60
N GLY D 101 -11.88 -19.07 -4.91
CA GLY D 101 -12.07 -17.64 -4.71
C GLY D 101 -11.35 -16.77 -5.73
N ASP D 102 -10.16 -16.29 -5.36
CA ASP D 102 -9.34 -15.42 -6.18
C ASP D 102 -8.28 -16.22 -6.94
N PRO D 103 -7.96 -15.85 -8.18
CA PRO D 103 -6.99 -16.64 -8.95
C PRO D 103 -5.64 -16.83 -8.28
N HIS D 104 -5.15 -15.81 -7.57
CA HIS D 104 -3.87 -15.93 -6.89
C HIS D 104 -3.96 -16.74 -5.60
N THR D 105 -5.16 -17.18 -5.21
CA THR D 105 -5.34 -18.06 -4.05
C THR D 105 -5.52 -19.53 -4.44
N ASP D 106 -5.43 -19.86 -5.72
CA ASP D 106 -5.73 -21.20 -6.19
C ASP D 106 -4.68 -22.21 -5.75
N LYS D 107 -5.11 -23.46 -5.64
CA LYS D 107 -4.26 -24.56 -5.23
C LYS D 107 -4.02 -25.47 -6.42
N LEU D 108 -2.88 -26.15 -6.42
CA LEU D 108 -2.55 -27.16 -7.43
C LEU D 108 -2.52 -28.52 -6.75
N ILE D 109 -3.14 -29.51 -7.40
CA ILE D 109 -3.18 -30.87 -6.91
C ILE D 109 -2.39 -31.74 -7.86
N PHE D 110 -1.40 -32.46 -7.32
CA PHE D 110 -0.38 -33.15 -8.09
C PHE D 110 -0.59 -34.67 -8.05
N GLY D 111 0.00 -35.34 -9.04
CA GLY D 111 0.08 -36.79 -9.02
C GLY D 111 1.29 -37.29 -8.23
N LYS D 112 1.26 -38.57 -7.89
CA LYS D 112 2.31 -39.15 -7.05
C LYS D 112 3.69 -39.09 -7.71
N GLY D 113 3.75 -38.97 -9.03
CA GLY D 113 5.03 -38.72 -9.68
C GLY D 113 5.54 -39.91 -10.46
N THR D 114 6.05 -39.64 -11.66
CA THR D 114 6.71 -40.64 -12.49
C THR D 114 8.15 -40.22 -12.71
N ARG D 115 9.09 -41.12 -12.45
CA ARG D 115 10.51 -40.78 -12.48
C ARG D 115 11.14 -41.29 -13.77
N VAL D 116 11.91 -40.43 -14.43
CA VAL D 116 12.49 -40.72 -15.73
C VAL D 116 14.01 -40.64 -15.60
N THR D 117 14.69 -41.73 -15.94
CA THR D 117 16.14 -41.82 -15.91
C THR D 117 16.64 -42.01 -17.34
N VAL D 118 17.39 -41.04 -17.84
CA VAL D 118 17.87 -41.05 -19.22
C VAL D 118 19.31 -41.55 -19.19
N GLU D 119 19.50 -42.82 -19.53
CA GLU D 119 20.84 -43.37 -19.66
C GLU D 119 21.52 -42.84 -20.92
N PRO D 120 22.84 -42.73 -20.91
CA PRO D 120 23.56 -42.23 -22.10
C PRO D 120 23.87 -43.33 -23.09
N ASN D 121 24.29 -42.92 -24.28
CA ASN D 121 24.62 -43.81 -25.37
C ASN D 121 26.14 -43.83 -25.54
N ILE D 122 26.79 -44.83 -24.95
CA ILE D 122 28.24 -44.96 -25.04
C ILE D 122 28.58 -45.56 -26.40
N GLN D 123 29.13 -44.74 -27.29
CA GLN D 123 29.42 -45.21 -28.65
C GLN D 123 30.53 -46.24 -28.67
N ASN D 124 31.61 -46.00 -27.92
CA ASN D 124 32.76 -46.90 -27.87
C ASN D 124 32.98 -47.29 -26.42
N PRO D 125 32.29 -48.32 -25.93
CA PRO D 125 32.50 -48.75 -24.54
C PRO D 125 33.92 -49.26 -24.34
N ASP D 126 34.49 -48.90 -23.19
CA ASP D 126 35.84 -49.34 -22.80
C ASP D 126 35.81 -49.75 -21.35
N PRO D 127 35.06 -50.81 -21.01
CA PRO D 127 34.86 -51.15 -19.60
C PRO D 127 36.19 -51.47 -18.93
N ALA D 128 36.52 -50.69 -17.91
CA ALA D 128 37.80 -50.86 -17.23
C ALA D 128 37.62 -50.71 -15.73
N VAL D 129 38.43 -51.44 -14.97
CA VAL D 129 38.39 -51.42 -13.51
C VAL D 129 39.80 -51.06 -13.05
N TYR D 130 40.00 -49.80 -12.70
CA TYR D 130 41.29 -49.32 -12.21
C TYR D 130 41.30 -49.28 -10.68
N GLN D 131 42.50 -49.25 -10.12
CA GLN D 131 42.69 -49.07 -8.68
C GLN D 131 43.30 -47.70 -8.45
N LEU D 132 42.51 -46.78 -7.90
CA LEU D 132 43.01 -45.45 -7.61
C LEU D 132 43.76 -45.50 -6.27
N ARG D 133 45.02 -45.07 -6.28
CA ARG D 133 45.82 -45.16 -5.07
C ARG D 133 45.35 -44.12 -4.06
N ASP D 134 45.24 -44.54 -2.81
CA ASP D 134 44.70 -43.68 -1.77
C ASP D 134 45.71 -42.61 -1.37
N SER D 135 45.18 -41.45 -0.97
CA SER D 135 46.00 -40.47 -0.29
C SER D 135 46.34 -40.99 1.10
N LYS D 136 47.53 -40.61 1.60
CA LYS D 136 47.96 -41.13 2.90
C LYS D 136 47.09 -40.64 4.04
N SER D 137 46.12 -39.77 3.76
CA SER D 137 45.14 -39.38 4.77
C SER D 137 44.16 -40.50 5.08
N SER D 138 43.99 -41.48 4.18
CA SER D 138 43.07 -42.59 4.39
C SER D 138 43.73 -43.89 3.97
N ASP D 139 43.30 -44.99 4.58
CA ASP D 139 43.83 -46.32 4.29
C ASP D 139 42.99 -47.12 3.31
N LYS D 140 41.78 -46.67 3.01
CA LYS D 140 40.89 -47.44 2.14
C LYS D 140 41.41 -47.48 0.70
N SER D 141 41.17 -48.61 0.04
CA SER D 141 41.50 -48.77 -1.36
C SER D 141 40.25 -48.55 -2.19
N VAL D 142 40.42 -47.92 -3.35
CA VAL D 142 39.30 -47.52 -4.20
C VAL D 142 39.44 -48.18 -5.56
N CYS D 143 38.40 -48.89 -5.99
CA CYS D 143 38.34 -49.48 -7.32
C CYS D 143 37.26 -48.76 -8.11
N LEU D 144 37.62 -48.30 -9.31
CA LEU D 144 36.70 -47.57 -10.17
C LEU D 144 36.43 -48.37 -11.43
N PHE D 145 35.16 -48.63 -11.69
CA PHE D 145 34.70 -49.28 -12.92
C PHE D 145 34.08 -48.21 -13.80
N THR D 146 34.64 -48.00 -14.99
CA THR D 146 34.26 -46.87 -15.80
C THR D 146 34.31 -47.23 -17.28
N ASP D 147 33.74 -46.32 -18.08
CA ASP D 147 33.73 -46.39 -19.55
C ASP D 147 32.97 -47.62 -20.06
N PHE D 148 31.93 -48.04 -19.33
CA PHE D 148 31.07 -49.13 -19.76
C PHE D 148 29.78 -48.58 -20.34
N ASP D 149 29.07 -49.44 -21.07
CA ASP D 149 27.82 -49.04 -21.69
C ASP D 149 26.70 -49.06 -20.66
N SER D 150 25.68 -48.22 -20.90
CA SER D 150 24.57 -48.09 -19.96
C SER D 150 23.78 -49.39 -19.81
N GLN D 151 23.87 -50.30 -20.78
CA GLN D 151 23.12 -51.55 -20.70
C GLN D 151 23.60 -52.40 -19.53
N THR D 152 24.90 -52.39 -19.26
CA THR D 152 25.42 -53.11 -18.10
C THR D 152 24.88 -52.50 -16.82
N ASN D 153 24.34 -53.33 -15.95
CA ASN D 153 23.68 -52.89 -14.72
C ASN D 153 24.54 -53.27 -13.52
N VAL D 154 24.71 -52.33 -12.60
CA VAL D 154 25.58 -52.53 -11.45
C VAL D 154 24.79 -53.27 -10.36
N SER D 155 25.37 -54.38 -9.87
CA SER D 155 24.81 -55.12 -8.77
C SER D 155 25.50 -54.73 -7.46
N GLN D 156 24.75 -54.81 -6.36
CA GLN D 156 25.28 -54.39 -5.08
C GLN D 156 26.35 -55.36 -4.59
N SER D 157 26.96 -55.03 -3.45
CA SER D 157 28.07 -55.82 -2.94
C SER D 157 27.61 -57.20 -2.48
N LYS D 158 28.50 -58.18 -2.63
CA LYS D 158 28.20 -59.53 -2.17
C LYS D 158 28.05 -59.57 -0.65
N ASP D 159 28.91 -58.84 0.07
CA ASP D 159 28.89 -58.80 1.52
C ASP D 159 28.99 -57.35 2.00
N SER D 160 28.67 -57.15 3.27
CA SER D 160 28.77 -55.83 3.88
C SER D 160 30.22 -55.40 4.11
N ASP D 161 31.19 -56.30 3.93
CA ASP D 161 32.58 -55.92 4.12
C ASP D 161 33.04 -54.91 3.07
N VAL D 162 32.40 -54.91 1.90
CA VAL D 162 32.75 -54.01 0.82
C VAL D 162 31.53 -53.16 0.50
N TYR D 163 31.75 -51.90 0.13
CA TYR D 163 30.68 -50.97 -0.21
C TYR D 163 30.82 -50.58 -1.67
N ILE D 164 29.75 -50.80 -2.44
CA ILE D 164 29.73 -50.50 -3.87
C ILE D 164 28.55 -49.58 -4.14
N THR D 165 28.85 -48.45 -4.79
CA THR D 165 27.82 -47.50 -5.19
C THR D 165 27.18 -47.98 -6.49
N ASP D 166 26.37 -47.13 -7.12
CA ASP D 166 25.67 -47.48 -8.35
C ASP D 166 26.17 -46.61 -9.50
N LYS D 167 25.58 -46.82 -10.67
CA LYS D 167 26.02 -46.15 -11.89
C LYS D 167 25.82 -44.63 -11.78
N CYS D 168 26.77 -43.88 -12.32
CA CYS D 168 26.71 -42.42 -12.36
C CYS D 168 27.26 -41.94 -13.69
N VAL D 169 26.74 -40.80 -14.14
CA VAL D 169 27.01 -40.27 -15.47
C VAL D 169 27.90 -39.03 -15.31
N LEU D 170 29.06 -39.06 -15.96
CA LEU D 170 30.05 -37.99 -15.90
C LEU D 170 30.15 -37.37 -17.29
N ASP D 171 29.88 -36.07 -17.39
CA ASP D 171 29.85 -35.37 -18.66
C ASP D 171 30.98 -34.34 -18.72
N MET D 172 31.90 -34.51 -19.67
CA MET D 172 32.92 -33.50 -19.96
C MET D 172 32.36 -32.66 -21.09
N ARG D 173 31.93 -31.44 -20.76
CA ARG D 173 31.37 -30.53 -21.74
C ARG D 173 32.45 -30.02 -22.70
N SER D 174 33.67 -29.82 -22.19
CA SER D 174 34.75 -29.30 -23.03
C SER D 174 35.04 -30.24 -24.21
N MET D 175 35.13 -31.53 -23.93
CA MET D 175 35.33 -32.53 -24.98
C MET D 175 34.03 -33.14 -25.47
N ASP D 176 32.89 -32.74 -24.90
CA ASP D 176 31.56 -33.23 -25.29
C ASP D 176 31.43 -34.74 -25.11
N PHE D 177 32.18 -35.33 -24.18
CA PHE D 177 32.20 -36.77 -24.01
C PHE D 177 31.68 -37.14 -22.62
N LYS D 178 30.72 -38.06 -22.56
CA LYS D 178 30.18 -38.51 -21.29
C LYS D 178 30.38 -40.01 -21.12
N SER D 179 30.65 -40.41 -19.89
CA SER D 179 31.01 -41.78 -19.52
C SER D 179 30.25 -42.18 -18.27
N ASN D 180 30.28 -43.48 -17.98
CA ASN D 180 29.64 -44.04 -16.79
C ASN D 180 30.70 -44.46 -15.78
N SER D 181 30.33 -44.43 -14.50
CA SER D 181 31.29 -44.70 -13.44
C SER D 181 30.60 -45.35 -12.24
N ALA D 182 31.37 -46.17 -11.53
CA ALA D 182 30.92 -46.84 -10.31
C ALA D 182 32.13 -47.11 -9.42
N VAL D 183 32.00 -46.82 -8.13
CA VAL D 183 33.11 -46.94 -7.18
C VAL D 183 32.84 -48.11 -6.23
N ALA D 184 33.92 -48.71 -5.74
CA ALA D 184 33.83 -49.78 -4.75
C ALA D 184 35.02 -49.70 -3.81
N TRP D 185 34.75 -49.68 -2.50
CA TRP D 185 35.81 -49.53 -1.51
C TRP D 185 35.61 -50.49 -0.35
N SER D 186 36.72 -50.89 0.26
CA SER D 186 36.71 -51.72 1.46
C SER D 186 38.08 -51.64 2.13
N ASN D 187 38.12 -52.04 3.39
CA ASN D 187 39.36 -52.07 4.16
C ASN D 187 39.85 -53.49 4.44
N LYS D 188 39.26 -54.49 3.79
CA LYS D 188 39.66 -55.87 4.02
C LYS D 188 41.06 -56.14 3.48
N SER D 189 41.74 -57.09 4.12
CA SER D 189 43.10 -57.43 3.71
C SER D 189 43.14 -58.22 2.41
N ASP D 190 42.04 -58.87 2.04
CA ASP D 190 41.95 -59.65 0.80
C ASP D 190 41.14 -58.91 -0.26
N PHE D 191 41.28 -57.59 -0.34
CA PHE D 191 40.51 -56.77 -1.25
C PHE D 191 41.33 -56.52 -2.52
N ALA D 192 40.78 -56.94 -3.67
CA ALA D 192 41.39 -56.72 -4.97
C ALA D 192 40.34 -56.23 -5.94
N CYS D 193 40.74 -55.30 -6.82
CA CYS D 193 39.80 -54.77 -7.81
C CYS D 193 39.33 -55.85 -8.77
N ALA D 194 40.13 -56.89 -8.97
CA ALA D 194 39.71 -57.99 -9.84
C ALA D 194 38.49 -58.70 -9.29
N ASN D 195 38.44 -58.89 -7.97
CA ASN D 195 37.32 -59.54 -7.31
C ASN D 195 36.31 -58.54 -6.75
N ALA D 196 36.47 -57.25 -7.03
CA ALA D 196 35.60 -56.24 -6.45
C ALA D 196 34.17 -56.37 -6.97
N PHE D 197 34.00 -56.47 -8.28
CA PHE D 197 32.68 -56.51 -8.89
C PHE D 197 32.28 -57.92 -9.33
N ASN D 198 32.70 -58.94 -8.59
CA ASN D 198 32.35 -60.31 -8.94
C ASN D 198 30.85 -60.60 -8.83
N ASN D 199 30.12 -59.79 -8.05
CA ASN D 199 28.70 -60.00 -7.85
C ASN D 199 27.84 -59.38 -8.95
N SER D 200 28.45 -58.69 -9.91
CA SER D 200 27.73 -58.03 -10.98
C SER D 200 28.07 -58.67 -12.31
N ILE D 201 27.13 -58.59 -13.26
CA ILE D 201 27.34 -59.12 -14.59
C ILE D 201 28.34 -58.22 -15.30
N ILE D 202 29.56 -58.72 -15.49
CA ILE D 202 30.66 -57.91 -16.02
C ILE D 202 30.87 -58.25 -17.50
N PRO D 203 31.12 -57.26 -18.35
CA PRO D 203 31.45 -57.56 -19.75
C PRO D 203 32.68 -58.43 -19.87
N GLU D 204 32.66 -59.33 -20.85
CA GLU D 204 33.78 -60.24 -21.07
C GLU D 204 35.05 -59.54 -21.51
N ASP D 205 34.96 -58.30 -21.98
CA ASP D 205 36.09 -57.54 -22.48
C ASP D 205 36.46 -56.39 -21.54
N THR D 206 36.38 -56.63 -20.24
CA THR D 206 36.65 -55.60 -19.25
C THR D 206 38.13 -55.57 -18.91
N PHE D 207 38.72 -54.37 -18.98
CA PHE D 207 40.14 -54.22 -18.69
C PHE D 207 40.41 -54.47 -17.22
N PHE D 208 41.44 -55.28 -16.94
CA PHE D 208 41.87 -55.61 -15.59
C PHE D 208 43.35 -55.26 -15.46
N PRO D 209 43.68 -53.97 -15.27
CA PRO D 209 45.08 -53.57 -15.21
C PRO D 209 45.82 -54.28 -14.09
N SER D 210 47.09 -54.61 -14.35
CA SER D 210 47.89 -55.28 -13.36
C SER D 210 48.39 -54.30 -12.30
N PRO D 211 48.38 -54.70 -11.03
CA PRO D 211 48.87 -53.80 -9.97
C PRO D 211 50.33 -53.40 -10.12
N GLU D 212 51.13 -54.19 -10.82
CA GLU D 212 52.56 -53.95 -10.97
C GLU D 212 52.89 -52.95 -12.07
N SER D 213 51.93 -52.12 -12.49
CA SER D 213 52.16 -51.12 -13.52
C SER D 213 53.25 -50.14 -13.11
N MET E 1 -5.04 23.17 35.77
CA MET E 1 -5.12 22.16 34.73
C MET E 1 -5.33 20.76 35.31
N ARG E 2 -5.79 19.84 34.48
CA ARG E 2 -6.02 18.46 34.88
C ARG E 2 -4.96 17.56 34.27
N THR E 3 -4.75 16.41 34.90
CA THR E 3 -3.83 15.40 34.40
C THR E 3 -4.60 14.44 33.51
N HIS E 4 -4.35 14.49 32.21
CA HIS E 4 -5.00 13.62 31.24
C HIS E 4 -3.98 12.66 30.65
N SER E 5 -4.48 11.56 30.10
CA SER E 5 -3.59 10.54 29.55
C SER E 5 -4.31 9.76 28.45
N LEU E 6 -3.57 9.48 27.38
CA LEU E 6 -4.02 8.58 26.32
C LEU E 6 -3.10 7.37 26.33
N ARG E 7 -3.70 6.17 26.32
CA ARG E 7 -2.93 4.94 26.35
C ARG E 7 -3.58 3.90 25.44
N TYR E 8 -2.76 2.99 24.93
CA TYR E 8 -3.20 1.84 24.15
C TYR E 8 -2.46 0.62 24.67
N PHE E 9 -3.20 -0.46 24.89
CA PHE E 9 -2.66 -1.69 25.45
C PHE E 9 -2.95 -2.85 24.52
N ARG E 10 -1.95 -3.71 24.36
CA ARG E 10 -2.04 -4.94 23.59
C ARG E 10 -1.58 -6.11 24.45
N LEU E 11 -2.32 -7.21 24.40
CA LEU E 11 -2.04 -8.39 25.20
C LEU E 11 -2.17 -9.64 24.35
N GLY E 12 -1.20 -10.55 24.50
CA GLY E 12 -1.25 -11.83 23.82
C GLY E 12 -0.87 -12.94 24.76
N VAL E 13 -1.48 -14.10 24.55
CA VAL E 13 -1.27 -15.27 25.39
C VAL E 13 -1.15 -16.51 24.50
N SER E 14 -0.21 -17.39 24.84
CA SER E 14 0.00 -18.62 24.10
C SER E 14 -0.90 -19.73 24.63
N ASP E 15 -1.42 -20.55 23.71
CA ASP E 15 -2.35 -21.65 23.97
C ASP E 15 -3.38 -21.30 25.06
N PRO E 16 -4.21 -20.29 24.84
CA PRO E 16 -5.15 -19.87 25.88
C PRO E 16 -6.30 -20.86 26.00
N ILE E 17 -7.03 -20.73 27.11
CA ILE E 17 -8.26 -21.51 27.27
C ILE E 17 -9.23 -21.11 26.15
N HIS E 18 -10.12 -22.04 25.80
CA HIS E 18 -11.01 -21.83 24.66
C HIS E 18 -11.79 -20.53 24.79
N GLY E 19 -12.20 -20.18 26.01
CA GLY E 19 -12.87 -18.90 26.21
C GLY E 19 -11.94 -17.72 26.00
N VAL E 20 -10.68 -17.86 26.42
CA VAL E 20 -9.74 -16.73 26.39
C VAL E 20 -9.23 -16.55 24.97
N PRO E 21 -9.34 -15.36 24.39
CA PRO E 21 -8.79 -15.12 23.06
C PRO E 21 -7.29 -14.95 23.09
N GLU E 22 -6.69 -15.07 21.89
CA GLU E 22 -5.23 -14.99 21.78
C GLU E 22 -4.71 -13.56 21.92
N PHE E 23 -5.38 -12.59 21.29
CA PHE E 23 -4.86 -11.23 21.22
C PHE E 23 -5.98 -10.24 21.50
N ILE E 24 -5.70 -9.25 22.36
CA ILE E 24 -6.65 -8.21 22.73
C ILE E 24 -5.95 -6.86 22.65
N SER E 25 -6.68 -5.84 22.21
CA SER E 25 -6.16 -4.48 22.16
C SER E 25 -7.25 -3.49 22.53
N VAL E 26 -6.93 -2.55 23.42
CA VAL E 26 -7.91 -1.58 23.89
C VAL E 26 -7.21 -0.26 24.19
N GLY E 27 -7.92 0.84 23.94
CA GLY E 27 -7.44 2.18 24.24
C GLY E 27 -8.18 2.80 25.40
N TYR E 28 -7.49 3.67 26.14
CA TYR E 28 -8.06 4.36 27.30
C TYR E 28 -7.67 5.82 27.26
N VAL E 29 -8.66 6.71 27.39
CA VAL E 29 -8.40 8.11 27.67
C VAL E 29 -8.81 8.35 29.12
N ASP E 30 -7.82 8.64 29.97
CA ASP E 30 -8.04 8.84 31.40
C ASP E 30 -8.79 7.66 32.02
N SER E 31 -8.33 6.46 31.66
CA SER E 31 -8.82 5.18 32.22
C SER E 31 -10.24 4.84 31.79
N HIS E 32 -10.77 5.45 30.73
CA HIS E 32 -12.06 5.07 30.19
C HIS E 32 -11.90 4.30 28.90
N PRO E 33 -12.50 3.10 28.78
CA PRO E 33 -12.34 2.32 27.55
C PRO E 33 -12.84 3.09 26.32
N ILE E 34 -12.12 2.92 25.22
CA ILE E 34 -12.38 3.70 24.01
C ILE E 34 -12.60 2.82 22.80
N THR E 35 -11.74 1.83 22.60
CA THR E 35 -11.81 0.94 21.46
C THR E 35 -11.52 -0.48 21.91
N THR E 36 -11.92 -1.45 21.07
CA THR E 36 -11.70 -2.85 21.39
C THR E 36 -11.48 -3.63 20.12
N TYR E 37 -10.39 -4.41 20.09
CA TYR E 37 -10.14 -5.38 19.04
C TYR E 37 -9.73 -6.69 19.70
N ASP E 38 -10.16 -7.80 19.10
CA ASP E 38 -9.91 -9.12 19.68
C ASP E 38 -9.65 -10.12 18.56
N SER E 39 -8.99 -11.22 18.92
CA SER E 39 -8.74 -12.28 17.96
C SER E 39 -10.03 -12.94 17.49
N VAL E 40 -11.07 -12.89 18.32
CA VAL E 40 -12.35 -13.50 17.96
C VAL E 40 -13.16 -12.56 17.08
N THR E 41 -13.34 -11.31 17.55
CA THR E 41 -14.13 -10.34 16.78
C THR E 41 -13.48 -10.02 15.45
N ARG E 42 -12.15 -9.86 15.44
CA ARG E 42 -11.39 -9.44 14.26
C ARG E 42 -11.87 -8.08 13.74
N GLN E 43 -12.63 -7.34 14.56
CA GLN E 43 -13.15 -6.05 14.15
C GLN E 43 -12.97 -5.05 15.27
N LYS E 44 -12.47 -3.86 14.93
CA LYS E 44 -12.32 -2.78 15.88
C LYS E 44 -13.68 -2.15 16.16
N GLU E 45 -14.00 -1.92 17.42
CA GLU E 45 -15.30 -1.40 17.81
C GLU E 45 -15.12 -0.30 18.85
N PRO E 46 -16.03 0.67 18.88
CA PRO E 46 -15.95 1.72 19.90
C PRO E 46 -16.43 1.22 21.25
N ARG E 47 -16.12 1.99 22.29
CA ARG E 47 -16.60 1.72 23.63
C ARG E 47 -17.06 2.99 24.33
N ALA E 48 -17.55 3.96 23.54
CA ALA E 48 -18.08 5.21 24.05
C ALA E 48 -19.07 5.74 23.03
N PRO E 49 -20.24 6.22 23.46
CA PRO E 49 -21.25 6.68 22.50
C PRO E 49 -20.76 7.83 21.63
N TRP E 50 -19.94 8.73 22.18
CA TRP E 50 -19.42 9.86 21.42
C TRP E 50 -18.32 9.48 20.44
N MET E 51 -17.83 8.24 20.51
CA MET E 51 -16.76 7.80 19.59
C MET E 51 -17.25 7.75 18.16
N ALA E 52 -18.24 6.91 17.88
CA ALA E 52 -18.73 6.73 16.52
C ALA E 52 -19.43 7.98 15.98
N GLU E 53 -19.89 8.87 16.85
CA GLU E 53 -20.61 10.06 16.39
C GLU E 53 -19.70 11.00 15.61
N ASN E 54 -18.43 11.12 16.02
CA ASN E 54 -17.53 12.08 15.42
C ASN E 54 -16.51 11.46 14.46
N LEU E 55 -16.25 10.16 14.57
CA LEU E 55 -15.26 9.51 13.73
C LEU E 55 -15.87 8.95 12.46
N ALA E 56 -15.08 8.94 11.39
CA ALA E 56 -15.47 8.40 10.10
C ALA E 56 -15.33 6.88 10.07
N PRO E 57 -16.12 6.20 9.23
CA PRO E 57 -15.97 4.73 9.12
C PRO E 57 -14.59 4.30 8.64
N ASP E 58 -13.93 5.15 7.83
CA ASP E 58 -12.60 4.80 7.33
C ASP E 58 -11.63 4.56 8.48
N HIS E 59 -11.79 5.30 9.58
CA HIS E 59 -10.96 5.09 10.75
C HIS E 59 -11.10 3.65 11.24
N TRP E 60 -12.33 3.19 11.42
CA TRP E 60 -12.56 1.84 11.94
C TRP E 60 -12.03 0.79 10.99
N GLU E 61 -12.29 0.94 9.69
CA GLU E 61 -11.81 -0.06 8.73
C GLU E 61 -10.28 -0.11 8.68
N ARG E 62 -9.64 1.04 8.55
CA ARG E 62 -8.18 1.10 8.44
C ARG E 62 -7.52 0.52 9.68
N TYR E 63 -7.96 0.97 10.86
CA TYR E 63 -7.32 0.48 12.08
C TYR E 63 -7.68 -0.98 12.37
N THR E 64 -8.81 -1.48 11.86
CA THR E 64 -9.06 -2.92 11.93
C THR E 64 -8.04 -3.70 11.13
N GLN E 65 -7.75 -3.24 9.90
CA GLN E 65 -6.72 -3.91 9.09
C GLN E 65 -5.36 -3.87 9.78
N LEU E 66 -4.96 -2.68 10.26
CA LEU E 66 -3.69 -2.56 10.94
C LEU E 66 -3.66 -3.42 12.21
N LEU E 67 -4.80 -3.60 12.87
CA LEU E 67 -4.85 -4.42 14.07
C LEU E 67 -4.72 -5.90 13.74
N ARG E 68 -5.26 -6.34 12.60
CA ARG E 68 -5.00 -7.71 12.16
C ARG E 68 -3.51 -7.93 11.93
N GLY E 69 -2.87 -6.97 11.25
CA GLY E 69 -1.42 -7.08 11.05
C GLY E 69 -0.65 -7.12 12.35
N TRP E 70 -1.01 -6.24 13.29
CA TRP E 70 -0.35 -6.21 14.59
C TRP E 70 -0.60 -7.49 15.38
N GLN E 71 -1.79 -8.10 15.23
CA GLN E 71 -2.06 -9.38 15.86
C GLN E 71 -1.10 -10.45 15.36
N GLN E 72 -0.91 -10.53 14.04
CA GLN E 72 0.03 -11.51 13.51
C GLN E 72 1.44 -11.24 14.00
N MET E 73 1.84 -9.96 14.01
CA MET E 73 3.17 -9.60 14.51
C MET E 73 3.35 -9.99 15.96
N PHE E 74 2.33 -9.75 16.79
CA PHE E 74 2.41 -10.11 18.20
C PHE E 74 2.53 -11.61 18.38
N LYS E 75 1.78 -12.39 17.61
CA LYS E 75 1.87 -13.85 17.72
C LYS E 75 3.28 -14.32 17.40
N VAL E 76 3.86 -13.84 16.29
CA VAL E 76 5.19 -14.32 15.93
C VAL E 76 6.23 -13.83 16.94
N GLU E 77 6.08 -12.62 17.46
CA GLU E 77 7.02 -12.12 18.46
C GLU E 77 6.98 -12.95 19.74
N LEU E 78 5.77 -13.29 20.21
CA LEU E 78 5.66 -14.10 21.42
C LEU E 78 6.25 -15.50 21.20
N LYS E 79 6.00 -16.08 20.02
CA LYS E 79 6.59 -17.37 19.72
C LYS E 79 8.12 -17.30 19.71
N ARG E 80 8.67 -16.22 19.14
CA ARG E 80 10.12 -16.03 19.14
C ARG E 80 10.65 -15.91 20.57
N LEU E 81 9.95 -15.16 21.42
CA LEU E 81 10.43 -15.01 22.80
C LEU E 81 10.42 -16.34 23.54
N GLN E 82 9.37 -17.14 23.36
CA GLN E 82 9.33 -18.45 23.99
C GLN E 82 10.45 -19.34 23.44
N ARG E 83 10.71 -19.26 22.14
CA ARG E 83 11.81 -20.03 21.55
C ARG E 83 13.14 -19.64 22.17
N HIS E 84 13.38 -18.34 22.31
CA HIS E 84 14.64 -17.87 22.88
C HIS E 84 14.79 -18.30 24.32
N TYR E 85 13.73 -18.19 25.11
CA TYR E 85 13.79 -18.57 26.52
C TYR E 85 13.63 -20.06 26.73
N ASN E 86 13.34 -20.83 25.68
CA ASN E 86 13.09 -22.27 25.78
C ASN E 86 11.98 -22.55 26.79
N HIS E 87 10.93 -21.72 26.73
CA HIS E 87 9.82 -21.78 27.68
C HIS E 87 8.62 -22.40 26.99
N SER E 88 8.09 -23.46 27.57
CA SER E 88 6.92 -24.15 27.05
C SER E 88 5.69 -23.77 27.87
N GLY E 89 4.54 -24.28 27.45
CA GLY E 89 3.30 -23.98 28.14
C GLY E 89 2.72 -22.64 27.70
N SER E 90 2.07 -21.96 28.63
CA SER E 90 1.38 -20.71 28.36
C SER E 90 2.14 -19.55 28.99
N HIS E 91 2.45 -18.54 28.17
CA HIS E 91 3.10 -17.32 28.63
C HIS E 91 2.40 -16.13 27.98
N THR E 92 2.78 -14.93 28.41
CA THR E 92 2.06 -13.72 28.04
C THR E 92 3.02 -12.64 27.55
N TYR E 93 2.49 -11.80 26.66
CA TYR E 93 3.20 -10.69 26.04
C TYR E 93 2.34 -9.45 26.12
N GLN E 94 2.93 -8.31 26.50
CA GLN E 94 2.15 -7.10 26.73
C GLN E 94 2.87 -5.90 26.15
N ARG E 95 2.10 -4.95 25.65
CA ARG E 95 2.63 -3.70 25.11
C ARG E 95 1.74 -2.54 25.52
N MET E 96 2.36 -1.45 25.95
CA MET E 96 1.66 -0.22 26.29
C MET E 96 2.31 0.96 25.57
N ILE E 97 1.49 1.83 24.99
CA ILE E 97 2.01 3.01 24.28
C ILE E 97 1.05 4.17 24.53
N GLY E 98 1.61 5.33 24.88
CA GLY E 98 0.74 6.48 25.08
C GLY E 98 1.50 7.70 25.54
N CYS E 99 0.73 8.71 25.94
CA CYS E 99 1.27 9.98 26.39
C CYS E 99 0.41 10.55 27.50
N GLU E 100 0.97 11.49 28.25
CA GLU E 100 0.28 12.14 29.35
C GLU E 100 0.48 13.65 29.29
N LEU E 101 -0.58 14.39 29.58
CA LEU E 101 -0.51 15.84 29.78
C LEU E 101 -0.73 16.09 31.27
N LEU E 102 0.33 16.50 31.96
CA LEU E 102 0.29 16.69 33.40
C LEU E 102 -0.26 18.07 33.77
N GLU E 103 -0.82 18.16 34.98
CA GLU E 103 -1.40 19.41 35.45
C GLU E 103 -0.35 20.50 35.64
N ASP E 104 0.91 20.14 35.86
CA ASP E 104 1.96 21.12 36.07
C ASP E 104 2.50 21.70 34.77
N GLY E 105 2.04 21.20 33.62
CA GLY E 105 2.47 21.68 32.32
C GLY E 105 3.36 20.72 31.57
N SER E 106 4.06 19.82 32.26
CA SER E 106 4.94 18.88 31.60
C SER E 106 4.12 17.82 30.85
N THR E 107 4.74 17.27 29.81
CA THR E 107 4.14 16.20 29.01
C THR E 107 5.13 15.06 28.85
N THR E 108 4.61 13.85 28.72
CA THR E 108 5.42 12.65 28.64
C THR E 108 5.03 11.85 27.40
N GLY E 109 5.71 10.73 27.22
CA GLY E 109 5.44 9.79 26.14
C GLY E 109 6.18 8.49 26.37
N PHE E 110 5.48 7.37 26.28
CA PHE E 110 6.05 6.10 26.69
C PHE E 110 5.63 4.99 25.74
N LEU E 111 6.50 3.99 25.61
CA LEU E 111 6.26 2.81 24.79
C LEU E 111 7.07 1.68 25.41
N GLN E 112 6.38 0.74 26.07
CA GLN E 112 7.03 -0.33 26.80
C GLN E 112 6.46 -1.68 26.40
N TYR E 113 7.34 -2.67 26.34
CA TYR E 113 6.98 -4.06 26.11
C TYR E 113 7.40 -4.88 27.32
N ALA E 114 6.55 -5.84 27.71
CA ALA E 114 6.80 -6.67 28.88
C ALA E 114 6.44 -8.11 28.58
N TYR E 115 7.14 -9.02 29.25
CA TYR E 115 6.91 -10.45 29.12
C TYR E 115 6.76 -11.05 30.51
N ASP E 116 5.65 -11.75 30.73
CA ASP E 116 5.35 -12.38 32.03
C ASP E 116 5.33 -11.36 33.16
N GLY E 117 4.86 -10.15 32.87
CA GLY E 117 4.65 -9.13 33.88
C GLY E 117 5.88 -8.36 34.28
N GLN E 118 7.04 -8.69 33.75
CA GLN E 118 8.28 -7.98 34.05
C GLN E 118 8.67 -7.13 32.85
N ASP E 119 9.11 -5.90 33.12
CA ASP E 119 9.48 -4.98 32.05
C ASP E 119 10.57 -5.60 31.18
N PHE E 120 10.39 -5.51 29.87
CA PHE E 120 11.29 -6.12 28.90
C PHE E 120 12.05 -5.09 28.07
N LEU E 121 11.32 -4.17 27.43
CA LEU E 121 11.94 -3.12 26.64
C LEU E 121 11.24 -1.80 26.91
N ILE E 122 12.02 -0.73 27.06
CA ILE E 122 11.48 0.61 27.27
C ILE E 122 12.04 1.52 26.19
N PHE E 123 11.16 2.20 25.45
CA PHE E 123 11.60 3.09 24.39
C PHE E 123 11.90 4.47 24.97
N ASN E 124 13.13 4.95 24.78
CA ASN E 124 13.53 6.28 25.20
C ASN E 124 13.51 7.17 23.97
N LYS E 125 12.48 8.04 23.89
CA LYS E 125 12.29 8.86 22.69
C LYS E 125 13.33 9.95 22.58
N ASP E 126 13.79 10.50 23.71
CA ASP E 126 14.76 11.59 23.65
C ASP E 126 16.13 11.09 23.18
N THR E 127 16.58 9.96 23.72
CA THR E 127 17.79 9.33 23.23
C THR E 127 17.53 8.44 22.02
N LEU E 128 16.26 8.23 21.65
CA LEU E 128 15.88 7.39 20.52
C LEU E 128 16.51 6.00 20.65
N SER E 129 16.47 5.45 21.85
CA SER E 129 17.07 4.15 22.14
C SER E 129 16.03 3.21 22.73
N TRP E 130 16.45 1.97 23.00
CA TRP E 130 15.60 0.96 23.60
C TRP E 130 16.35 0.34 24.78
N LEU E 131 15.99 0.77 25.99
CA LEU E 131 16.60 0.18 27.19
C LEU E 131 16.06 -1.24 27.37
N ALA E 132 16.98 -2.20 27.46
CA ALA E 132 16.67 -3.61 27.60
C ALA E 132 16.98 -4.07 29.01
N VAL E 133 16.47 -5.26 29.34
CA VAL E 133 16.60 -5.83 30.68
C VAL E 133 17.30 -7.18 30.68
N ASP E 134 17.73 -7.68 29.52
CA ASP E 134 18.34 -8.99 29.45
C ASP E 134 19.23 -9.07 28.22
N ASN E 135 20.13 -10.05 28.23
CA ASN E 135 20.92 -10.35 27.04
C ASN E 135 20.01 -10.79 25.89
N VAL E 136 18.98 -11.59 26.21
CA VAL E 136 17.96 -11.91 25.21
C VAL E 136 17.26 -10.66 24.74
N ALA E 137 16.98 -9.72 25.65
CA ALA E 137 16.38 -8.45 25.28
C ALA E 137 17.33 -7.59 24.45
N HIS E 138 18.63 -7.72 24.69
CA HIS E 138 19.61 -6.93 23.93
C HIS E 138 19.58 -7.29 22.45
N THR E 139 19.26 -8.54 22.11
CA THR E 139 19.14 -8.93 20.71
C THR E 139 18.10 -8.09 20.00
N ILE E 140 16.88 -8.03 20.56
CA ILE E 140 15.82 -7.23 19.94
C ILE E 140 16.12 -5.75 20.05
N LYS E 141 16.85 -5.34 21.09
CA LYS E 141 17.29 -3.96 21.19
C LYS E 141 18.12 -3.55 19.98
N GLN E 142 19.16 -4.35 19.68
CA GLN E 142 20.00 -4.08 18.52
C GLN E 142 19.21 -4.19 17.22
N ALA E 143 18.34 -5.20 17.11
CA ALA E 143 17.57 -5.40 15.89
C ALA E 143 16.68 -4.20 15.60
N TRP E 144 16.02 -3.66 16.62
CA TRP E 144 15.14 -2.51 16.40
C TRP E 144 15.94 -1.23 16.22
N GLU E 145 17.03 -1.05 16.97
CA GLU E 145 17.86 0.14 16.80
C GLU E 145 18.57 0.16 15.45
N ALA E 146 18.66 -0.98 14.77
CA ALA E 146 19.18 -0.98 13.40
C ALA E 146 18.30 -0.13 12.49
N ASN E 147 16.98 -0.23 12.63
CA ASN E 147 16.04 0.56 11.85
C ASN E 147 15.80 1.88 12.60
N GLN E 148 16.29 2.98 12.04
CA GLN E 148 16.15 4.28 12.68
C GLN E 148 14.92 5.04 12.20
N HIS E 149 14.46 4.77 10.98
CA HIS E 149 13.24 5.42 10.49
C HIS E 149 12.03 5.05 11.35
N GLU E 150 11.93 3.76 11.71
CA GLU E 150 10.84 3.34 12.57
C GLU E 150 10.92 4.01 13.95
N LEU E 151 12.12 4.11 14.52
CA LEU E 151 12.27 4.76 15.82
C LEU E 151 11.91 6.23 15.75
N LEU E 152 12.33 6.91 14.68
CA LEU E 152 11.94 8.30 14.48
C LEU E 152 10.43 8.43 14.36
N TYR E 153 9.79 7.51 13.65
CA TYR E 153 8.32 7.55 13.54
C TYR E 153 7.66 7.35 14.89
N GLN E 154 8.17 6.41 15.70
CA GLN E 154 7.59 6.19 17.02
C GLN E 154 7.72 7.43 17.89
N LYS E 155 8.90 8.05 17.91
CA LYS E 155 9.08 9.26 18.70
C LYS E 155 8.18 10.39 18.20
N ASN E 156 8.10 10.57 16.88
CA ASN E 156 7.27 11.62 16.32
C ASN E 156 5.80 11.41 16.66
N TRP E 157 5.33 10.17 16.59
CA TRP E 157 3.95 9.89 16.96
C TRP E 157 3.70 10.15 18.43
N LEU E 158 4.61 9.69 19.30
CA LEU E 158 4.42 9.86 20.73
C LEU E 158 4.46 11.34 21.12
N GLU E 159 5.17 12.17 20.36
CA GLU E 159 5.32 13.58 20.72
C GLU E 159 4.33 14.50 20.02
N GLU E 160 3.83 14.14 18.84
CA GLU E 160 3.04 15.05 18.02
C GLU E 160 1.66 14.53 17.65
N GLU E 161 1.44 13.22 17.64
CA GLU E 161 0.17 12.65 17.24
C GLU E 161 -0.68 12.17 18.41
N CYS E 162 -0.04 11.60 19.43
CA CYS E 162 -0.78 11.19 20.62
C CYS E 162 -1.45 12.39 21.29
N ILE E 163 -0.77 13.54 21.29
CA ILE E 163 -1.33 14.74 21.92
C ILE E 163 -2.56 15.24 21.17
N ALA E 164 -2.51 15.27 19.83
CA ALA E 164 -3.66 15.72 19.06
C ALA E 164 -4.84 14.77 19.23
N TRP E 165 -4.58 13.46 19.18
CA TRP E 165 -5.62 12.47 19.44
C TRP E 165 -6.24 12.68 20.81
N LEU E 166 -5.41 12.87 21.83
CA LEU E 166 -5.91 13.05 23.19
C LEU E 166 -6.76 14.32 23.31
N LYS E 167 -6.32 15.41 22.69
CA LYS E 167 -7.06 16.66 22.81
C LYS E 167 -8.40 16.59 22.09
N ARG E 168 -8.43 16.03 20.88
CA ARG E 168 -9.71 15.89 20.19
C ARG E 168 -10.61 14.88 20.90
N PHE E 169 -10.03 13.88 21.56
CA PHE E 169 -10.83 12.96 22.36
C PHE E 169 -11.46 13.67 23.56
N LEU E 170 -10.67 14.49 24.27
CA LEU E 170 -11.20 15.21 25.42
C LEU E 170 -12.25 16.23 25.01
N GLU E 171 -12.15 16.79 23.81
CA GLU E 171 -13.21 17.67 23.34
C GLU E 171 -14.44 16.88 22.88
N TYR E 172 -14.24 15.70 22.28
CA TYR E 172 -15.37 14.87 21.88
C TYR E 172 -16.10 14.33 23.11
N GLY E 173 -15.36 13.86 24.10
CA GLY E 173 -15.97 13.33 25.32
C GLY E 173 -16.01 14.37 26.42
N LYS E 174 -16.22 15.63 26.02
CA LYS E 174 -16.23 16.73 26.99
C LYS E 174 -17.28 16.53 28.06
N ASP E 175 -18.43 15.96 27.70
CA ASP E 175 -19.48 15.74 28.69
C ASP E 175 -19.04 14.73 29.74
N THR E 176 -18.37 13.65 29.33
CA THR E 176 -17.99 12.58 30.24
C THR E 176 -16.61 12.78 30.84
N LEU E 177 -15.69 13.41 30.11
CA LEU E 177 -14.29 13.50 30.54
C LEU E 177 -13.95 14.81 31.24
N GLN E 178 -14.42 15.94 30.72
CA GLN E 178 -14.10 17.23 31.32
C GLN E 178 -15.11 17.67 32.37
N ARG E 179 -16.11 16.85 32.67
CA ARG E 179 -17.02 17.15 33.76
C ARG E 179 -16.31 17.03 35.10
N THR E 180 -16.92 17.62 36.13
CA THR E 180 -16.43 17.50 37.49
C THR E 180 -17.61 17.40 38.45
N GLU E 181 -17.54 16.43 39.35
CA GLU E 181 -18.60 16.19 40.33
C GLU E 181 -18.05 16.40 41.73
N PRO E 182 -18.59 17.33 42.51
CA PRO E 182 -18.04 17.58 43.84
C PRO E 182 -18.23 16.37 44.74
N PRO E 183 -17.32 16.13 45.68
CA PRO E 183 -17.47 15.01 46.60
C PRO E 183 -18.37 15.34 47.77
N LEU E 184 -18.91 14.28 48.38
CA LEU E 184 -19.77 14.39 49.56
C LEU E 184 -18.95 13.97 50.77
N VAL E 185 -18.77 14.89 51.72
CA VAL E 185 -17.91 14.69 52.87
C VAL E 185 -18.77 14.44 54.10
N ARG E 186 -18.44 13.39 54.84
CA ARG E 186 -19.13 13.03 56.07
C ARG E 186 -18.11 12.71 57.15
N VAL E 187 -18.50 12.91 58.40
CA VAL E 187 -17.70 12.51 59.56
C VAL E 187 -18.51 11.50 60.37
N ASN E 188 -17.91 10.35 60.63
CA ASN E 188 -18.53 9.29 61.40
C ASN E 188 -17.64 8.93 62.58
N ARG E 189 -18.25 8.48 63.67
CA ARG E 189 -17.51 8.06 64.84
C ARG E 189 -17.38 6.55 64.95
N LYS E 190 -18.41 5.80 64.57
CA LYS E 190 -18.34 4.34 64.53
C LYS E 190 -19.55 3.79 63.78
N PRO E 194 -13.74 -2.04 68.68
CA PRO E 194 -12.99 -0.79 68.85
C PRO E 194 -13.12 -0.22 70.26
N GLY E 195 -12.12 -0.49 71.11
CA GLY E 195 -12.17 0.05 72.46
C GLY E 195 -12.18 1.56 72.48
N VAL E 196 -11.30 2.18 71.71
CA VAL E 196 -11.33 3.62 71.46
C VAL E 196 -11.51 3.78 69.95
N THR E 197 -12.76 3.87 69.52
CA THR E 197 -13.06 3.89 68.10
C THR E 197 -12.53 5.18 67.46
N ALA E 198 -12.01 5.05 66.25
CA ALA E 198 -11.50 6.20 65.52
C ALA E 198 -12.65 6.85 64.76
N LEU E 199 -12.44 8.10 64.36
CA LEU E 199 -13.45 8.81 63.59
C LEU E 199 -12.97 9.02 62.17
N PHE E 200 -13.89 8.77 61.23
CA PHE E 200 -13.65 8.69 59.79
C PHE E 200 -14.16 9.94 59.08
N CYS E 201 -13.33 10.48 58.20
CA CYS E 201 -13.71 11.50 57.23
C CYS E 201 -13.82 10.81 55.87
N LYS E 202 -14.98 10.96 55.23
CA LYS E 202 -15.32 10.19 54.04
C LYS E 202 -15.76 11.11 52.91
N ALA E 203 -15.19 10.89 51.73
CA ALA E 203 -15.58 11.59 50.52
C ALA E 203 -16.29 10.62 49.58
N HIS E 204 -17.36 11.09 48.94
CA HIS E 204 -18.25 10.23 48.17
C HIS E 204 -18.73 10.95 46.93
N GLY E 205 -18.90 10.18 45.85
CA GLY E 205 -19.57 10.68 44.66
C GLY E 205 -18.87 11.80 43.92
N PHE E 206 -17.57 11.67 43.70
CA PHE E 206 -16.79 12.64 42.92
C PHE E 206 -16.19 11.93 41.71
N TYR E 207 -16.33 12.56 40.54
CA TYR E 207 -15.83 11.97 39.31
C TYR E 207 -14.31 12.09 39.20
N PRO E 208 -13.72 13.28 39.33
CA PRO E 208 -12.25 13.38 39.22
C PRO E 208 -11.59 12.66 40.38
N PRO E 209 -10.86 11.57 40.10
CA PRO E 209 -10.32 10.73 41.18
C PRO E 209 -9.12 11.33 41.91
N GLU E 210 -8.80 12.59 41.69
CA GLU E 210 -7.67 13.24 42.33
C GLU E 210 -8.17 14.06 43.52
N ILE E 211 -7.75 13.67 44.72
CA ILE E 211 -8.23 14.31 45.95
C ILE E 211 -7.10 14.31 46.97
N TYR E 212 -7.10 15.36 47.80
CA TYR E 212 -6.22 15.46 48.96
C TYR E 212 -7.07 15.32 50.22
N MET E 213 -6.70 14.38 51.08
CA MET E 213 -7.43 14.09 52.31
C MET E 213 -6.50 14.28 53.48
N THR E 214 -6.79 15.24 54.36
CA THR E 214 -5.94 15.53 55.50
C THR E 214 -6.82 15.81 56.70
N TRP E 215 -6.21 15.71 57.88
CA TRP E 215 -6.86 16.07 59.12
C TRP E 215 -5.91 16.95 59.93
N MET E 216 -6.46 17.99 60.56
CA MET E 216 -5.66 18.94 61.31
C MET E 216 -6.32 19.20 62.66
N LYS E 217 -5.50 19.37 63.68
CA LYS E 217 -5.98 19.63 65.04
C LYS E 217 -5.76 21.10 65.35
N ASN E 218 -6.84 21.87 65.40
CA ASN E 218 -6.80 23.30 65.72
C ASN E 218 -5.83 24.04 64.79
N GLY E 219 -5.81 23.63 63.53
CA GLY E 219 -4.93 24.21 62.54
C GLY E 219 -3.62 23.48 62.33
N GLU E 220 -3.27 22.55 63.21
CA GLU E 220 -2.05 21.76 63.08
C GLU E 220 -2.38 20.34 62.65
N GLU E 221 -1.74 19.89 61.57
CA GLU E 221 -1.94 18.55 61.07
C GLU E 221 -1.35 17.51 62.02
N ILE E 222 -1.94 16.31 62.01
CA ILE E 222 -1.40 15.21 62.80
C ILE E 222 -0.03 14.83 62.26
N VAL E 223 0.86 14.40 63.15
CA VAL E 223 2.26 14.13 62.77
C VAL E 223 2.34 12.68 62.29
N GLN E 224 1.98 12.48 61.02
CA GLN E 224 2.10 11.20 60.33
C GLN E 224 1.41 10.05 61.06
N GLU E 225 0.34 10.34 61.79
CA GLU E 225 -0.44 9.33 62.49
C GLU E 225 -1.80 9.11 61.86
N ILE E 226 -2.00 9.60 60.65
CA ILE E 226 -3.30 9.53 59.97
C ILE E 226 -3.37 8.27 59.12
N ASP E 227 -4.31 7.40 59.45
CA ASP E 227 -4.60 6.25 58.59
C ASP E 227 -5.35 6.70 57.35
N TYR E 228 -5.17 5.95 56.26
CA TYR E 228 -5.74 6.31 54.97
C TYR E 228 -6.42 5.10 54.34
N GLY E 229 -7.43 5.39 53.51
CA GLY E 229 -8.10 4.36 52.76
C GLY E 229 -7.97 4.57 51.27
N ASP E 230 -8.11 3.49 50.49
CA ASP E 230 -7.95 3.54 49.06
C ASP E 230 -9.09 4.31 48.40
N ILE E 231 -8.80 4.86 47.23
CA ILE E 231 -9.80 5.55 46.41
C ILE E 231 -10.38 4.53 45.44
N LEU E 232 -11.64 4.17 45.65
CA LEU E 232 -12.31 3.12 44.89
C LEU E 232 -13.49 3.69 44.12
N PRO E 233 -13.86 3.06 43.00
CA PRO E 233 -15.02 3.54 42.24
C PRO E 233 -16.32 3.00 42.81
N SER E 234 -17.30 3.90 42.94
CA SER E 234 -18.62 3.49 43.40
C SER E 234 -19.38 2.66 42.36
N GLY E 235 -18.97 2.73 41.09
CA GLY E 235 -19.69 2.07 40.02
C GLY E 235 -20.68 2.94 39.29
N ASP E 236 -21.02 4.10 39.86
CA ASP E 236 -21.91 5.08 39.23
C ASP E 236 -21.16 5.98 38.27
N GLY E 237 -19.84 5.84 38.19
CA GLY E 237 -18.98 6.74 37.48
C GLY E 237 -18.29 7.77 38.35
N THR E 238 -18.40 7.64 39.66
CA THR E 238 -17.73 8.50 40.64
C THR E 238 -16.82 7.63 41.50
N TYR E 239 -16.23 8.24 42.54
CA TYR E 239 -15.31 7.55 43.41
C TYR E 239 -15.61 7.90 44.86
N GLN E 240 -14.95 7.18 45.77
CA GLN E 240 -15.13 7.35 47.20
C GLN E 240 -13.84 7.01 47.91
N ALA E 241 -13.66 7.61 49.09
CA ALA E 241 -12.44 7.41 49.88
C ALA E 241 -12.72 7.78 51.33
N TRP E 242 -11.80 7.37 52.20
CA TRP E 242 -11.96 7.65 53.62
C TRP E 242 -10.60 7.69 54.30
N ALA E 243 -10.55 8.36 55.44
CA ALA E 243 -9.36 8.41 56.28
C ALA E 243 -9.81 8.70 57.71
N SER E 244 -9.20 8.03 58.69
CA SER E 244 -9.64 8.16 60.07
C SER E 244 -8.49 8.50 61.00
N ILE E 245 -8.82 9.18 62.10
CA ILE E 245 -7.83 9.47 63.13
C ILE E 245 -8.40 9.11 64.50
N GLU E 246 -7.50 9.07 65.48
CA GLU E 246 -7.78 8.69 66.86
C GLU E 246 -8.60 7.40 66.96
N SER E 251 -8.97 12.39 74.20
CA SER E 251 -10.38 12.11 73.92
C SER E 251 -11.24 13.35 74.17
N SER E 252 -10.59 14.50 74.35
CA SER E 252 -11.30 15.75 74.60
C SER E 252 -10.69 16.89 73.80
N ASN E 253 -10.36 16.62 72.53
CA ASN E 253 -9.77 17.62 71.65
C ASN E 253 -10.62 17.76 70.39
N LEU E 254 -10.79 18.99 69.93
CA LEU E 254 -11.54 19.28 68.72
C LEU E 254 -10.58 19.49 67.55
N TYR E 255 -10.92 18.89 66.42
CA TYR E 255 -10.10 18.97 65.21
C TYR E 255 -11.01 19.11 63.99
N SER E 256 -10.40 19.36 62.84
CA SER E 256 -11.11 19.62 61.60
C SER E 256 -10.49 18.86 60.45
N CYS E 257 -11.34 18.22 59.66
CA CYS E 257 -10.94 17.51 58.45
C CYS E 257 -10.85 18.50 57.28
N HIS E 258 -9.94 18.21 56.36
CA HIS E 258 -9.68 19.09 55.23
C HIS E 258 -9.55 18.25 53.96
N VAL E 259 -10.17 18.71 52.88
CA VAL E 259 -10.21 17.96 51.63
C VAL E 259 -10.04 18.93 50.46
N GLU E 260 -9.12 18.62 49.56
CA GLU E 260 -8.90 19.41 48.35
C GLU E 260 -9.32 18.58 47.14
N HIS E 261 -10.10 19.17 46.25
CA HIS E 261 -10.56 18.43 45.08
C HIS E 261 -10.86 19.39 43.94
N SER E 262 -10.27 19.13 42.78
CA SER E 262 -10.57 19.86 41.54
C SER E 262 -10.47 21.38 41.75
N GLY E 263 -9.52 21.79 42.58
CA GLY E 263 -9.24 23.19 42.79
C GLY E 263 -10.04 23.87 43.88
N VAL E 264 -10.89 23.16 44.62
CA VAL E 264 -11.62 23.74 45.74
C VAL E 264 -11.18 23.04 47.01
N HIS E 265 -10.92 23.83 48.05
CA HIS E 265 -10.49 23.33 49.35
C HIS E 265 -11.63 23.52 50.34
N MET E 266 -12.02 22.42 51.00
CA MET E 266 -13.16 22.40 51.90
C MET E 266 -12.72 21.90 53.26
N VAL E 267 -13.30 22.44 54.32
CA VAL E 267 -12.95 22.03 55.68
C VAL E 267 -14.23 21.76 56.46
N LEU E 268 -14.25 20.63 57.15
CA LEU E 268 -15.34 20.21 58.03
C LEU E 268 -14.82 20.20 59.47
N GLN E 269 -15.71 20.49 60.42
CA GLN E 269 -15.33 20.45 61.83
C GLN E 269 -16.28 19.57 62.62
N VAL E 270 -15.83 19.20 63.82
CA VAL E 270 -16.62 18.41 64.76
C VAL E 270 -17.91 19.15 65.12
N ILE F 2 6.83 -15.09 39.29
CA ILE F 2 6.64 -14.04 38.30
C ILE F 2 5.21 -13.53 38.33
N GLN F 3 4.40 -14.09 39.24
CA GLN F 3 2.99 -13.76 39.38
C GLN F 3 2.73 -13.18 40.76
N ARG F 4 1.69 -12.35 40.84
CA ARG F 4 1.30 -11.69 42.08
C ARG F 4 -0.16 -11.99 42.39
N THR F 5 -0.47 -12.06 43.69
CA THR F 5 -1.83 -12.34 44.12
C THR F 5 -2.71 -11.10 43.94
N PRO F 6 -4.00 -11.30 43.66
CA PRO F 6 -4.91 -10.16 43.49
C PRO F 6 -5.30 -9.56 44.83
N LYS F 7 -5.85 -8.35 44.76
CA LYS F 7 -6.32 -7.61 45.93
C LYS F 7 -7.84 -7.55 45.90
N ILE F 8 -8.47 -7.93 47.00
CA ILE F 8 -9.92 -8.03 47.10
C ILE F 8 -10.43 -6.86 47.94
N GLN F 9 -11.50 -6.22 47.46
CA GLN F 9 -12.10 -5.08 48.16
C GLN F 9 -13.59 -5.12 47.92
N VAL F 10 -14.37 -5.35 48.97
CA VAL F 10 -15.83 -5.43 48.90
C VAL F 10 -16.41 -4.25 49.63
N TYR F 11 -17.34 -3.55 48.98
CA TYR F 11 -17.95 -2.36 49.57
C TYR F 11 -19.31 -2.13 48.91
N SER F 12 -19.92 -0.98 49.17
CA SER F 12 -21.23 -0.64 48.65
C SER F 12 -21.16 0.66 47.86
N ARG F 13 -22.06 0.80 46.89
CA ARG F 13 -22.11 2.01 46.08
C ARG F 13 -22.46 3.23 46.93
N HIS F 14 -23.37 3.08 47.88
CA HIS F 14 -23.83 4.14 48.76
C HIS F 14 -23.67 3.69 50.20
N PRO F 15 -23.65 4.65 51.16
CA PRO F 15 -23.64 4.26 52.57
C PRO F 15 -24.78 3.30 52.90
N ALA F 16 -24.42 2.09 53.32
CA ALA F 16 -25.38 1.00 53.43
C ALA F 16 -26.35 1.26 54.57
N GLU F 17 -27.58 1.61 54.24
CA GLU F 17 -28.67 1.71 55.20
C GLU F 17 -29.50 0.44 55.12
N ASN F 18 -29.79 -0.15 56.28
CA ASN F 18 -30.55 -1.39 56.31
C ASN F 18 -31.92 -1.20 55.67
N GLY F 19 -32.33 -2.16 54.84
CA GLY F 19 -33.60 -2.10 54.15
C GLY F 19 -33.72 -0.97 53.15
N LYS F 20 -32.71 -0.79 52.31
CA LYS F 20 -32.74 0.24 51.28
C LYS F 20 -31.94 -0.24 50.07
N SER F 21 -32.60 -0.32 48.92
CA SER F 21 -31.96 -0.85 47.71
C SER F 21 -30.74 -0.02 47.34
N ASN F 22 -29.64 -0.72 47.05
CA ASN F 22 -28.36 -0.10 46.71
C ASN F 22 -27.56 -1.11 45.90
N PHE F 23 -26.29 -0.82 45.66
CA PHE F 23 -25.42 -1.67 44.86
C PHE F 23 -24.22 -2.13 45.68
N LEU F 24 -23.92 -3.42 45.61
CA LEU F 24 -22.73 -4.01 46.20
C LEU F 24 -21.66 -4.14 45.13
N ASN F 25 -20.44 -3.69 45.46
CA ASN F 25 -19.30 -3.69 44.54
C ASN F 25 -18.20 -4.59 45.10
N CYS F 26 -17.58 -5.36 44.21
CA CYS F 26 -16.38 -6.14 44.53
C CYS F 26 -15.30 -5.74 43.53
N TYR F 27 -14.17 -5.29 44.04
CA TYR F 27 -13.10 -4.70 43.23
C TYR F 27 -11.86 -5.58 43.34
N VAL F 28 -11.52 -6.28 42.27
CA VAL F 28 -10.39 -7.19 42.24
C VAL F 28 -9.32 -6.61 41.33
N SER F 29 -8.16 -6.31 41.90
CA SER F 29 -7.10 -5.66 41.14
C SER F 29 -5.75 -6.24 41.53
N GLY F 30 -4.80 -6.11 40.60
CA GLY F 30 -3.41 -6.45 40.89
C GLY F 30 -3.07 -7.93 40.80
N PHE F 31 -3.54 -8.58 39.73
CA PHE F 31 -3.21 -9.97 39.46
C PHE F 31 -2.64 -10.06 38.06
N HIS F 32 -1.48 -10.68 37.90
CA HIS F 32 -0.93 -10.75 36.56
C HIS F 32 -1.56 -11.86 35.70
N PRO F 33 -1.64 -13.11 36.16
CA PRO F 33 -2.35 -14.10 35.34
C PRO F 33 -3.82 -13.75 35.26
N SER F 34 -4.29 -13.46 34.05
CA SER F 34 -5.62 -12.90 33.85
C SER F 34 -6.67 -13.98 33.60
N ASP F 35 -6.64 -15.01 34.44
CA ASP F 35 -7.66 -16.06 34.45
C ASP F 35 -8.22 -16.11 35.87
N ILE F 36 -9.41 -15.55 36.06
CA ILE F 36 -10.01 -15.43 37.38
C ILE F 36 -11.45 -15.91 37.31
N GLU F 37 -11.97 -16.31 38.47
CA GLU F 37 -13.40 -16.54 38.65
C GLU F 37 -13.87 -15.72 39.85
N VAL F 38 -14.87 -14.88 39.63
CA VAL F 38 -15.37 -13.97 40.65
C VAL F 38 -16.85 -14.24 40.86
N ASP F 39 -17.26 -14.37 42.12
CA ASP F 39 -18.65 -14.65 42.45
C ASP F 39 -19.03 -13.86 43.70
N LEU F 40 -20.32 -13.55 43.82
CA LEU F 40 -20.87 -12.90 44.99
C LEU F 40 -21.70 -13.89 45.78
N LEU F 41 -21.63 -13.81 47.11
CA LEU F 41 -22.24 -14.78 47.99
C LEU F 41 -23.26 -14.09 48.87
N LYS F 42 -24.52 -14.51 48.77
CA LYS F 42 -25.64 -14.05 49.58
C LYS F 42 -25.98 -15.16 50.55
N ASN F 43 -25.68 -14.96 51.83
CA ASN F 43 -25.88 -15.97 52.87
C ASN F 43 -25.18 -17.28 52.49
N GLY F 44 -23.98 -17.14 51.94
CA GLY F 44 -23.22 -18.31 51.50
C GLY F 44 -23.70 -18.93 50.22
N GLU F 45 -24.51 -18.23 49.44
CA GLU F 45 -25.05 -18.76 48.19
C GLU F 45 -24.78 -17.80 47.04
N ARG F 46 -24.52 -18.36 45.86
CA ARG F 46 -24.17 -17.56 44.70
C ARG F 46 -25.33 -16.68 44.27
N ILE F 47 -25.00 -15.46 43.84
CA ILE F 47 -25.96 -14.55 43.25
C ILE F 47 -25.98 -14.79 41.74
N GLU F 48 -27.16 -14.65 41.14
CA GLU F 48 -27.33 -14.93 39.71
C GLU F 48 -27.55 -13.67 38.87
N LYS F 49 -27.93 -12.56 39.48
CA LYS F 49 -28.13 -11.29 38.77
C LYS F 49 -26.90 -10.41 38.87
N VAL F 50 -25.72 -11.00 38.74
CA VAL F 50 -24.46 -10.26 38.88
C VAL F 50 -24.14 -9.57 37.56
N GLU F 51 -23.62 -8.35 37.65
CA GLU F 51 -23.16 -7.60 36.50
C GLU F 51 -21.73 -7.12 36.75
N HIS F 52 -20.99 -6.96 35.65
CA HIS F 52 -19.59 -6.55 35.76
C HIS F 52 -19.19 -5.81 34.50
N SER F 53 -18.25 -4.88 34.65
CA SER F 53 -17.66 -4.19 33.53
C SER F 53 -16.60 -5.06 32.86
N ASP F 54 -16.10 -4.59 31.72
CA ASP F 54 -15.08 -5.34 31.00
C ASP F 54 -13.74 -5.23 31.71
N LEU F 55 -12.88 -6.22 31.44
CA LEU F 55 -11.54 -6.23 32.00
C LEU F 55 -10.75 -5.02 31.50
N SER F 56 -9.86 -4.51 32.36
CA SER F 56 -9.09 -3.32 32.06
C SER F 56 -7.63 -3.55 32.39
N PHE F 57 -6.80 -2.58 32.02
CA PHE F 57 -5.35 -2.69 32.13
C PHE F 57 -4.81 -1.61 33.07
N SER F 58 -3.70 -1.95 33.73
CA SER F 58 -2.98 -1.02 34.59
C SER F 58 -1.61 -0.73 33.98
N LYS F 59 -1.03 0.41 34.39
CA LYS F 59 0.25 0.84 33.86
C LYS F 59 1.40 -0.07 34.29
N ASP F 60 1.19 -0.95 35.29
CA ASP F 60 2.20 -1.89 35.74
C ASP F 60 1.96 -3.30 35.21
N TRP F 61 1.36 -3.41 34.02
CA TRP F 61 1.09 -4.71 33.38
C TRP F 61 0.15 -5.56 34.20
N SER F 62 -0.75 -4.93 34.96
CA SER F 62 -1.71 -5.61 35.80
C SER F 62 -3.12 -5.33 35.30
N PHE F 63 -4.10 -5.96 35.96
CA PHE F 63 -5.51 -5.86 35.58
C PHE F 63 -6.36 -5.56 36.80
N TYR F 64 -7.50 -4.92 36.56
CA TYR F 64 -8.48 -4.64 37.59
C TYR F 64 -9.88 -4.86 37.01
N LEU F 65 -10.81 -5.23 37.90
CA LEU F 65 -12.16 -5.59 37.50
C LEU F 65 -13.12 -5.25 38.63
N LEU F 66 -14.38 -4.99 38.25
CA LEU F 66 -15.44 -4.65 39.18
C LEU F 66 -16.65 -5.54 38.90
N TYR F 67 -17.13 -6.23 39.94
CA TYR F 67 -18.34 -7.04 39.87
C TYR F 67 -19.36 -6.42 40.81
N TYR F 68 -20.48 -5.96 40.27
CA TYR F 68 -21.46 -5.22 41.05
C TYR F 68 -22.85 -5.75 40.82
N THR F 69 -23.68 -5.64 41.86
CA THR F 69 -25.06 -6.11 41.78
C THR F 69 -25.95 -5.18 42.60
N GLU F 70 -27.26 -5.29 42.38
CA GLU F 70 -28.24 -4.52 43.13
C GLU F 70 -28.91 -5.40 44.17
N PHE F 71 -28.97 -4.91 45.40
CA PHE F 71 -29.48 -5.70 46.52
C PHE F 71 -30.08 -4.77 47.57
N THR F 72 -30.77 -5.39 48.54
CA THR F 72 -31.31 -4.67 49.69
C THR F 72 -30.73 -5.27 50.96
N PRO F 73 -29.98 -4.50 51.75
CA PRO F 73 -29.28 -5.09 52.89
C PRO F 73 -30.22 -5.46 54.04
N THR F 74 -29.98 -6.64 54.60
CA THR F 74 -30.62 -7.06 55.84
C THR F 74 -29.52 -7.51 56.80
N GLU F 75 -29.66 -7.15 58.07
CA GLU F 75 -28.61 -7.44 59.04
C GLU F 75 -28.41 -8.94 59.24
N LYS F 76 -29.46 -9.74 59.03
CA LYS F 76 -29.31 -11.19 59.16
C LYS F 76 -28.43 -11.76 58.06
N ASP F 77 -28.55 -11.24 56.84
CA ASP F 77 -27.83 -11.79 55.71
C ASP F 77 -26.36 -11.37 55.74
N GLU F 78 -25.49 -12.29 55.34
CA GLU F 78 -24.06 -12.04 55.22
C GLU F 78 -23.67 -12.07 53.75
N TYR F 79 -22.87 -11.09 53.33
CA TYR F 79 -22.50 -10.91 51.94
C TYR F 79 -20.98 -11.05 51.81
N ALA F 80 -20.54 -11.81 50.80
CA ALA F 80 -19.12 -12.10 50.64
C ALA F 80 -18.76 -12.11 49.17
N CYS F 81 -17.46 -12.07 48.90
CA CYS F 81 -16.92 -12.19 47.55
C CYS F 81 -15.96 -13.36 47.49
N ARG F 82 -16.19 -14.28 46.55
CA ARG F 82 -15.38 -15.48 46.38
C ARG F 82 -14.64 -15.42 45.06
N VAL F 83 -13.31 -15.56 45.11
CA VAL F 83 -12.47 -15.41 43.94
C VAL F 83 -11.52 -16.59 43.84
N ASN F 84 -11.33 -17.09 42.62
CA ASN F 84 -10.37 -18.15 42.33
C ASN F 84 -9.38 -17.67 41.29
N HIS F 85 -8.10 -17.86 41.58
CA HIS F 85 -7.00 -17.46 40.72
C HIS F 85 -6.01 -18.62 40.61
N VAL F 86 -5.17 -18.56 39.58
CA VAL F 86 -4.16 -19.61 39.38
C VAL F 86 -3.16 -19.62 40.52
N THR F 87 -2.80 -18.44 41.04
CA THR F 87 -1.85 -18.35 42.13
C THR F 87 -2.44 -18.82 43.46
N LEU F 88 -3.74 -19.06 43.53
CA LEU F 88 -4.41 -19.47 44.76
C LEU F 88 -4.72 -20.96 44.69
N SER F 89 -4.30 -21.69 45.73
CA SER F 89 -4.56 -23.13 45.78
C SER F 89 -6.05 -23.43 45.92
N GLN F 90 -6.82 -22.52 46.51
CA GLN F 90 -8.26 -22.67 46.64
C GLN F 90 -8.90 -21.30 46.58
N PRO F 91 -10.14 -21.19 46.11
CA PRO F 91 -10.79 -19.89 46.01
C PRO F 91 -10.98 -19.25 47.37
N LYS F 92 -10.45 -18.04 47.53
CA LYS F 92 -10.53 -17.30 48.78
C LYS F 92 -11.79 -16.44 48.82
N ILE F 93 -12.33 -16.27 50.02
CA ILE F 93 -13.56 -15.53 50.25
C ILE F 93 -13.28 -14.40 51.22
N VAL F 94 -13.76 -13.21 50.89
CA VAL F 94 -13.60 -12.02 51.72
C VAL F 94 -14.99 -11.49 52.05
N LYS F 95 -15.26 -11.29 53.34
CA LYS F 95 -16.55 -10.85 53.82
C LYS F 95 -16.63 -9.32 53.89
N TRP F 96 -17.85 -8.83 54.11
CA TRP F 96 -18.15 -7.41 54.18
C TRP F 96 -18.39 -7.05 55.64
N ASP F 97 -17.80 -5.93 56.08
CA ASP F 97 -17.91 -5.51 57.47
C ASP F 97 -18.91 -4.39 57.69
N ARG F 98 -19.48 -3.82 56.63
CA ARG F 98 -20.53 -2.81 56.69
C ARG F 98 -20.03 -1.46 57.19
N ASP F 99 -18.80 -1.39 57.67
CA ASP F 99 -18.25 -0.15 58.22
C ASP F 99 -18.24 0.97 57.19
N ARG G 9 12.02 27.99 -6.92
CA ARG G 9 11.29 26.76 -6.61
C ARG G 9 9.79 26.97 -6.68
N THR G 10 9.36 28.23 -6.73
CA THR G 10 7.94 28.57 -6.77
C THR G 10 7.53 28.77 -8.22
N LYS G 11 6.56 27.99 -8.68
CA LYS G 11 6.06 28.07 -10.04
C LYS G 11 5.11 29.26 -10.19
N SER G 12 4.85 29.63 -11.45
CA SER G 12 4.03 30.79 -11.75
C SER G 12 3.25 30.53 -13.03
N VAL G 13 1.98 30.96 -13.05
CA VAL G 13 1.10 30.72 -14.18
C VAL G 13 0.23 31.97 -14.42
N THR G 14 0.07 32.32 -15.69
CA THR G 14 -0.84 33.37 -16.12
C THR G 14 -1.83 32.78 -17.11
N ARG G 15 -3.11 32.99 -16.87
CA ARG G 15 -4.15 32.36 -17.68
C ARG G 15 -5.26 33.35 -18.01
N PRO G 16 -5.96 33.15 -19.12
CA PRO G 16 -7.19 33.90 -19.38
C PRO G 16 -8.32 33.39 -18.49
N THR G 17 -9.33 34.23 -18.32
CA THR G 17 -10.49 33.83 -17.54
C THR G 17 -11.27 32.73 -18.24
N GLY G 18 -11.72 31.74 -17.47
CA GLY G 18 -12.47 30.63 -17.99
C GLY G 18 -11.65 29.47 -18.48
N SER G 19 -10.34 29.63 -18.64
CA SER G 19 -9.49 28.53 -19.06
C SER G 19 -8.94 27.85 -17.81
N SER G 20 -8.72 26.55 -17.88
CA SER G 20 -8.33 25.82 -16.69
C SER G 20 -6.81 25.84 -16.51
N ALA G 21 -6.40 25.71 -15.25
CA ALA G 21 -4.99 25.78 -14.89
C ALA G 21 -4.63 24.58 -14.01
N VAL G 22 -3.40 24.11 -14.20
CA VAL G 22 -2.85 22.96 -13.50
C VAL G 22 -1.70 23.44 -12.63
N ILE G 23 -1.67 22.99 -11.38
CA ILE G 23 -0.66 23.39 -10.41
C ILE G 23 -0.10 22.12 -9.77
N THR G 24 1.22 21.99 -9.76
CA THR G 24 1.87 20.81 -9.21
C THR G 24 2.35 21.09 -7.80
N CYS G 25 2.18 20.10 -6.92
CA CYS G 25 2.61 20.22 -5.53
C CYS G 25 4.13 20.10 -5.43
N ASP G 26 4.74 20.99 -4.67
CA ASP G 26 6.19 20.97 -4.43
C ASP G 26 6.41 20.69 -2.95
N LEU G 27 6.47 19.42 -2.58
CA LEU G 27 6.62 19.02 -1.19
C LEU G 27 7.76 18.02 -1.06
N PRO G 28 8.40 17.98 0.12
CA PRO G 28 9.51 17.02 0.31
C PRO G 28 9.11 15.57 0.10
N VAL G 29 7.90 15.19 0.48
CA VAL G 29 7.41 13.83 0.34
C VAL G 29 6.41 13.79 -0.81
N GLU G 30 6.45 12.71 -1.59
CA GLU G 30 5.65 12.62 -2.81
C GLU G 30 4.16 12.43 -2.51
N ASN G 31 3.82 11.34 -1.82
CA ASN G 31 2.43 10.93 -1.64
C ASN G 31 2.12 10.83 -0.15
N ALA G 32 1.23 11.69 0.34
CA ALA G 32 0.71 11.61 1.69
C ALA G 32 -0.75 11.19 1.65
N VAL G 33 -1.22 10.61 2.75
CA VAL G 33 -2.59 10.12 2.81
C VAL G 33 -3.59 11.25 2.64
N TYR G 34 -3.37 12.35 3.36
CA TYR G 34 -4.17 13.55 3.22
C TYR G 34 -3.27 14.70 2.80
N THR G 35 -3.63 15.36 1.69
CA THR G 35 -2.83 16.45 1.14
C THR G 35 -3.72 17.68 1.03
N HIS G 36 -3.43 18.71 1.83
CA HIS G 36 -4.29 19.87 1.89
C HIS G 36 -3.88 20.91 0.86
N TRP G 37 -4.84 21.77 0.50
CA TRP G 37 -4.63 22.81 -0.49
C TRP G 37 -5.26 24.10 0.02
N TYR G 38 -4.41 25.14 0.14
CA TYR G 38 -4.79 26.44 0.67
C TYR G 38 -4.57 27.51 -0.39
N LEU G 39 -5.34 28.59 -0.29
CA LEU G 39 -5.19 29.76 -1.13
C LEU G 39 -4.79 30.96 -0.26
N HIS G 40 -3.87 31.77 -0.77
CA HIS G 40 -3.53 33.04 -0.16
C HIS G 40 -3.77 34.16 -1.16
N GLN G 41 -4.43 35.21 -0.69
CA GLN G 41 -4.67 36.43 -1.47
C GLN G 41 -4.17 37.62 -0.67
N GLU G 42 -3.90 38.72 -1.39
CA GLU G 42 -3.19 39.84 -0.79
C GLU G 42 -3.95 40.46 0.37
N GLY G 43 -5.24 40.73 0.18
CA GLY G 43 -5.99 41.50 1.17
C GLY G 43 -6.52 40.70 2.33
N LYS G 44 -6.82 39.42 2.13
CA LYS G 44 -7.52 38.62 3.12
C LYS G 44 -6.62 37.53 3.68
N ALA G 45 -7.15 36.84 4.70
CA ALA G 45 -6.42 35.76 5.32
C ALA G 45 -6.35 34.54 4.40
N PRO G 46 -5.27 33.77 4.49
CA PRO G 46 -5.24 32.48 3.80
C PRO G 46 -6.32 31.56 4.36
N GLN G 47 -6.89 30.74 3.47
CA GLN G 47 -7.94 29.82 3.85
C GLN G 47 -7.70 28.47 3.18
N ARG G 48 -8.11 27.41 3.87
CA ARG G 48 -8.02 26.08 3.30
C ARG G 48 -9.05 25.94 2.20
N LEU G 49 -8.59 25.65 0.98
CA LEU G 49 -9.54 25.44 -0.11
C LEU G 49 -10.11 24.03 -0.09
N LEU G 50 -9.26 23.02 0.10
CA LEU G 50 -9.74 21.64 0.12
C LEU G 50 -8.64 20.74 0.66
N TYR G 51 -8.89 19.43 0.63
CA TYR G 51 -7.82 18.46 0.81
C TYR G 51 -8.16 17.21 0.02
N TYR G 52 -7.14 16.39 -0.21
CA TYR G 52 -7.27 15.15 -0.96
C TYR G 52 -7.06 13.98 -0.01
N ASP G 53 -8.01 13.03 -0.04
CA ASP G 53 -7.95 11.78 0.71
C ASP G 53 -7.51 10.68 -0.25
N SER G 54 -6.34 10.09 0.04
CA SER G 54 -5.82 9.02 -0.80
C SER G 54 -6.61 7.73 -0.62
N TYR G 55 -7.02 7.43 0.62
CA TYR G 55 -7.74 6.20 0.88
C TYR G 55 -9.06 6.15 0.10
N ASN G 56 -9.95 7.09 0.38
CA ASN G 56 -11.17 7.21 -0.40
C ASN G 56 -10.92 7.74 -1.81
N SER G 57 -9.70 8.21 -2.08
CA SER G 57 -9.30 8.68 -3.41
C SER G 57 -10.25 9.78 -3.91
N ARG G 58 -10.49 10.77 -3.06
CA ARG G 58 -11.44 11.81 -3.41
C ARG G 58 -11.04 13.12 -2.75
N VAL G 59 -11.57 14.20 -3.30
CA VAL G 59 -11.34 15.54 -2.76
C VAL G 59 -12.46 15.88 -1.79
N VAL G 60 -12.09 16.40 -0.62
CA VAL G 60 -13.04 16.94 0.35
C VAL G 60 -12.89 18.45 0.33
N LEU G 61 -13.97 19.13 -0.03
CA LEU G 61 -13.98 20.57 -0.20
C LEU G 61 -14.49 21.25 1.07
N GLU G 62 -14.46 22.58 1.06
CA GLU G 62 -15.01 23.39 2.14
C GLU G 62 -16.36 23.97 1.74
N SER G 63 -17.08 24.48 2.73
CA SER G 63 -18.43 24.97 2.49
C SER G 63 -18.38 26.31 1.74
N GLY G 64 -19.15 26.40 0.66
CA GLY G 64 -19.24 27.62 -0.11
C GLY G 64 -18.66 27.59 -1.51
N ILE G 65 -18.21 26.44 -2.01
CA ILE G 65 -17.57 26.36 -3.31
C ILE G 65 -18.26 25.28 -4.14
N SER G 66 -18.33 25.52 -5.44
CA SER G 66 -18.98 24.58 -6.35
C SER G 66 -18.16 23.30 -6.49
N ARG G 67 -18.87 22.20 -6.78
CA ARG G 67 -18.23 20.90 -6.93
C ARG G 67 -17.46 20.78 -8.24
N GLU G 68 -17.88 21.51 -9.28
CA GLU G 68 -17.24 21.45 -10.59
C GLU G 68 -16.15 22.51 -10.75
N LYS G 69 -15.51 22.90 -9.66
CA LYS G 69 -14.47 23.93 -9.66
C LYS G 69 -13.06 23.35 -9.64
N TYR G 70 -12.81 22.32 -8.83
CA TYR G 70 -11.47 21.76 -8.67
C TYR G 70 -11.51 20.25 -8.85
N HIS G 71 -10.37 19.69 -9.23
CA HIS G 71 -10.17 18.24 -9.23
C HIS G 71 -8.68 17.97 -9.13
N THR G 72 -8.33 16.69 -9.01
CA THR G 72 -6.97 16.31 -8.66
C THR G 72 -6.42 15.25 -9.61
N TYR G 73 -5.17 15.42 -10.01
CA TYR G 73 -4.38 14.38 -10.66
C TYR G 73 -3.53 13.74 -9.56
N ALA G 74 -3.93 12.55 -9.13
CA ALA G 74 -3.18 11.79 -8.12
C ALA G 74 -2.30 10.73 -8.78
N SER G 75 -1.34 11.20 -9.57
CA SER G 75 -0.40 10.29 -10.22
C SER G 75 0.50 9.63 -9.20
N THR G 76 0.61 8.32 -9.27
CA THR G 76 1.44 7.55 -8.35
C THR G 76 2.92 7.76 -8.63
N GLY G 77 3.71 7.76 -7.55
CA GLY G 77 5.15 7.95 -7.64
C GLY G 77 5.61 9.38 -7.87
N LYS G 78 4.73 10.26 -8.33
CA LYS G 78 5.08 11.64 -8.59
C LYS G 78 4.28 12.56 -7.66
N SER G 79 4.67 13.82 -7.65
CA SER G 79 3.96 14.82 -6.84
C SER G 79 2.55 15.02 -7.37
N LEU G 80 1.62 15.26 -6.44
CA LEU G 80 0.22 15.41 -6.79
C LEU G 80 -0.02 16.73 -7.53
N LYS G 81 -1.11 16.77 -8.30
CA LYS G 81 -1.47 17.96 -9.05
C LYS G 81 -2.91 18.34 -8.78
N PHE G 82 -3.18 19.64 -8.83
CA PHE G 82 -4.53 20.20 -8.65
C PHE G 82 -4.88 21.01 -9.89
N ILE G 83 -6.05 20.73 -10.47
CA ILE G 83 -6.50 21.42 -11.68
C ILE G 83 -7.80 22.14 -11.36
N LEU G 84 -7.87 23.42 -11.68
CA LEU G 84 -9.06 24.23 -11.42
C LEU G 84 -9.52 24.86 -12.72
N GLU G 85 -10.84 24.90 -12.91
CA GLU G 85 -11.46 25.23 -14.20
C GLU G 85 -12.38 26.44 -14.06
N ASN G 86 -12.70 27.02 -15.22
CA ASN G 86 -13.59 28.18 -15.33
C ASN G 86 -13.11 29.33 -14.43
N LEU G 87 -11.93 29.83 -14.79
CA LEU G 87 -11.25 30.83 -13.99
C LEU G 87 -12.02 32.14 -13.93
N ILE G 88 -11.95 32.79 -12.76
CA ILE G 88 -12.53 34.10 -12.53
C ILE G 88 -11.44 34.97 -11.91
N GLU G 89 -11.56 36.29 -12.08
CA GLU G 89 -10.54 37.20 -11.59
C GLU G 89 -10.27 37.02 -10.10
N ARG G 90 -11.31 36.66 -9.34
CA ARG G 90 -11.17 36.43 -7.90
C ARG G 90 -10.46 35.13 -7.57
N ASP G 91 -10.10 34.32 -8.55
CA ASP G 91 -9.28 33.13 -8.32
C ASP G 91 -7.78 33.43 -8.33
N SER G 92 -7.39 34.64 -8.69
CA SER G 92 -5.97 35.00 -8.68
C SER G 92 -5.43 35.00 -7.27
N GLY G 93 -4.20 34.50 -7.12
CA GLY G 93 -3.59 34.41 -5.79
C GLY G 93 -2.36 33.53 -5.83
N VAL G 94 -2.11 32.84 -4.72
CA VAL G 94 -1.05 31.84 -4.66
C VAL G 94 -1.56 30.63 -3.91
N TYR G 95 -1.33 29.44 -4.48
CA TYR G 95 -1.90 28.21 -3.96
C TYR G 95 -0.79 27.33 -3.38
N TYR G 96 -0.96 26.90 -2.14
CA TYR G 96 0.04 26.09 -1.44
C TYR G 96 -0.53 24.71 -1.11
N CYS G 97 0.26 23.68 -1.39
CA CYS G 97 0.00 22.36 -0.84
C CYS G 97 0.52 22.29 0.60
N ALA G 98 -0.03 21.35 1.37
CA ALA G 98 0.32 21.24 2.78
C ALA G 98 0.16 19.80 3.25
N THR G 99 0.93 19.45 4.27
CA THR G 99 0.98 18.09 4.79
C THR G 99 1.23 18.13 6.29
N TRP G 100 0.83 17.06 6.99
CA TRP G 100 0.97 16.96 8.44
C TRP G 100 1.98 15.87 8.78
N ASP G 101 3.22 16.26 9.08
CA ASP G 101 4.20 15.33 9.62
C ASP G 101 4.63 15.74 11.03
N TYR G 102 5.17 16.95 11.20
CA TYR G 102 5.44 17.54 12.49
C TYR G 102 4.48 18.70 12.78
N LYS G 103 4.42 19.67 11.88
CA LYS G 103 3.40 20.71 11.88
C LYS G 103 2.83 20.79 10.47
N LYS G 104 2.06 21.83 10.18
CA LYS G 104 1.57 21.98 8.81
C LYS G 104 2.71 22.41 7.89
N LEU G 105 3.36 21.45 7.26
CA LEU G 105 4.44 21.71 6.31
C LEU G 105 3.82 22.19 5.01
N PHE G 106 4.00 23.47 4.69
CA PHE G 106 3.53 24.03 3.44
C PHE G 106 4.52 23.75 2.32
N GLY G 107 4.00 23.59 1.11
CA GLY G 107 4.84 23.41 -0.06
C GLY G 107 5.39 24.73 -0.56
N SER G 108 6.14 24.64 -1.67
CA SER G 108 6.68 25.85 -2.28
C SER G 108 5.57 26.73 -2.86
N GLY G 109 4.47 26.12 -3.31
CA GLY G 109 3.34 26.87 -3.81
C GLY G 109 3.52 27.32 -5.25
N THR G 110 2.41 27.76 -5.84
CA THR G 110 2.40 28.27 -7.20
C THR G 110 1.58 29.55 -7.26
N THR G 111 2.16 30.59 -7.85
CA THR G 111 1.43 31.83 -8.05
C THR G 111 0.59 31.74 -9.32
N LEU G 112 -0.62 32.29 -9.26
CA LEU G 112 -1.55 32.24 -10.38
C LEU G 112 -2.19 33.61 -10.57
N VAL G 113 -2.16 34.12 -11.80
CA VAL G 113 -2.87 35.33 -12.16
C VAL G 113 -3.70 35.05 -13.40
N VAL G 114 -4.93 35.56 -13.42
CA VAL G 114 -5.85 35.34 -14.54
C VAL G 114 -6.46 36.67 -14.97
N THR G 115 -6.73 36.77 -16.26
CA THR G 115 -7.19 38.03 -16.86
C THR G 115 -8.48 37.82 -17.62
N GLU G 116 -9.38 38.80 -17.52
CA GLU G 116 -10.60 38.77 -18.30
C GLU G 116 -10.32 38.87 -19.80
N ASP G 117 -9.51 39.86 -20.19
CA ASP G 117 -9.23 40.14 -21.58
C ASP G 117 -7.82 39.67 -21.93
N LEU G 118 -7.69 38.97 -23.05
CA LEU G 118 -6.40 38.54 -23.57
C LEU G 118 -5.85 39.53 -24.60
N LYS G 119 -6.54 40.64 -24.84
CA LYS G 119 -6.09 41.61 -25.83
C LYS G 119 -4.99 42.52 -25.31
N ASN G 120 -5.00 42.84 -24.01
CA ASN G 120 -4.13 43.86 -23.46
C ASN G 120 -2.89 43.30 -22.77
N VAL G 121 -2.54 42.05 -23.06
CA VAL G 121 -1.37 41.43 -22.43
C VAL G 121 -0.14 41.70 -23.29
N PHE G 122 0.95 42.13 -22.65
CA PHE G 122 2.20 42.41 -23.32
C PHE G 122 3.37 41.89 -22.48
N PRO G 123 4.47 41.52 -23.12
CA PRO G 123 5.69 41.20 -22.36
C PRO G 123 6.46 42.47 -22.06
N PRO G 124 7.36 42.44 -21.07
CA PRO G 124 8.10 43.64 -20.69
C PRO G 124 9.36 43.86 -21.52
N GLU G 125 9.79 45.12 -21.56
CA GLU G 125 11.06 45.50 -22.14
C GLU G 125 12.06 45.77 -21.02
N VAL G 126 13.26 45.22 -21.14
CA VAL G 126 14.27 45.26 -20.10
C VAL G 126 15.41 46.16 -20.56
N ALA G 127 15.74 47.15 -19.74
CA ALA G 127 16.84 48.06 -20.02
C ALA G 127 17.77 48.13 -18.82
N VAL G 128 19.07 48.24 -19.08
CA VAL G 128 20.10 48.30 -18.05
C VAL G 128 20.83 49.63 -18.15
N PHE G 129 20.94 50.33 -17.03
CA PHE G 129 21.63 51.61 -16.93
C PHE G 129 22.88 51.43 -16.08
N GLU G 130 24.02 51.85 -16.64
CA GLU G 130 25.35 51.71 -16.08
C GLU G 130 25.58 52.72 -14.95
N PRO G 131 26.46 52.39 -14.00
CA PRO G 131 26.67 53.28 -12.85
C PRO G 131 27.20 54.65 -13.28
N SER G 132 26.82 55.66 -12.50
CA SER G 132 27.34 57.01 -12.72
C SER G 132 28.78 57.11 -12.24
N GLU G 133 29.61 57.86 -12.99
CA GLU G 133 31.00 58.05 -12.60
C GLU G 133 31.10 58.80 -11.27
N ALA G 134 30.12 59.66 -10.98
CA ALA G 134 30.15 60.41 -9.73
C ALA G 134 30.07 59.48 -8.52
N GLU G 135 29.22 58.46 -8.59
CA GLU G 135 29.12 57.52 -7.47
C GLU G 135 30.40 56.71 -7.30
N ILE G 136 31.04 56.33 -8.42
CA ILE G 136 32.31 55.62 -8.32
C ILE G 136 33.37 56.49 -7.66
N SER G 137 33.46 57.76 -8.07
CA SER G 137 34.44 58.66 -7.48
C SER G 137 34.12 58.97 -6.02
N HIS G 138 32.84 58.97 -5.65
CA HIS G 138 32.41 59.47 -4.35
C HIS G 138 32.37 58.39 -3.27
N THR G 139 31.85 57.20 -3.60
CA THR G 139 31.65 56.15 -2.61
C THR G 139 32.48 54.89 -2.87
N GLN G 140 33.19 54.81 -3.99
CA GLN G 140 33.93 53.61 -4.38
C GLN G 140 33.01 52.39 -4.46
N LYS G 141 31.78 52.62 -4.92
CA LYS G 141 30.78 51.57 -5.08
C LYS G 141 30.00 51.86 -6.36
N ALA G 142 29.64 50.80 -7.09
CA ALA G 142 28.98 50.94 -8.38
C ALA G 142 27.58 50.34 -8.31
N THR G 143 26.59 51.08 -8.79
CA THR G 143 25.19 50.65 -8.78
C THR G 143 24.68 50.57 -10.22
N LEU G 144 24.22 49.40 -10.62
CA LEU G 144 23.60 49.17 -11.92
C LEU G 144 22.09 49.04 -11.74
N VAL G 145 21.33 49.67 -12.63
CA VAL G 145 19.88 49.72 -12.49
C VAL G 145 19.24 48.98 -13.66
N CYS G 146 18.31 48.07 -13.37
CA CYS G 146 17.53 47.39 -14.38
C CYS G 146 16.08 47.81 -14.27
N LEU G 147 15.51 48.28 -15.39
CA LEU G 147 14.10 48.67 -15.43
C LEU G 147 13.38 47.88 -16.50
N ALA G 148 12.28 47.24 -16.13
CA ALA G 148 11.41 46.53 -17.05
C ALA G 148 10.08 47.24 -17.12
N THR G 149 9.64 47.57 -18.34
CA THR G 149 8.47 48.41 -18.54
C THR G 149 7.52 47.78 -19.55
N GLY G 150 6.23 48.10 -19.38
CA GLY G 150 5.27 47.78 -20.42
C GLY G 150 4.72 46.37 -20.41
N PHE G 151 4.54 45.77 -19.24
CA PHE G 151 3.91 44.47 -19.12
C PHE G 151 2.62 44.62 -18.31
N TYR G 152 1.52 44.15 -18.87
CA TYR G 152 0.24 44.26 -18.17
C TYR G 152 0.08 43.16 -17.10
N PRO G 153 0.36 41.87 -17.40
CA PRO G 153 0.27 40.86 -16.33
C PRO G 153 1.47 40.94 -15.40
N ASP G 154 1.21 41.29 -14.14
CA ASP G 154 2.26 41.40 -13.13
C ASP G 154 2.63 40.01 -12.63
N HIS G 155 3.31 39.27 -13.51
CA HIS G 155 3.75 37.91 -13.19
C HIS G 155 5.18 37.69 -13.67
N VAL G 156 6.06 38.65 -13.35
CA VAL G 156 7.45 38.59 -13.75
C VAL G 156 8.31 38.20 -12.55
N GLU G 157 9.49 37.67 -12.84
CA GLU G 157 10.47 37.32 -11.81
C GLU G 157 11.84 37.76 -12.28
N LEU G 158 12.44 38.71 -11.56
CA LEU G 158 13.70 39.30 -11.97
C LEU G 158 14.87 38.68 -11.22
N SER G 159 16.02 38.59 -11.90
CA SER G 159 17.24 38.06 -11.31
C SER G 159 18.44 38.70 -11.99
N TRP G 160 19.59 38.58 -11.34
CA TRP G 160 20.85 39.11 -11.84
C TRP G 160 21.86 37.98 -11.99
N TRP G 161 22.67 38.07 -13.04
CA TRP G 161 23.67 37.05 -13.36
C TRP G 161 24.98 37.76 -13.69
N VAL G 162 25.98 37.60 -12.84
CA VAL G 162 27.32 38.11 -13.10
C VAL G 162 28.21 36.94 -13.50
N ASN G 163 28.91 37.08 -14.63
CA ASN G 163 29.72 36.02 -15.20
C ASN G 163 28.93 34.72 -15.31
N GLY G 164 27.66 34.84 -15.69
CA GLY G 164 26.78 33.68 -15.82
C GLY G 164 26.49 32.98 -14.51
N LYS G 165 26.37 33.73 -13.41
CA LYS G 165 26.06 33.15 -12.11
C LYS G 165 25.00 34.02 -11.43
N GLU G 166 23.97 33.37 -10.91
CA GLU G 166 22.88 34.10 -10.25
C GLU G 166 23.38 34.71 -8.95
N VAL G 167 23.02 35.97 -8.72
CA VAL G 167 23.49 36.73 -7.57
C VAL G 167 22.29 37.11 -6.71
N HIS G 168 22.39 36.85 -5.41
CA HIS G 168 21.35 37.23 -4.45
C HIS G 168 21.81 38.26 -3.42
N SER G 169 23.12 38.44 -3.24
CA SER G 169 23.64 39.43 -2.30
C SER G 169 23.79 40.78 -2.99
N GLY G 170 23.50 41.84 -2.25
CA GLY G 170 23.66 43.19 -2.74
C GLY G 170 22.75 43.55 -3.90
N VAL G 171 21.57 42.94 -3.97
CA VAL G 171 20.59 43.23 -5.01
C VAL G 171 19.26 43.51 -4.33
N CYS G 172 18.60 44.58 -4.74
CA CYS G 172 17.31 44.96 -4.19
C CYS G 172 16.33 45.32 -5.30
N THR G 173 15.13 44.76 -5.26
CA THR G 173 14.08 45.07 -6.21
C THR G 173 12.79 45.38 -5.46
N ASP G 174 12.12 46.46 -5.86
CA ASP G 174 10.89 46.85 -5.18
C ASP G 174 9.84 45.74 -5.33
N PRO G 175 9.09 45.44 -4.27
CA PRO G 175 8.14 44.31 -4.33
C PRO G 175 6.85 44.61 -5.06
N GLN G 176 6.50 45.88 -5.25
CA GLN G 176 5.24 46.24 -5.92
C GLN G 176 5.53 47.10 -7.14
N PRO G 177 5.10 46.68 -8.33
CA PRO G 177 5.24 47.53 -9.51
C PRO G 177 4.26 48.70 -9.46
N LEU G 178 4.49 49.65 -10.37
CA LEU G 178 3.67 50.85 -10.47
C LEU G 178 3.07 50.95 -11.86
N LYS G 179 1.97 51.69 -11.96
CA LYS G 179 1.19 51.77 -13.19
C LYS G 179 1.63 52.99 -14.01
N GLU G 180 1.79 52.76 -15.32
CA GLU G 180 2.09 53.88 -16.21
C GLU G 180 0.96 54.90 -16.22
N GLN G 181 -0.28 54.44 -16.25
CA GLN G 181 -1.46 55.30 -16.25
C GLN G 181 -2.31 54.99 -15.02
N PRO G 182 -2.16 55.75 -13.93
CA PRO G 182 -2.96 55.46 -12.73
C PRO G 182 -4.46 55.67 -12.92
N ALA G 183 -4.86 56.43 -13.94
CA ALA G 183 -6.26 56.71 -14.21
C ALA G 183 -6.87 55.75 -15.22
N LEU G 184 -6.13 54.73 -15.65
CA LEU G 184 -6.59 53.78 -16.65
C LEU G 184 -7.08 52.51 -15.99
N ASN G 185 -8.24 52.02 -16.46
CA ASN G 185 -8.78 50.76 -15.94
C ASN G 185 -7.84 49.60 -16.24
N ASP G 186 -7.27 49.57 -17.45
CA ASP G 186 -6.33 48.55 -17.88
C ASP G 186 -4.99 49.24 -18.12
N SER G 187 -4.17 49.32 -17.07
CA SER G 187 -2.89 49.99 -17.14
C SER G 187 -1.75 48.98 -17.06
N ARG G 188 -0.62 49.33 -17.67
CA ARG G 188 0.56 48.50 -17.72
C ARG G 188 1.49 48.80 -16.54
N TYR G 189 2.49 47.94 -16.35
CA TYR G 189 3.32 47.98 -15.16
C TYR G 189 4.79 48.19 -15.51
N ALA G 190 5.52 48.71 -14.52
CA ALA G 190 6.97 48.85 -14.59
C ALA G 190 7.57 48.41 -13.26
N LEU G 191 8.77 47.83 -13.33
CA LEU G 191 9.46 47.30 -12.17
C LEU G 191 10.94 47.64 -12.28
N SER G 192 11.60 47.78 -11.13
CA SER G 192 12.99 48.18 -11.07
C SER G 192 13.77 47.28 -10.11
N SER G 193 15.06 47.12 -10.41
CA SER G 193 15.98 46.39 -9.56
C SER G 193 17.33 47.08 -9.60
N ARG G 194 18.10 46.93 -8.53
CA ARG G 194 19.41 47.56 -8.40
C ARG G 194 20.41 46.54 -7.89
N LEU G 195 21.58 46.52 -8.49
CA LEU G 195 22.70 45.71 -8.02
C LEU G 195 23.90 46.60 -7.73
N ARG G 196 24.42 46.52 -6.51
CA ARG G 196 25.55 47.32 -6.09
C ARG G 196 26.73 46.40 -5.80
N VAL G 197 27.90 46.76 -6.31
CA VAL G 197 29.11 45.97 -6.18
C VAL G 197 30.28 46.92 -5.92
N SER G 198 31.40 46.33 -5.50
CA SER G 198 32.63 47.11 -5.31
C SER G 198 33.05 47.74 -6.63
N ALA G 199 33.54 48.98 -6.54
CA ALA G 199 33.93 49.71 -7.74
C ALA G 199 35.02 48.98 -8.52
N THR G 200 35.86 48.21 -7.83
CA THR G 200 36.87 47.41 -8.52
C THR G 200 36.22 46.41 -9.46
N PHE G 201 35.10 45.81 -9.04
CA PHE G 201 34.41 44.84 -9.90
C PHE G 201 33.89 45.50 -11.16
N TRP G 202 33.31 46.69 -11.05
CA TRP G 202 32.82 47.38 -12.24
C TRP G 202 33.97 47.83 -13.14
N GLN G 203 35.06 48.34 -12.55
CA GLN G 203 36.16 48.83 -13.36
C GLN G 203 36.88 47.71 -14.10
N ASN G 204 36.69 46.46 -13.69
CA ASN G 204 37.23 45.34 -14.45
C ASN G 204 36.43 45.15 -15.72
N PRO G 205 37.02 45.30 -16.90
CA PRO G 205 36.23 45.19 -18.13
C PRO G 205 35.84 43.76 -18.49
N ARG G 206 36.54 42.76 -17.95
CA ARG G 206 36.18 41.37 -18.24
C ARG G 206 34.85 40.99 -17.58
N ASN G 207 34.49 41.64 -16.48
CA ASN G 207 33.29 41.27 -15.74
C ASN G 207 32.04 41.58 -16.55
N HIS G 208 31.15 40.60 -16.65
CA HIS G 208 29.92 40.71 -17.42
C HIS G 208 28.72 40.67 -16.49
N PHE G 209 27.82 41.65 -16.63
CA PHE G 209 26.62 41.74 -15.81
C PHE G 209 25.39 41.57 -16.69
N ARG G 210 24.39 40.84 -16.19
CA ARG G 210 23.18 40.60 -16.95
C ARG G 210 21.97 40.66 -16.03
N CYS G 211 20.91 41.31 -16.49
CA CYS G 211 19.62 41.36 -15.81
C CYS G 211 18.62 40.55 -16.61
N GLN G 212 18.00 39.56 -15.96
CA GLN G 212 17.14 38.59 -16.62
C GLN G 212 15.75 38.62 -15.96
N VAL G 213 14.73 38.85 -16.77
CA VAL G 213 13.34 38.86 -16.31
C VAL G 213 12.64 37.66 -16.93
N GLN G 214 12.27 36.69 -16.09
CA GLN G 214 11.42 35.57 -16.47
C GLN G 214 9.98 36.07 -16.50
N PHE G 215 9.41 36.19 -17.70
CA PHE G 215 8.03 36.61 -17.87
C PHE G 215 7.15 35.38 -18.03
N TYR G 216 6.08 35.32 -17.22
CA TYR G 216 5.14 34.20 -17.25
C TYR G 216 3.90 34.64 -18.01
N GLY G 217 3.67 34.04 -19.18
CA GLY G 217 2.55 34.39 -20.02
C GLY G 217 1.75 33.16 -20.42
N LEU G 218 1.36 33.11 -21.68
CA LEU G 218 0.54 32.04 -22.21
C LEU G 218 1.40 30.87 -22.71
N SER G 219 0.72 29.78 -23.06
CA SER G 219 1.35 28.59 -23.60
C SER G 219 0.97 28.43 -25.08
N GLU G 220 1.56 27.41 -25.71
CA GLU G 220 1.25 27.15 -27.12
C GLU G 220 -0.21 26.76 -27.33
N ASN G 221 -0.90 26.30 -26.29
CA ASN G 221 -2.32 26.01 -26.43
C ASN G 221 -3.13 27.26 -26.73
N ASP G 222 -2.80 28.37 -26.09
CA ASP G 222 -3.52 29.62 -26.34
C ASP G 222 -3.13 30.21 -27.69
N GLU G 223 -4.10 30.85 -28.33
CA GLU G 223 -3.84 31.54 -29.59
C GLU G 223 -4.88 32.63 -29.80
N TRP G 224 -4.44 33.75 -30.36
CA TRP G 224 -5.30 34.89 -30.67
C TRP G 224 -4.79 35.51 -31.97
N THR G 225 -5.69 36.14 -32.72
CA THR G 225 -5.44 36.50 -34.12
C THR G 225 -5.68 37.98 -34.39
N GLN G 226 -5.30 38.87 -33.47
CA GLN G 226 -5.53 40.29 -33.68
C GLN G 226 -4.28 41.01 -34.20
N ASP G 227 -3.15 40.92 -33.49
CA ASP G 227 -1.87 41.33 -34.05
C ASP G 227 -0.81 40.28 -33.72
N ARG G 228 0.42 40.55 -34.15
CA ARG G 228 1.48 39.53 -34.20
C ARG G 228 2.23 39.31 -32.90
N ALA G 229 2.23 40.27 -31.97
CA ALA G 229 3.03 40.13 -30.75
C ALA G 229 2.35 39.17 -29.77
N LYS G 230 2.88 37.95 -29.67
CA LYS G 230 2.30 36.92 -28.82
C LYS G 230 3.03 36.83 -27.49
N PRO G 231 2.40 37.20 -26.38
CA PRO G 231 3.04 37.19 -25.04
C PRO G 231 3.18 35.80 -24.43
N VAL G 232 4.05 34.98 -25.01
CA VAL G 232 4.32 33.65 -24.47
C VAL G 232 5.26 33.79 -23.27
N THR G 233 5.24 32.79 -22.38
CA THR G 233 6.22 32.72 -21.31
C THR G 233 7.63 32.70 -21.90
N GLN G 234 8.49 33.58 -21.41
CA GLN G 234 9.78 33.78 -22.05
C GLN G 234 10.76 34.38 -21.04
N ILE G 235 11.96 34.69 -21.52
CA ILE G 235 13.00 35.31 -20.71
C ILE G 235 13.49 36.51 -21.50
N VAL G 236 13.27 37.71 -20.96
CA VAL G 236 13.83 38.92 -21.54
C VAL G 236 15.10 39.24 -20.76
N SER G 237 16.04 39.93 -21.40
CA SER G 237 17.33 40.13 -20.76
C SER G 237 18.01 41.38 -21.29
N ALA G 238 18.95 41.88 -20.50
CA ALA G 238 19.83 42.97 -20.91
C ALA G 238 21.17 42.73 -20.23
N GLU G 239 22.23 43.34 -20.77
CA GLU G 239 23.56 43.06 -20.26
C GLU G 239 24.45 44.27 -20.41
N ALA G 240 25.60 44.20 -19.74
CA ALA G 240 26.60 45.25 -19.77
C ALA G 240 27.96 44.65 -19.41
N TRP G 241 29.01 45.39 -19.71
CA TRP G 241 30.38 44.98 -19.46
C TRP G 241 31.09 46.03 -18.61
N GLY G 242 32.19 45.61 -17.98
CA GLY G 242 32.93 46.51 -17.12
C GLY G 242 33.57 47.64 -17.89
N ARG G 243 33.63 48.80 -17.25
CA ARG G 243 34.26 50.00 -17.80
C ARG G 243 35.41 50.39 -16.89
N ALA G 244 36.61 50.48 -17.47
CA ALA G 244 37.81 50.76 -16.69
C ALA G 244 38.08 52.25 -16.48
N ASP G 245 37.32 53.12 -17.14
CA ASP G 245 37.53 54.55 -16.99
C ASP G 245 37.01 55.05 -15.65
N SER H 1 -17.56 27.71 14.06
CA SER H 1 -16.76 28.74 13.42
C SER H 1 -15.88 29.47 14.43
N ASP H 2 -14.76 28.85 14.79
CA ASP H 2 -13.78 29.47 15.67
C ASP H 2 -13.23 30.73 15.01
N LYS H 3 -12.87 31.72 15.83
CA LYS H 3 -12.46 33.02 15.31
C LYS H 3 -11.04 33.35 15.72
N VAL H 4 -10.32 34.00 14.80
CA VAL H 4 -8.95 34.45 15.01
C VAL H 4 -8.84 35.87 14.50
N THR H 5 -8.38 36.79 15.35
CA THR H 5 -8.31 38.20 15.01
C THR H 5 -6.91 38.73 15.30
N GLN H 6 -6.33 39.44 14.33
CA GLN H 6 -5.05 40.12 14.51
C GLN H 6 -5.33 41.61 14.55
N SER H 7 -5.38 42.17 15.76
CA SER H 7 -5.71 43.58 15.94
C SER H 7 -4.58 44.51 15.49
N SER H 8 -3.35 44.00 15.41
CA SER H 8 -2.22 44.84 15.07
C SER H 8 -2.33 45.34 13.64
N PRO H 9 -2.19 46.64 13.40
CA PRO H 9 -2.13 47.15 12.03
C PRO H 9 -0.74 46.95 11.45
N ASP H 10 -0.62 47.27 10.16
CA ASP H 10 0.66 47.12 9.49
C ASP H 10 1.66 48.12 10.04
N GLN H 11 2.85 47.65 10.42
CA GLN H 11 3.81 48.48 11.12
C GLN H 11 5.19 48.40 10.47
N THR H 12 5.87 49.54 10.46
CA THR H 12 7.28 49.63 10.07
C THR H 12 8.08 50.06 11.29
N VAL H 13 9.07 49.24 11.65
CA VAL H 13 9.92 49.51 12.81
C VAL H 13 11.36 49.56 12.36
N ALA H 14 12.28 49.87 13.27
CA ALA H 14 13.71 49.90 12.98
C ALA H 14 14.37 48.60 13.43
N SER H 15 15.61 48.42 13.00
CA SER H 15 16.35 47.22 13.34
C SER H 15 16.79 47.26 14.79
N GLY H 16 16.78 46.09 15.44
CA GLY H 16 17.15 45.97 16.83
C GLY H 16 16.08 46.36 17.81
N SER H 17 14.92 46.79 17.33
CA SER H 17 13.81 47.17 18.20
C SER H 17 13.13 45.91 18.72
N GLU H 18 12.02 46.07 19.44
CA GLU H 18 11.18 44.94 19.83
C GLU H 18 9.83 45.07 19.13
N VAL H 19 9.36 43.97 18.56
CA VAL H 19 8.13 43.95 17.78
C VAL H 19 7.10 43.10 18.51
N VAL H 20 5.91 43.66 18.70
CA VAL H 20 4.80 42.96 19.33
C VAL H 20 3.69 42.79 18.30
N LEU H 21 3.21 41.55 18.16
CA LEU H 21 2.14 41.21 17.24
C LEU H 21 1.00 40.63 18.06
N LEU H 22 -0.18 41.24 17.92
CA LEU H 22 -1.34 40.94 18.77
C LEU H 22 -2.26 39.97 18.04
N CYS H 23 -2.55 38.84 18.68
CA CYS H 23 -3.45 37.84 18.13
C CYS H 23 -4.38 37.35 19.23
N THR H 24 -5.68 37.35 18.93
CA THR H 24 -6.70 36.93 19.88
C THR H 24 -7.53 35.80 19.25
N TYR H 25 -7.83 34.79 20.05
CA TYR H 25 -8.51 33.60 19.58
C TYR H 25 -9.78 33.37 20.38
N ASP H 26 -10.85 32.96 19.70
CA ASP H 26 -12.08 32.51 20.33
C ASP H 26 -12.38 31.10 19.83
N THR H 27 -12.29 30.14 20.76
CA THR H 27 -12.56 28.74 20.47
C THR H 27 -13.25 28.11 21.67
N VAL H 28 -14.03 27.07 21.41
CA VAL H 28 -14.66 26.32 22.50
C VAL H 28 -13.65 25.42 23.21
N TYR H 29 -12.52 25.14 22.56
CA TYR H 29 -11.55 24.20 23.10
C TYR H 29 -10.92 24.74 24.39
N SER H 30 -10.73 23.84 25.35
CA SER H 30 -10.11 24.22 26.62
C SER H 30 -8.61 24.40 26.47
N ASN H 31 -7.96 23.58 25.65
CA ASN H 31 -6.52 23.63 25.45
C ASN H 31 -6.23 23.64 23.95
N PRO H 32 -6.49 24.78 23.29
CA PRO H 32 -6.34 24.83 21.83
C PRO H 32 -4.88 24.82 21.39
N ASP H 33 -4.68 24.36 20.16
CA ASP H 33 -3.38 24.42 19.51
C ASP H 33 -3.29 25.71 18.69
N LEU H 34 -2.36 26.58 19.05
CA LEU H 34 -2.22 27.86 18.37
C LEU H 34 -0.89 27.92 17.63
N PHE H 35 -0.88 28.66 16.52
CA PHE H 35 0.27 28.69 15.63
C PHE H 35 0.52 30.09 15.13
N TRP H 36 1.79 30.41 14.89
CA TRP H 36 2.23 31.63 14.24
C TRP H 36 3.03 31.23 13.00
N TYR H 37 2.60 31.71 11.84
CA TYR H 37 3.26 31.47 10.56
C TYR H 37 3.58 32.81 9.92
N ARG H 38 4.40 32.78 8.87
CA ARG H 38 4.71 34.00 8.15
C ARG H 38 4.84 33.70 6.66
N ILE H 39 4.55 34.71 5.85
CA ILE H 39 4.75 34.68 4.41
C ILE H 39 5.79 35.74 4.08
N ARG H 40 6.91 35.31 3.48
CA ARG H 40 7.98 36.21 3.09
C ARG H 40 7.67 36.86 1.75
N PRO H 41 8.39 37.92 1.38
CA PRO H 41 8.18 38.53 0.06
C PRO H 41 8.40 37.56 -1.09
N ASP H 42 9.27 36.57 -0.93
CA ASP H 42 9.41 35.51 -1.92
C ASP H 42 8.31 34.45 -1.83
N TYR H 43 7.27 34.72 -1.05
CA TYR H 43 6.09 33.87 -0.90
C TYR H 43 6.42 32.52 -0.25
N SER H 44 7.54 32.45 0.48
CA SER H 44 7.86 31.23 1.21
C SER H 44 6.95 31.13 2.43
N PHE H 45 6.22 30.02 2.54
CA PHE H 45 5.29 29.80 3.64
C PHE H 45 5.97 28.90 4.67
N GLN H 46 6.32 29.48 5.82
CA GLN H 46 7.10 28.78 6.82
C GLN H 46 6.45 28.90 8.19
N PHE H 47 6.67 27.86 9.00
CA PHE H 47 6.13 27.78 10.36
C PHE H 47 7.07 28.49 11.33
N VAL H 48 6.52 29.39 12.14
CA VAL H 48 7.33 30.17 13.07
C VAL H 48 7.24 29.62 14.48
N PHE H 49 6.03 29.52 15.02
CA PHE H 49 5.87 29.14 16.42
C PHE H 49 4.61 28.32 16.63
N TYR H 50 4.64 27.47 17.64
CA TYR H 50 3.50 26.69 18.09
C TYR H 50 3.34 26.88 19.59
N GLY H 51 2.10 27.07 20.03
CA GLY H 51 1.80 27.30 21.42
C GLY H 51 0.60 26.51 21.90
N ASP H 52 0.82 25.73 22.96
CA ASP H 52 -0.25 25.11 23.74
C ASP H 52 -0.49 25.95 24.98
N ASN H 53 -1.43 25.52 25.83
CA ASN H 53 -1.71 26.25 27.06
C ASN H 53 -0.52 26.19 28.02
N SER H 54 0.26 25.13 27.96
CA SER H 54 1.31 24.87 28.95
C SER H 54 2.72 24.90 28.37
N ARG H 55 2.89 24.96 27.05
CA ARG H 55 4.21 24.88 26.45
C ARG H 55 4.20 25.58 25.10
N SER H 56 5.39 25.85 24.58
CA SER H 56 5.56 26.47 23.28
C SER H 56 6.87 26.00 22.66
N GLU H 57 6.86 25.87 21.34
CA GLU H 57 8.04 25.46 20.58
C GLU H 57 8.18 26.32 19.33
N GLY H 58 9.40 26.78 19.07
CA GLY H 58 9.67 27.66 17.96
C GLY H 58 10.48 26.98 16.87
N ALA H 59 10.50 27.63 15.71
CA ALA H 59 11.23 27.11 14.57
C ALA H 59 12.74 27.18 14.81
N ASP H 60 13.48 26.39 14.03
CA ASP H 60 14.94 26.34 14.20
C ASP H 60 15.61 27.61 13.70
N PHE H 61 15.03 28.29 12.71
CA PHE H 61 15.67 29.48 12.15
C PHE H 61 15.51 30.70 13.04
N THR H 62 14.62 30.65 14.04
CA THR H 62 14.45 31.78 14.95
C THR H 62 15.70 31.98 15.82
N GLN H 63 16.24 30.90 16.36
CA GLN H 63 17.43 30.93 17.22
C GLN H 63 17.22 31.84 18.44
N GLY H 64 16.08 31.66 19.10
CA GLY H 64 15.79 32.36 20.34
C GLY H 64 15.43 33.82 20.21
N ARG H 65 15.41 34.39 19.01
CA ARG H 65 15.05 35.79 18.84
C ARG H 65 13.55 36.05 18.90
N PHE H 66 12.74 35.01 18.81
CA PHE H 66 11.28 35.12 18.88
C PHE H 66 10.78 34.40 20.11
N SER H 67 9.75 34.97 20.75
CA SER H 67 9.09 34.33 21.88
C SER H 67 7.61 34.63 21.79
N VAL H 68 6.82 33.89 22.59
CA VAL H 68 5.37 34.00 22.55
C VAL H 68 4.85 34.27 23.96
N LYS H 69 3.91 35.21 24.05
CA LYS H 69 3.21 35.54 25.29
C LYS H 69 1.79 34.98 25.15
N HIS H 70 1.55 33.83 25.75
CA HIS H 70 0.26 33.17 25.72
C HIS H 70 -0.39 33.34 27.09
N ILE H 71 -1.41 34.20 27.17
CA ILE H 71 -2.15 34.44 28.41
C ILE H 71 -3.55 33.91 28.23
N LEU H 72 -3.92 32.94 29.06
CA LEU H 72 -5.23 32.28 28.94
C LEU H 72 -6.36 33.20 29.37
N THR H 73 -6.13 34.01 30.41
CA THR H 73 -7.21 34.83 30.95
C THR H 73 -7.74 35.81 29.92
N GLN H 74 -6.86 36.43 29.15
CA GLN H 74 -7.26 37.37 28.10
C GLN H 74 -7.42 36.70 26.74
N LYS H 75 -7.29 35.38 26.67
CA LYS H 75 -7.40 34.65 25.41
C LYS H 75 -6.45 35.19 24.36
N ALA H 76 -5.22 35.51 24.79
CA ALA H 76 -4.28 36.24 23.94
C ALA H 76 -3.05 35.40 23.64
N PHE H 77 -2.60 35.47 22.39
CA PHE H 77 -1.44 34.73 21.89
C PHE H 77 -0.60 35.73 21.10
N HIS H 78 0.29 36.44 21.79
CA HIS H 78 1.08 37.50 21.18
C HIS H 78 2.47 37.00 20.82
N LEU H 79 3.03 37.59 19.77
CA LEU H 79 4.38 37.25 19.30
C LEU H 79 5.31 38.42 19.55
N VAL H 80 6.45 38.16 20.18
CA VAL H 80 7.41 39.20 20.51
C VAL H 80 8.77 38.86 19.88
N ILE H 81 9.34 39.84 19.18
CA ILE H 81 10.67 39.73 18.59
C ILE H 81 11.55 40.72 19.33
N SER H 82 12.45 40.20 20.18
CA SER H 82 13.32 41.08 20.96
C SER H 82 14.48 41.60 20.11
N PRO H 83 15.36 40.74 19.54
CA PRO H 83 16.30 41.26 18.53
C PRO H 83 15.70 41.24 17.14
N VAL H 84 15.23 42.39 16.64
CA VAL H 84 14.61 42.45 15.32
C VAL H 84 15.68 42.72 14.27
N ARG H 85 15.71 41.91 13.22
CA ARG H 85 16.64 42.07 12.11
C ARG H 85 15.85 42.35 10.83
N THR H 86 16.57 42.80 9.80
CA THR H 86 15.93 43.02 8.51
C THR H 86 15.60 41.70 7.80
N GLU H 87 16.26 40.60 8.18
CA GLU H 87 16.05 39.32 7.51
C GLU H 87 14.71 38.68 7.82
N ASP H 88 13.97 39.18 8.81
CA ASP H 88 12.68 38.59 9.20
C ASP H 88 11.49 39.40 8.72
N SER H 89 11.70 40.37 7.84
CA SER H 89 10.61 41.18 7.31
C SER H 89 9.67 40.32 6.47
N ALA H 90 8.42 40.20 6.92
CA ALA H 90 7.44 39.33 6.30
C ALA H 90 6.07 39.70 6.83
N THR H 91 5.03 39.09 6.26
CA THR H 91 3.66 39.28 6.71
C THR H 91 3.28 38.10 7.59
N TYR H 92 2.95 38.38 8.84
CA TYR H 92 2.76 37.33 9.85
C TYR H 92 1.27 37.06 10.07
N TYR H 93 0.94 35.78 10.20
CA TYR H 93 -0.42 35.32 10.42
C TYR H 93 -0.45 34.41 11.63
N CYS H 94 -1.57 34.41 12.34
CA CYS H 94 -1.77 33.48 13.46
C CYS H 94 -3.01 32.63 13.19
N ALA H 95 -2.96 31.39 13.67
CA ALA H 95 -3.96 30.40 13.31
C ALA H 95 -4.20 29.45 14.49
N THR H 96 -5.30 28.71 14.40
CA THR H 96 -5.63 27.67 15.36
C THR H 96 -6.00 26.41 14.61
N ARG H 97 -5.83 25.27 15.27
CA ARG H 97 -6.06 23.97 14.66
C ARG H 97 -7.48 23.51 14.98
N LEU H 98 -8.24 23.15 13.94
CA LEU H 98 -9.61 22.69 14.10
C LEU H 98 -9.63 21.18 14.18
N TRP H 99 -10.12 20.64 15.29
CA TRP H 99 -10.22 19.19 15.44
C TRP H 99 -11.24 18.60 14.47
N LEU H 100 -10.79 17.64 13.66
CA LEU H 100 -11.68 16.88 12.78
C LEU H 100 -11.48 15.40 13.05
N GLY H 101 -12.00 14.52 12.21
CA GLY H 101 -11.84 13.09 12.43
C GLY H 101 -10.41 12.65 12.72
N ASP H 102 -9.54 12.70 11.72
CA ASP H 102 -8.14 12.31 11.83
C ASP H 102 -7.26 13.54 12.05
N PRO H 103 -6.21 13.43 12.86
CA PRO H 103 -5.35 14.59 13.11
C PRO H 103 -4.77 15.21 11.85
N HIS H 104 -4.45 14.39 10.85
CA HIS H 104 -3.91 14.88 9.60
C HIS H 104 -4.95 15.52 8.69
N THR H 105 -6.22 15.53 9.10
CA THR H 105 -7.28 16.19 8.35
C THR H 105 -7.62 17.57 8.89
N ASP H 106 -6.89 18.06 9.89
CA ASP H 106 -7.25 19.29 10.57
C ASP H 106 -7.02 20.51 9.68
N LYS H 107 -7.80 21.57 9.94
CA LYS H 107 -7.74 22.80 9.20
C LYS H 107 -7.15 23.92 10.05
N LEU H 108 -6.50 24.87 9.38
CA LEU H 108 -5.99 26.08 10.00
C LEU H 108 -6.75 27.28 9.47
N ILE H 109 -7.18 28.16 10.37
CA ILE H 109 -7.89 29.39 10.01
C ILE H 109 -7.02 30.57 10.43
N PHE H 110 -6.76 31.48 9.50
CA PHE H 110 -5.78 32.52 9.67
C PHE H 110 -6.45 33.88 9.87
N GLY H 111 -5.70 34.81 10.47
CA GLY H 111 -6.14 36.18 10.54
C GLY H 111 -5.77 36.95 9.28
N LYS H 112 -6.41 38.11 9.09
CA LYS H 112 -6.22 38.86 7.85
C LYS H 112 -4.78 39.30 7.64
N GLY H 113 -3.99 39.39 8.71
CA GLY H 113 -2.56 39.59 8.56
C GLY H 113 -2.03 40.96 8.91
N THR H 114 -0.93 40.98 9.66
CA THR H 114 -0.19 42.20 9.96
C THR H 114 1.22 42.07 9.41
N ARG H 115 1.64 43.06 8.64
CA ARG H 115 2.93 43.02 7.94
C ARG H 115 3.93 43.92 8.65
N VAL H 116 5.15 43.41 8.79
CA VAL H 116 6.21 44.07 9.56
C VAL H 116 7.32 44.45 8.60
N THR H 117 7.68 45.73 8.58
CA THR H 117 8.75 46.24 7.74
C THR H 117 9.90 46.72 8.61
N VAL H 118 11.04 46.04 8.50
CA VAL H 118 12.20 46.32 9.35
C VAL H 118 13.16 47.20 8.55
N GLU H 119 13.15 48.50 8.84
CA GLU H 119 14.10 49.41 8.23
C GLU H 119 15.49 49.22 8.86
N PRO H 120 16.55 49.49 8.11
CA PRO H 120 17.90 49.35 8.64
C PRO H 120 18.38 50.62 9.34
N ASN H 121 19.50 50.50 10.05
CA ASN H 121 20.09 51.60 10.80
C ASN H 121 21.32 52.08 10.04
N ILE H 122 21.15 53.17 9.29
CA ILE H 122 22.25 53.75 8.51
C ILE H 122 23.13 54.56 9.45
N GLN H 123 24.35 54.08 9.68
CA GLN H 123 25.25 54.72 10.64
C GLN H 123 25.67 56.10 10.17
N ASN H 124 26.07 56.22 8.90
CA ASN H 124 26.53 57.48 8.32
C ASN H 124 25.75 57.77 7.05
N PRO H 125 24.62 58.49 7.15
CA PRO H 125 23.85 58.81 5.94
C PRO H 125 24.67 59.64 4.97
N ASP H 126 24.55 59.32 3.69
CA ASP H 126 25.27 60.01 2.62
C ASP H 126 24.32 60.26 1.45
N PRO H 127 23.29 61.07 1.65
CA PRO H 127 22.24 61.21 0.62
C PRO H 127 22.81 61.77 -0.68
N ALA H 128 22.67 60.99 -1.75
CA ALA H 128 23.22 61.39 -3.04
C ALA H 128 22.23 61.07 -4.15
N VAL H 129 22.22 61.92 -5.18
CA VAL H 129 21.35 61.77 -6.34
C VAL H 129 22.24 61.76 -7.57
N TYR H 130 22.49 60.58 -8.11
CA TYR H 130 23.30 60.41 -9.31
C TYR H 130 22.43 60.25 -10.55
N GLN H 131 23.04 60.47 -11.71
CA GLN H 131 22.41 60.24 -13.01
C GLN H 131 23.10 59.04 -13.65
N LEU H 132 22.38 57.93 -13.77
CA LEU H 132 22.96 56.74 -14.36
C LEU H 132 22.94 56.83 -15.89
N ARG H 133 24.11 56.67 -16.50
CA ARG H 133 24.24 56.80 -17.94
C ARG H 133 23.60 55.62 -18.67
N ASP H 134 22.90 55.91 -19.75
CA ASP H 134 22.17 54.90 -20.49
C ASP H 134 23.11 53.99 -21.27
N SER H 135 22.67 52.74 -21.45
CA SER H 135 23.30 51.80 -22.38
C SER H 135 23.06 52.15 -23.84
N LYS H 136 22.47 53.32 -24.10
CA LYS H 136 22.10 53.84 -25.41
C LYS H 136 20.94 53.11 -26.05
N SER H 137 20.40 52.06 -25.42
CA SER H 137 19.18 51.44 -25.92
C SER H 137 17.98 52.35 -25.72
N SER H 138 18.05 53.28 -24.78
CA SER H 138 16.99 54.25 -24.54
C SER H 138 17.63 55.61 -24.28
N ASP H 139 16.86 56.67 -24.58
CA ASP H 139 17.34 58.03 -24.40
C ASP H 139 16.88 58.64 -23.07
N LYS H 140 15.97 57.98 -22.36
CA LYS H 140 15.45 58.51 -21.12
C LYS H 140 16.53 58.56 -20.05
N SER H 141 16.43 59.55 -19.16
CA SER H 141 17.38 59.73 -18.08
C SER H 141 16.86 59.13 -16.77
N VAL H 142 17.77 58.53 -16.02
CA VAL H 142 17.48 57.84 -14.77
C VAL H 142 18.30 58.49 -13.66
N CYS H 143 17.62 58.91 -12.61
CA CYS H 143 18.23 59.49 -11.41
C CYS H 143 18.02 58.55 -10.24
N LEU H 144 19.10 58.25 -9.52
CA LEU H 144 19.08 57.35 -8.37
C LEU H 144 19.40 58.14 -7.11
N PHE H 145 18.51 58.08 -6.13
CA PHE H 145 18.71 58.68 -4.81
C PHE H 145 19.04 57.56 -3.83
N THR H 146 20.22 57.63 -3.22
CA THR H 146 20.70 56.51 -2.42
C THR H 146 21.51 57.03 -1.23
N ASP H 147 21.77 56.09 -0.32
CA ASP H 147 22.59 56.31 0.88
C ASP H 147 21.97 57.34 1.81
N PHE H 148 20.65 57.40 1.87
CA PHE H 148 19.94 58.28 2.78
C PHE H 148 19.47 57.50 4.00
N ASP H 149 19.11 58.26 5.05
CA ASP H 149 18.64 57.65 6.28
C ASP H 149 17.20 57.19 6.14
N SER H 150 16.84 56.16 6.91
CA SER H 150 15.51 55.58 6.83
C SER H 150 14.42 56.56 7.24
N GLN H 151 14.77 57.61 7.99
CA GLN H 151 13.76 58.58 8.43
C GLN H 151 13.17 59.34 7.25
N THR H 152 13.99 59.64 6.24
CA THR H 152 13.48 60.29 5.05
C THR H 152 12.55 59.34 4.30
N ASN H 153 11.36 59.83 3.96
CA ASN H 153 10.34 59.04 3.30
C ASN H 153 10.15 59.54 1.87
N VAL H 154 10.10 58.62 0.92
CA VAL H 154 9.99 58.99 -0.49
C VAL H 154 8.54 59.29 -0.83
N SER H 155 8.30 60.46 -1.40
CA SER H 155 6.99 60.85 -1.89
C SER H 155 6.90 60.60 -3.39
N GLN H 156 5.68 60.31 -3.86
CA GLN H 156 5.48 59.97 -5.25
C GLN H 156 5.70 61.22 -6.13
N SER H 157 5.60 61.01 -7.44
CA SER H 157 5.89 62.07 -8.39
C SER H 157 4.86 63.19 -8.31
N LYS H 158 5.31 64.40 -8.62
CA LYS H 158 4.41 65.55 -8.65
C LYS H 158 3.32 65.37 -9.69
N ASP H 159 3.68 64.82 -10.85
CA ASP H 159 2.74 64.57 -11.93
C ASP H 159 2.95 63.16 -12.46
N SER H 160 1.98 62.68 -13.24
CA SER H 160 2.08 61.36 -13.85
C SER H 160 3.12 61.31 -14.96
N ASP H 161 3.65 62.46 -15.37
CA ASP H 161 4.67 62.48 -16.41
C ASP H 161 5.96 61.80 -15.97
N VAL H 162 6.22 61.75 -14.66
CA VAL H 162 7.44 61.19 -14.12
C VAL H 162 7.09 60.01 -13.23
N TYR H 163 7.97 59.01 -13.21
CA TYR H 163 7.77 57.79 -12.41
C TYR H 163 8.86 57.72 -11.34
N ILE H 164 8.44 57.56 -10.09
CA ILE H 164 9.33 57.50 -8.94
C ILE H 164 9.05 56.21 -8.18
N THR H 165 10.10 55.42 -7.95
CA THR H 165 9.96 54.20 -7.17
C THR H 165 9.95 54.52 -5.69
N ASP H 166 10.01 53.48 -4.85
CA ASP H 166 9.97 53.62 -3.41
C ASP H 166 11.26 53.09 -2.80
N LYS H 167 11.32 53.11 -1.46
CA LYS H 167 12.52 52.71 -0.73
C LYS H 167 12.84 51.24 -1.00
N CYS H 168 14.13 50.94 -1.15
CA CYS H 168 14.54 49.56 -1.37
C CYS H 168 15.85 49.36 -0.62
N VAL H 169 16.03 48.17 -0.03
CA VAL H 169 17.14 47.89 0.89
C VAL H 169 18.06 46.84 0.28
N LEU H 170 19.33 47.21 0.10
CA LEU H 170 20.33 46.32 -0.50
C LEU H 170 21.40 45.99 0.54
N ASP H 171 21.62 44.70 0.77
CA ASP H 171 22.57 44.23 1.78
C ASP H 171 23.74 43.52 1.11
N MET H 172 24.94 44.06 1.31
CA MET H 172 26.19 43.43 0.88
C MET H 172 26.77 42.64 2.05
N ARG H 173 26.69 41.31 1.96
CA ARG H 173 27.28 40.47 3.00
C ARG H 173 28.81 40.60 3.01
N SER H 174 29.41 40.74 1.83
CA SER H 174 30.87 40.86 1.76
C SER H 174 31.36 42.07 2.53
N MET H 175 30.70 43.21 2.36
CA MET H 175 31.03 44.42 3.10
C MET H 175 30.18 44.61 4.35
N ASP H 176 29.19 43.74 4.58
CA ASP H 176 28.30 43.87 5.73
C ASP H 176 27.59 45.21 5.73
N PHE H 177 27.37 45.78 4.54
CA PHE H 177 26.87 47.14 4.39
C PHE H 177 25.48 47.12 3.78
N LYS H 178 24.56 47.86 4.40
CA LYS H 178 23.20 47.95 3.92
C LYS H 178 22.90 49.38 3.48
N SER H 179 22.17 49.52 2.38
CA SER H 179 21.91 50.83 1.81
C SER H 179 20.45 50.91 1.38
N ASN H 180 19.99 52.15 1.24
CA ASN H 180 18.65 52.45 0.77
C ASN H 180 18.73 53.06 -0.62
N SER H 181 17.68 52.85 -1.41
CA SER H 181 17.70 53.31 -2.79
C SER H 181 16.29 53.64 -3.28
N ALA H 182 16.22 54.60 -4.19
CA ALA H 182 14.97 54.98 -4.84
C ALA H 182 15.31 55.50 -6.23
N VAL H 183 14.57 55.04 -7.23
CA VAL H 183 14.85 55.37 -8.62
C VAL H 183 13.75 56.27 -9.17
N ALA H 184 14.13 57.13 -10.13
CA ALA H 184 13.16 57.94 -10.84
C ALA H 184 13.66 58.14 -12.26
N TRP H 185 12.83 57.85 -13.25
CA TRP H 185 13.25 57.90 -14.63
C TRP H 185 12.21 58.63 -15.47
N SER H 186 12.68 59.28 -16.53
CA SER H 186 11.74 59.94 -17.44
C SER H 186 12.45 60.25 -18.75
N ASN H 187 11.64 60.48 -19.79
CA ASN H 187 12.13 60.86 -21.11
C ASN H 187 11.79 62.30 -21.45
N LYS H 188 11.31 63.07 -20.47
CA LYS H 188 10.92 64.45 -20.73
C LYS H 188 12.15 65.31 -21.01
N SER H 189 11.93 66.36 -21.81
CA SER H 189 13.03 67.26 -22.17
C SER H 189 13.46 68.16 -21.01
N ASP H 190 12.59 68.37 -20.02
CA ASP H 190 12.90 69.18 -18.86
C ASP H 190 13.18 68.33 -17.63
N PHE H 191 13.83 67.18 -17.80
CA PHE H 191 14.09 66.25 -16.72
C PHE H 191 15.52 66.47 -16.20
N ALA H 192 15.63 66.82 -14.93
CA ALA H 192 16.91 67.01 -14.27
C ALA H 192 16.90 66.31 -12.92
N CYS H 193 18.03 65.70 -12.56
CA CYS H 193 18.13 65.03 -11.26
C CYS H 193 17.98 66.01 -10.11
N ALA H 194 18.35 67.28 -10.32
CA ALA H 194 18.20 68.27 -9.26
C ALA H 194 16.73 68.49 -8.91
N ASN H 195 15.86 68.52 -9.92
CA ASN H 195 14.43 68.72 -9.72
C ASN H 195 13.66 67.41 -9.70
N ALA H 196 14.34 66.27 -9.71
CA ALA H 196 13.65 64.98 -9.78
C ALA H 196 12.83 64.72 -8.53
N PHE H 197 13.42 64.90 -7.35
CA PHE H 197 12.77 64.58 -6.09
C PHE H 197 12.27 65.83 -5.35
N ASN H 198 11.82 66.84 -6.09
CA ASN H 198 11.32 68.06 -5.46
C ASN H 198 10.05 67.82 -4.66
N ASN H 199 9.32 66.74 -4.94
CA ASN H 199 8.08 66.44 -4.24
C ASN H 199 8.30 65.66 -2.95
N SER H 200 9.54 65.31 -2.63
CA SER H 200 9.86 64.53 -1.45
C SER H 200 10.71 65.34 -0.49
N ILE H 201 10.60 65.02 0.80
CA ILE H 201 11.40 65.69 1.83
C ILE H 201 12.85 65.24 1.69
N ILE H 202 13.70 66.15 1.23
CA ILE H 202 15.09 65.81 0.93
C ILE H 202 15.99 66.32 2.06
N PRO H 203 16.99 65.54 2.48
CA PRO H 203 17.95 66.05 3.47
C PRO H 203 18.66 67.29 2.95
N GLU H 204 18.93 68.21 3.88
CA GLU H 204 19.59 69.46 3.51
C GLU H 204 21.03 69.24 3.06
N ASP H 205 21.61 68.08 3.34
CA ASP H 205 22.99 67.76 3.00
C ASP H 205 23.07 66.71 1.89
N THR H 206 22.18 66.82 0.90
CA THR H 206 22.10 65.85 -0.18
C THR H 206 23.05 66.22 -1.30
N PHE H 207 23.90 65.27 -1.70
CA PHE H 207 24.87 65.51 -2.75
C PHE H 207 24.18 65.66 -4.10
N PHE H 208 24.52 66.73 -4.82
CA PHE H 208 24.01 66.98 -6.17
C PHE H 208 25.21 67.19 -7.09
N PRO H 209 25.91 66.11 -7.45
CA PRO H 209 27.12 66.27 -8.27
C PRO H 209 26.83 66.85 -9.63
N SER H 210 27.72 67.73 -10.09
CA SER H 210 27.64 68.29 -11.43
C SER H 210 28.25 67.32 -12.43
N PRO H 211 27.63 67.16 -13.61
CA PRO H 211 28.18 66.26 -14.65
C PRO H 211 29.58 66.67 -15.09
#